data_2B1K
# 
_entry.id   2B1K 
# 
_audit_conform.dict_name       mmcif_pdbx.dic 
_audit_conform.dict_version    5.397 
_audit_conform.dict_location   http://mmcif.pdb.org/dictionaries/ascii/mmcif_pdbx.dic 
# 
loop_
_database_2.database_id 
_database_2.database_code 
_database_2.pdbx_database_accession 
_database_2.pdbx_DOI 
PDB   2B1K         pdb_00002b1k 10.2210/pdb2b1k/pdb 
RCSB  RCSB034560   ?            ?                   
WWPDB D_1000034560 ?            ?                   
# 
loop_
_pdbx_audit_revision_history.ordinal 
_pdbx_audit_revision_history.data_content_type 
_pdbx_audit_revision_history.major_revision 
_pdbx_audit_revision_history.minor_revision 
_pdbx_audit_revision_history.revision_date 
1 'Structure model' 1 0 2006-09-05 
2 'Structure model' 1 1 2008-05-01 
3 'Structure model' 1 2 2011-07-13 
4 'Structure model' 1 3 2023-10-25 
5 'Structure model' 1 4 2024-10-23 
# 
_pdbx_audit_revision_details.ordinal             1 
_pdbx_audit_revision_details.revision_ordinal    1 
_pdbx_audit_revision_details.data_content_type   'Structure model' 
_pdbx_audit_revision_details.provider            repository 
_pdbx_audit_revision_details.type                'Initial release' 
_pdbx_audit_revision_details.description         ? 
_pdbx_audit_revision_details.details             ? 
# 
loop_
_pdbx_audit_revision_group.ordinal 
_pdbx_audit_revision_group.revision_ordinal 
_pdbx_audit_revision_group.data_content_type 
_pdbx_audit_revision_group.group 
1 2 'Structure model' 'Version format compliance' 
2 3 'Structure model' 'Version format compliance' 
3 4 'Structure model' 'Data collection'           
4 4 'Structure model' 'Database references'       
5 4 'Structure model' 'Refinement description'    
6 5 'Structure model' 'Structure summary'         
# 
loop_
_pdbx_audit_revision_category.ordinal 
_pdbx_audit_revision_category.revision_ordinal 
_pdbx_audit_revision_category.data_content_type 
_pdbx_audit_revision_category.category 
1 4 'Structure model' chem_comp_atom                
2 4 'Structure model' chem_comp_bond                
3 4 'Structure model' database_2                    
4 4 'Structure model' pdbx_initial_refinement_model 
5 4 'Structure model' struct_ref_seq_dif            
6 5 'Structure model' pdbx_entry_details            
7 5 'Structure model' pdbx_modification_feature     
# 
loop_
_pdbx_audit_revision_item.ordinal 
_pdbx_audit_revision_item.revision_ordinal 
_pdbx_audit_revision_item.data_content_type 
_pdbx_audit_revision_item.item 
1 4 'Structure model' '_database_2.pdbx_DOI'                
2 4 'Structure model' '_database_2.pdbx_database_accession' 
3 4 'Structure model' '_struct_ref_seq_dif.details'         
# 
_pdbx_database_status.status_code                     REL 
_pdbx_database_status.entry_id                        2B1K 
_pdbx_database_status.recvd_initial_deposition_date   2005-09-15 
_pdbx_database_status.deposit_site                    RCSB 
_pdbx_database_status.process_site                    PDBJ 
_pdbx_database_status.status_code_sf                  REL 
_pdbx_database_status.status_code_mr                  ? 
_pdbx_database_status.SG_entry                        ? 
_pdbx_database_status.pdb_format_compatible           Y 
_pdbx_database_status.status_code_cs                  ? 
_pdbx_database_status.status_code_nmr_data            ? 
_pdbx_database_status.methods_development_category    ? 
# 
loop_
_audit_author.name 
_audit_author.pdbx_ordinal 
'Ouyang, N.' 1 
'Gao, Y.G.'  2 
'Hu, H.Y.'   3 
'Xia, Z.X.'  4 
# 
_citation.id                        primary 
_citation.title                     
'Crystal structures of E. coli CcmG and its mutants reveal key roles of the N-terminal beta-sheet and the fingerprint region' 
_citation.journal_abbrev            Proteins 
_citation.journal_volume            65 
_citation.page_first                1021 
_citation.page_last                 1031 
_citation.year                      2006 
_citation.journal_id_ASTM           PSFGEY 
_citation.country                   US 
_citation.journal_id_ISSN           0887-3585 
_citation.journal_id_CSD            0867 
_citation.book_publisher            ? 
_citation.pdbx_database_id_PubMed   17019698 
_citation.pdbx_database_id_DOI      10.1002/prot.21184 
# 
loop_
_citation_author.citation_id 
_citation_author.name 
_citation_author.ordinal 
_citation_author.identifier_ORCID 
primary 'Ouyang, N.' 1 ? 
primary 'Gao, Y.G.'  2 ? 
primary 'Hu, H.Y.'   3 ? 
primary 'Xia, Z.X.'  4 ? 
# 
loop_
_entity.id 
_entity.type 
_entity.src_method 
_entity.pdbx_description 
_entity.formula_weight 
_entity.pdbx_number_of_molecules 
_entity.pdbx_ec 
_entity.pdbx_mutation 
_entity.pdbx_fragment 
_entity.details 
1 polymer man 'Thiol:disulfide interchange protein dsbE' 18953.455 1  ? ? 'residues 18-185' ? 
2 water   nat water                                      18.015    63 ? ? ?                 ? 
# 
_entity_name_com.entity_id   1 
_entity_name_com.name        'CcmG Protein, Cytochrome c biogenesis protein ccmG' 
# 
_entity_poly.entity_id                      1 
_entity_poly.type                           'polypeptide(L)' 
_entity_poly.nstd_linkage                   no 
_entity_poly.nstd_monomer                   no 
_entity_poly.pdbx_seq_one_letter_code       
;MALLWQLARNAEGDDPTNLESALIGKPVPKFRLESLDNPGQFYQADVLTQGKPVLLNVWATWCPTCRAEHQYLNQLSAQG
IRVVGMNYKDDRQKAISWLKELGNPYALSLFDGDGMLGLDLGVYGAPETFLIDGNGIIRYRHAGDLNPRVWEEEIKPLWE
KYSKEAAQ
;
_entity_poly.pdbx_seq_one_letter_code_can   
;MALLWQLARNAEGDDPTNLESALIGKPVPKFRLESLDNPGQFYQADVLTQGKPVLLNVWATWCPTCRAEHQYLNQLSAQG
IRVVGMNYKDDRQKAISWLKELGNPYALSLFDGDGMLGLDLGVYGAPETFLIDGNGIIRYRHAGDLNPRVWEEEIKPLWE
KYSKEAAQ
;
_entity_poly.pdbx_strand_id                 A 
_entity_poly.pdbx_target_identifier         ? 
# 
_pdbx_entity_nonpoly.entity_id   2 
_pdbx_entity_nonpoly.name        water 
_pdbx_entity_nonpoly.comp_id     HOH 
# 
loop_
_entity_poly_seq.entity_id 
_entity_poly_seq.num 
_entity_poly_seq.mon_id 
_entity_poly_seq.hetero 
1 1   MET n 
1 2   ALA n 
1 3   LEU n 
1 4   LEU n 
1 5   TRP n 
1 6   GLN n 
1 7   LEU n 
1 8   ALA n 
1 9   ARG n 
1 10  ASN n 
1 11  ALA n 
1 12  GLU n 
1 13  GLY n 
1 14  ASP n 
1 15  ASP n 
1 16  PRO n 
1 17  THR n 
1 18  ASN n 
1 19  LEU n 
1 20  GLU n 
1 21  SER n 
1 22  ALA n 
1 23  LEU n 
1 24  ILE n 
1 25  GLY n 
1 26  LYS n 
1 27  PRO n 
1 28  VAL n 
1 29  PRO n 
1 30  LYS n 
1 31  PHE n 
1 32  ARG n 
1 33  LEU n 
1 34  GLU n 
1 35  SER n 
1 36  LEU n 
1 37  ASP n 
1 38  ASN n 
1 39  PRO n 
1 40  GLY n 
1 41  GLN n 
1 42  PHE n 
1 43  TYR n 
1 44  GLN n 
1 45  ALA n 
1 46  ASP n 
1 47  VAL n 
1 48  LEU n 
1 49  THR n 
1 50  GLN n 
1 51  GLY n 
1 52  LYS n 
1 53  PRO n 
1 54  VAL n 
1 55  LEU n 
1 56  LEU n 
1 57  ASN n 
1 58  VAL n 
1 59  TRP n 
1 60  ALA n 
1 61  THR n 
1 62  TRP n 
1 63  CYS n 
1 64  PRO n 
1 65  THR n 
1 66  CYS n 
1 67  ARG n 
1 68  ALA n 
1 69  GLU n 
1 70  HIS n 
1 71  GLN n 
1 72  TYR n 
1 73  LEU n 
1 74  ASN n 
1 75  GLN n 
1 76  LEU n 
1 77  SER n 
1 78  ALA n 
1 79  GLN n 
1 80  GLY n 
1 81  ILE n 
1 82  ARG n 
1 83  VAL n 
1 84  VAL n 
1 85  GLY n 
1 86  MET n 
1 87  ASN n 
1 88  TYR n 
1 89  LYS n 
1 90  ASP n 
1 91  ASP n 
1 92  ARG n 
1 93  GLN n 
1 94  LYS n 
1 95  ALA n 
1 96  ILE n 
1 97  SER n 
1 98  TRP n 
1 99  LEU n 
1 100 LYS n 
1 101 GLU n 
1 102 LEU n 
1 103 GLY n 
1 104 ASN n 
1 105 PRO n 
1 106 TYR n 
1 107 ALA n 
1 108 LEU n 
1 109 SER n 
1 110 LEU n 
1 111 PHE n 
1 112 ASP n 
1 113 GLY n 
1 114 ASP n 
1 115 GLY n 
1 116 MET n 
1 117 LEU n 
1 118 GLY n 
1 119 LEU n 
1 120 ASP n 
1 121 LEU n 
1 122 GLY n 
1 123 VAL n 
1 124 TYR n 
1 125 GLY n 
1 126 ALA n 
1 127 PRO n 
1 128 GLU n 
1 129 THR n 
1 130 PHE n 
1 131 LEU n 
1 132 ILE n 
1 133 ASP n 
1 134 GLY n 
1 135 ASN n 
1 136 GLY n 
1 137 ILE n 
1 138 ILE n 
1 139 ARG n 
1 140 TYR n 
1 141 ARG n 
1 142 HIS n 
1 143 ALA n 
1 144 GLY n 
1 145 ASP n 
1 146 LEU n 
1 147 ASN n 
1 148 PRO n 
1 149 ARG n 
1 150 VAL n 
1 151 TRP n 
1 152 GLU n 
1 153 GLU n 
1 154 GLU n 
1 155 ILE n 
1 156 LYS n 
1 157 PRO n 
1 158 LEU n 
1 159 TRP n 
1 160 GLU n 
1 161 LYS n 
1 162 TYR n 
1 163 SER n 
1 164 LYS n 
1 165 GLU n 
1 166 ALA n 
1 167 ALA n 
1 168 GLN n 
# 
_entity_src_gen.entity_id                          1 
_entity_src_gen.pdbx_src_id                        1 
_entity_src_gen.pdbx_alt_source_flag               sample 
_entity_src_gen.pdbx_seq_type                      ? 
_entity_src_gen.pdbx_beg_seq_num                   ? 
_entity_src_gen.pdbx_end_seq_num                   ? 
_entity_src_gen.gene_src_common_name               ? 
_entity_src_gen.gene_src_genus                     Escherichia 
_entity_src_gen.pdbx_gene_src_gene                 ccmg 
_entity_src_gen.gene_src_species                   ? 
_entity_src_gen.gene_src_strain                    ? 
_entity_src_gen.gene_src_tissue                    ? 
_entity_src_gen.gene_src_tissue_fraction           ? 
_entity_src_gen.gene_src_details                   ? 
_entity_src_gen.pdbx_gene_src_fragment             ? 
_entity_src_gen.pdbx_gene_src_scientific_name      'Escherichia coli' 
_entity_src_gen.pdbx_gene_src_ncbi_taxonomy_id     562 
_entity_src_gen.pdbx_gene_src_variant              ? 
_entity_src_gen.pdbx_gene_src_cell_line            ? 
_entity_src_gen.pdbx_gene_src_atcc                 ? 
_entity_src_gen.pdbx_gene_src_organ                ? 
_entity_src_gen.pdbx_gene_src_organelle            ? 
_entity_src_gen.pdbx_gene_src_cell                 ? 
_entity_src_gen.pdbx_gene_src_cellular_location    ? 
_entity_src_gen.host_org_common_name               ? 
_entity_src_gen.pdbx_host_org_scientific_name      'Escherichia coli' 
_entity_src_gen.pdbx_host_org_ncbi_taxonomy_id     562 
_entity_src_gen.host_org_genus                     Escherichia 
_entity_src_gen.pdbx_host_org_gene                 ? 
_entity_src_gen.pdbx_host_org_organ                ? 
_entity_src_gen.host_org_species                   ? 
_entity_src_gen.pdbx_host_org_tissue               ? 
_entity_src_gen.pdbx_host_org_tissue_fraction      ? 
_entity_src_gen.pdbx_host_org_strain               ? 
_entity_src_gen.pdbx_host_org_variant              ? 
_entity_src_gen.pdbx_host_org_cell_line            ? 
_entity_src_gen.pdbx_host_org_atcc                 ? 
_entity_src_gen.pdbx_host_org_culture_collection   ? 
_entity_src_gen.pdbx_host_org_cell                 ? 
_entity_src_gen.pdbx_host_org_organelle            ? 
_entity_src_gen.pdbx_host_org_cellular_location    ? 
_entity_src_gen.pdbx_host_org_vector_type          PLASMID 
_entity_src_gen.pdbx_host_org_vector               ? 
_entity_src_gen.host_org_details                   ? 
_entity_src_gen.expression_system_id               ? 
_entity_src_gen.plasmid_name                       pET3a 
_entity_src_gen.plasmid_details                    ? 
_entity_src_gen.pdbx_description                   ? 
# 
loop_
_chem_comp.id 
_chem_comp.type 
_chem_comp.mon_nstd_flag 
_chem_comp.name 
_chem_comp.pdbx_synonyms 
_chem_comp.formula 
_chem_comp.formula_weight 
ALA 'L-peptide linking' y ALANINE         ? 'C3 H7 N O2'     89.093  
ARG 'L-peptide linking' y ARGININE        ? 'C6 H15 N4 O2 1' 175.209 
ASN 'L-peptide linking' y ASPARAGINE      ? 'C4 H8 N2 O3'    132.118 
ASP 'L-peptide linking' y 'ASPARTIC ACID' ? 'C4 H7 N O4'     133.103 
CYS 'L-peptide linking' y CYSTEINE        ? 'C3 H7 N O2 S'   121.158 
GLN 'L-peptide linking' y GLUTAMINE       ? 'C5 H10 N2 O3'   146.144 
GLU 'L-peptide linking' y 'GLUTAMIC ACID' ? 'C5 H9 N O4'     147.129 
GLY 'peptide linking'   y GLYCINE         ? 'C2 H5 N O2'     75.067  
HIS 'L-peptide linking' y HISTIDINE       ? 'C6 H10 N3 O2 1' 156.162 
HOH non-polymer         . WATER           ? 'H2 O'           18.015  
ILE 'L-peptide linking' y ISOLEUCINE      ? 'C6 H13 N O2'    131.173 
LEU 'L-peptide linking' y LEUCINE         ? 'C6 H13 N O2'    131.173 
LYS 'L-peptide linking' y LYSINE          ? 'C6 H15 N2 O2 1' 147.195 
MET 'L-peptide linking' y METHIONINE      ? 'C5 H11 N O2 S'  149.211 
PHE 'L-peptide linking' y PHENYLALANINE   ? 'C9 H11 N O2'    165.189 
PRO 'L-peptide linking' y PROLINE         ? 'C5 H9 N O2'     115.130 
SER 'L-peptide linking' y SERINE          ? 'C3 H7 N O3'     105.093 
THR 'L-peptide linking' y THREONINE       ? 'C4 H9 N O3'     119.119 
TRP 'L-peptide linking' y TRYPTOPHAN      ? 'C11 H12 N2 O2'  204.225 
TYR 'L-peptide linking' y TYROSINE        ? 'C9 H11 N O3'    181.189 
VAL 'L-peptide linking' y VALINE          ? 'C5 H11 N O2'    117.146 
# 
loop_
_pdbx_poly_seq_scheme.asym_id 
_pdbx_poly_seq_scheme.entity_id 
_pdbx_poly_seq_scheme.seq_id 
_pdbx_poly_seq_scheme.mon_id 
_pdbx_poly_seq_scheme.ndb_seq_num 
_pdbx_poly_seq_scheme.pdb_seq_num 
_pdbx_poly_seq_scheme.auth_seq_num 
_pdbx_poly_seq_scheme.pdb_mon_id 
_pdbx_poly_seq_scheme.auth_mon_id 
_pdbx_poly_seq_scheme.pdb_strand_id 
_pdbx_poly_seq_scheme.pdb_ins_code 
_pdbx_poly_seq_scheme.hetero 
A 1 1   MET 1   18  ?   ?   ?   A . n 
A 1 2   ALA 2   19  ?   ?   ?   A . n 
A 1 3   LEU 3   20  ?   ?   ?   A . n 
A 1 4   LEU 4   21  ?   ?   ?   A . n 
A 1 5   TRP 5   22  ?   ?   ?   A . n 
A 1 6   GLN 6   23  ?   ?   ?   A . n 
A 1 7   LEU 7   24  ?   ?   ?   A . n 
A 1 8   ALA 8   25  ?   ?   ?   A . n 
A 1 9   ARG 9   26  ?   ?   ?   A . n 
A 1 10  ASN 10  27  ?   ?   ?   A . n 
A 1 11  ALA 11  28  ?   ?   ?   A . n 
A 1 12  GLU 12  29  ?   ?   ?   A . n 
A 1 13  GLY 13  30  ?   ?   ?   A . n 
A 1 14  ASP 14  31  ?   ?   ?   A . n 
A 1 15  ASP 15  32  ?   ?   ?   A . n 
A 1 16  PRO 16  33  ?   ?   ?   A . n 
A 1 17  THR 17  34  ?   ?   ?   A . n 
A 1 18  ASN 18  35  ?   ?   ?   A . n 
A 1 19  LEU 19  36  36  LEU LEU A . n 
A 1 20  GLU 20  37  37  GLU GLU A . n 
A 1 21  SER 21  38  38  SER SER A . n 
A 1 22  ALA 22  39  39  ALA ALA A . n 
A 1 23  LEU 23  40  40  LEU LEU A . n 
A 1 24  ILE 24  41  41  ILE ILE A . n 
A 1 25  GLY 25  42  42  GLY GLY A . n 
A 1 26  LYS 26  43  43  LYS LYS A . n 
A 1 27  PRO 27  44  44  PRO PRO A . n 
A 1 28  VAL 28  45  45  VAL VAL A . n 
A 1 29  PRO 29  46  46  PRO PRO A . n 
A 1 30  LYS 30  47  47  LYS LYS A . n 
A 1 31  PHE 31  48  48  PHE PHE A . n 
A 1 32  ARG 32  49  49  ARG ARG A . n 
A 1 33  LEU 33  50  50  LEU LEU A . n 
A 1 34  GLU 34  51  51  GLU GLU A . n 
A 1 35  SER 35  52  52  SER SER A . n 
A 1 36  LEU 36  53  53  LEU LEU A . n 
A 1 37  ASP 37  54  54  ASP ASP A . n 
A 1 38  ASN 38  55  55  ASN ASN A . n 
A 1 39  PRO 39  56  56  PRO PRO A . n 
A 1 40  GLY 40  57  57  GLY GLY A . n 
A 1 41  GLN 41  58  58  GLN GLN A . n 
A 1 42  PHE 42  59  59  PHE PHE A . n 
A 1 43  TYR 43  60  60  TYR TYR A . n 
A 1 44  GLN 44  61  61  GLN GLN A . n 
A 1 45  ALA 45  62  62  ALA ALA A . n 
A 1 46  ASP 46  63  63  ASP ASP A . n 
A 1 47  VAL 47  64  64  VAL VAL A . n 
A 1 48  LEU 48  65  65  LEU LEU A . n 
A 1 49  THR 49  66  66  THR THR A . n 
A 1 50  GLN 50  67  67  GLN GLN A . n 
A 1 51  GLY 51  68  68  GLY GLY A . n 
A 1 52  LYS 52  69  69  LYS LYS A . n 
A 1 53  PRO 53  70  70  PRO PRO A . n 
A 1 54  VAL 54  71  71  VAL VAL A . n 
A 1 55  LEU 55  72  72  LEU LEU A . n 
A 1 56  LEU 56  73  73  LEU LEU A . n 
A 1 57  ASN 57  74  74  ASN ASN A . n 
A 1 58  VAL 58  75  75  VAL VAL A . n 
A 1 59  TRP 59  76  76  TRP TRP A . n 
A 1 60  ALA 60  77  77  ALA ALA A . n 
A 1 61  THR 61  78  78  THR THR A . n 
A 1 62  TRP 62  79  79  TRP TRP A . n 
A 1 63  CYS 63  80  80  CYS CYS A . n 
A 1 64  PRO 64  81  81  PRO PRO A . n 
A 1 65  THR 65  82  82  THR THR A . n 
A 1 66  CYS 66  83  83  CYS CYS A . n 
A 1 67  ARG 67  84  84  ARG ARG A . n 
A 1 68  ALA 68  85  85  ALA ALA A . n 
A 1 69  GLU 69  86  86  GLU GLU A . n 
A 1 70  HIS 70  87  87  HIS HIS A . n 
A 1 71  GLN 71  88  88  GLN GLN A . n 
A 1 72  TYR 72  89  89  TYR TYR A . n 
A 1 73  LEU 73  90  90  LEU LEU A . n 
A 1 74  ASN 74  91  91  ASN ASN A . n 
A 1 75  GLN 75  92  92  GLN GLN A . n 
A 1 76  LEU 76  93  93  LEU LEU A . n 
A 1 77  SER 77  94  94  SER SER A . n 
A 1 78  ALA 78  95  95  ALA ALA A . n 
A 1 79  GLN 79  96  96  GLN GLN A . n 
A 1 80  GLY 80  97  97  GLY GLY A . n 
A 1 81  ILE 81  98  98  ILE ILE A . n 
A 1 82  ARG 82  99  99  ARG ARG A . n 
A 1 83  VAL 83  100 100 VAL VAL A . n 
A 1 84  VAL 84  101 101 VAL VAL A . n 
A 1 85  GLY 85  102 102 GLY GLY A . n 
A 1 86  MET 86  103 103 MET MET A . n 
A 1 87  ASN 87  104 104 ASN ASN A . n 
A 1 88  TYR 88  105 105 TYR TYR A . n 
A 1 89  LYS 89  106 106 LYS LYS A . n 
A 1 90  ASP 90  107 107 ASP ASP A . n 
A 1 91  ASP 91  108 108 ASP ASP A . n 
A 1 92  ARG 92  109 109 ARG ARG A . n 
A 1 93  GLN 93  110 110 GLN GLN A . n 
A 1 94  LYS 94  111 111 LYS LYS A . n 
A 1 95  ALA 95  112 112 ALA ALA A . n 
A 1 96  ILE 96  113 113 ILE ILE A . n 
A 1 97  SER 97  114 114 SER SER A . n 
A 1 98  TRP 98  115 115 TRP TRP A . n 
A 1 99  LEU 99  116 116 LEU LEU A . n 
A 1 100 LYS 100 117 117 LYS LYS A . n 
A 1 101 GLU 101 118 118 GLU GLU A . n 
A 1 102 LEU 102 119 119 LEU LEU A . n 
A 1 103 GLY 103 120 120 GLY GLY A . n 
A 1 104 ASN 104 121 121 ASN ASN A . n 
A 1 105 PRO 105 122 122 PRO PRO A . n 
A 1 106 TYR 106 123 123 TYR TYR A . n 
A 1 107 ALA 107 124 124 ALA ALA A . n 
A 1 108 LEU 108 125 125 LEU LEU A . n 
A 1 109 SER 109 126 126 SER SER A . n 
A 1 110 LEU 110 127 127 LEU LEU A . n 
A 1 111 PHE 111 128 128 PHE PHE A . n 
A 1 112 ASP 112 129 129 ASP ASP A . n 
A 1 113 GLY 113 130 130 GLY GLY A . n 
A 1 114 ASP 114 131 131 ASP ASP A . n 
A 1 115 GLY 115 132 132 GLY GLY A . n 
A 1 116 MET 116 133 133 MET MET A . n 
A 1 117 LEU 117 134 134 LEU LEU A . n 
A 1 118 GLY 118 135 135 GLY GLY A . n 
A 1 119 LEU 119 136 136 LEU LEU A . n 
A 1 120 ASP 120 137 137 ASP ASP A . n 
A 1 121 LEU 121 138 138 LEU LEU A . n 
A 1 122 GLY 122 139 139 GLY GLY A . n 
A 1 123 VAL 123 140 140 VAL VAL A . n 
A 1 124 TYR 124 141 141 TYR TYR A . n 
A 1 125 GLY 125 142 142 GLY GLY A . n 
A 1 126 ALA 126 143 143 ALA ALA A . n 
A 1 127 PRO 127 144 144 PRO PRO A . n 
A 1 128 GLU 128 145 145 GLU GLU A . n 
A 1 129 THR 129 146 146 THR THR A . n 
A 1 130 PHE 130 147 147 PHE PHE A . n 
A 1 131 LEU 131 148 148 LEU LEU A . n 
A 1 132 ILE 132 149 149 ILE ILE A . n 
A 1 133 ASP 133 150 150 ASP ASP A . n 
A 1 134 GLY 134 151 151 GLY GLY A . n 
A 1 135 ASN 135 152 152 ASN ASN A . n 
A 1 136 GLY 136 153 153 GLY GLY A . n 
A 1 137 ILE 137 154 154 ILE ILE A . n 
A 1 138 ILE 138 155 155 ILE ILE A . n 
A 1 139 ARG 139 156 156 ARG ARG A . n 
A 1 140 TYR 140 157 157 TYR TYR A . n 
A 1 141 ARG 141 158 158 ARG ARG A . n 
A 1 142 HIS 142 159 159 HIS HIS A . n 
A 1 143 ALA 143 160 160 ALA ALA A . n 
A 1 144 GLY 144 161 161 GLY GLY A . n 
A 1 145 ASP 145 162 162 ASP ASP A . n 
A 1 146 LEU 146 163 163 LEU LEU A . n 
A 1 147 ASN 147 164 164 ASN ASN A . n 
A 1 148 PRO 148 165 165 PRO PRO A . n 
A 1 149 ARG 149 166 166 ARG ARG A . n 
A 1 150 VAL 150 167 167 VAL VAL A . n 
A 1 151 TRP 151 168 168 TRP TRP A . n 
A 1 152 GLU 152 169 169 GLU GLU A . n 
A 1 153 GLU 153 170 170 GLU GLU A . n 
A 1 154 GLU 154 171 171 GLU GLU A . n 
A 1 155 ILE 155 172 172 ILE ILE A . n 
A 1 156 LYS 156 173 173 LYS LYS A . n 
A 1 157 PRO 157 174 174 PRO PRO A . n 
A 1 158 LEU 158 175 175 LEU LEU A . n 
A 1 159 TRP 159 176 176 TRP TRP A . n 
A 1 160 GLU 160 177 177 GLU GLU A . n 
A 1 161 LYS 161 178 178 LYS LYS A . n 
A 1 162 TYR 162 179 179 TYR TYR A . n 
A 1 163 SER 163 180 180 SER SER A . n 
A 1 164 LYS 164 181 181 LYS LYS A . n 
A 1 165 GLU 165 182 182 GLU GLU A . n 
A 1 166 ALA 166 183 183 ALA ALA A . n 
A 1 167 ALA 167 184 184 ALA ALA A . n 
A 1 168 GLN 168 185 ?   ?   ?   A . n 
# 
loop_
_pdbx_nonpoly_scheme.asym_id 
_pdbx_nonpoly_scheme.entity_id 
_pdbx_nonpoly_scheme.mon_id 
_pdbx_nonpoly_scheme.ndb_seq_num 
_pdbx_nonpoly_scheme.pdb_seq_num 
_pdbx_nonpoly_scheme.auth_seq_num 
_pdbx_nonpoly_scheme.pdb_mon_id 
_pdbx_nonpoly_scheme.auth_mon_id 
_pdbx_nonpoly_scheme.pdb_strand_id 
_pdbx_nonpoly_scheme.pdb_ins_code 
B 2 HOH 1  201 201 HOH HOH A . 
B 2 HOH 2  202 202 HOH HOH A . 
B 2 HOH 3  203 203 HOH HOH A . 
B 2 HOH 4  204 204 HOH HOH A . 
B 2 HOH 5  205 205 HOH HOH A . 
B 2 HOH 6  206 206 HOH HOH A . 
B 2 HOH 7  207 207 HOH HOH A . 
B 2 HOH 8  208 208 HOH HOH A . 
B 2 HOH 9  209 209 HOH HOH A . 
B 2 HOH 10 210 210 HOH HOH A . 
B 2 HOH 11 211 211 HOH HOH A . 
B 2 HOH 12 212 212 HOH HOH A . 
B 2 HOH 13 213 213 HOH HOH A . 
B 2 HOH 14 214 214 HOH HOH A . 
B 2 HOH 15 215 215 HOH HOH A . 
B 2 HOH 16 216 216 HOH HOH A . 
B 2 HOH 17 218 218 HOH HOH A . 
B 2 HOH 18 219 219 HOH HOH A . 
B 2 HOH 19 220 220 HOH HOH A . 
B 2 HOH 20 221 221 HOH HOH A . 
B 2 HOH 21 222 222 HOH HOH A . 
B 2 HOH 22 223 223 HOH HOH A . 
B 2 HOH 23 224 224 HOH HOH A . 
B 2 HOH 24 225 225 HOH HOH A . 
B 2 HOH 25 226 226 HOH HOH A . 
B 2 HOH 26 227 227 HOH HOH A . 
B 2 HOH 27 228 228 HOH HOH A . 
B 2 HOH 28 229 229 HOH HOH A . 
B 2 HOH 29 230 230 HOH HOH A . 
B 2 HOH 30 231 231 HOH HOH A . 
B 2 HOH 31 232 232 HOH HOH A . 
B 2 HOH 32 233 233 HOH HOH A . 
B 2 HOH 33 234 234 HOH HOH A . 
B 2 HOH 34 235 235 HOH HOH A . 
B 2 HOH 35 236 236 HOH HOH A . 
B 2 HOH 36 237 237 HOH HOH A . 
B 2 HOH 37 238 238 HOH HOH A . 
B 2 HOH 38 239 239 HOH HOH A . 
B 2 HOH 39 240 240 HOH HOH A . 
B 2 HOH 40 242 242 HOH HOH A . 
B 2 HOH 41 243 243 HOH HOH A . 
B 2 HOH 42 245 245 HOH HOH A . 
B 2 HOH 43 246 246 HOH HOH A . 
B 2 HOH 44 247 247 HOH HOH A . 
B 2 HOH 45 248 248 HOH HOH A . 
B 2 HOH 46 249 249 HOH HOH A . 
B 2 HOH 47 250 250 HOH HOH A . 
B 2 HOH 48 251 251 HOH HOH A . 
B 2 HOH 49 252 252 HOH HOH A . 
B 2 HOH 50 253 253 HOH HOH A . 
B 2 HOH 51 254 254 HOH HOH A . 
B 2 HOH 52 255 255 HOH HOH A . 
B 2 HOH 53 256 256 HOH HOH A . 
B 2 HOH 54 257 257 HOH HOH A . 
B 2 HOH 55 258 258 HOH HOH A . 
B 2 HOH 56 259 259 HOH HOH A . 
B 2 HOH 57 260 260 HOH HOH A . 
B 2 HOH 58 261 261 HOH HOH A . 
B 2 HOH 59 262 262 HOH HOH A . 
B 2 HOH 60 263 263 HOH HOH A . 
B 2 HOH 61 264 264 HOH HOH A . 
B 2 HOH 62 265 265 HOH HOH A . 
B 2 HOH 63 274 274 HOH HOH A . 
# 
loop_
_software.name 
_software.classification 
_software.version 
_software.citation_id 
_software.pdbx_ordinal 
CNS       refinement       1.0 ? 1 
HKL-2000  'data reduction' .   ? 2 
SCALEPACK 'data scaling'   .   ? 3 
CNS       phasing          .   ? 4 
# 
_cell.entry_id           2B1K 
_cell.length_a           35.483 
_cell.length_b           48.515 
_cell.length_c           84.775 
_cell.angle_alpha        90.00 
_cell.angle_beta         90.00 
_cell.angle_gamma        90.00 
_cell.Z_PDB              4 
_cell.pdbx_unique_axis   ? 
_cell.length_a_esd       ? 
_cell.length_b_esd       ? 
_cell.length_c_esd       ? 
_cell.angle_alpha_esd    ? 
_cell.angle_beta_esd     ? 
_cell.angle_gamma_esd    ? 
# 
_symmetry.entry_id                         2B1K 
_symmetry.space_group_name_H-M             'P 21 21 21' 
_symmetry.pdbx_full_space_group_name_H-M   ? 
_symmetry.cell_setting                     ? 
_symmetry.Int_Tables_number                19 
_symmetry.space_group_name_Hall            ? 
# 
_exptl.entry_id          2B1K 
_exptl.method            'X-RAY DIFFRACTION' 
_exptl.crystals_number   1 
# 
_exptl_crystal.id                    1 
_exptl_crystal.density_meas          ? 
_exptl_crystal.density_Matthews      1.9 
_exptl_crystal.density_percent_sol   34.19 
_exptl_crystal.description           ? 
_exptl_crystal.F_000                 ? 
_exptl_crystal.preparation           ? 
# 
_exptl_crystal_grow.crystal_id      1 
_exptl_crystal_grow.method          'VAPOR DIFFUSION, HANGING DROP' 
_exptl_crystal_grow.temp            293.0 
_exptl_crystal_grow.temp_details    ? 
_exptl_crystal_grow.pH              7.8 
_exptl_crystal_grow.pdbx_details    
'HEPES buffer, ammonium sulfate, PEG 4000, pH 7.8, VAPOR DIFFUSION, HANGING DROP, temperature 293.0K' 
_exptl_crystal_grow.pdbx_pH_range   . 
# 
_diffrn.id                     1 
_diffrn.ambient_temp           293.0 
_diffrn.ambient_temp_details   ? 
_diffrn.crystal_id             1 
# 
_diffrn_detector.diffrn_id              1 
_diffrn_detector.detector               CCD 
_diffrn_detector.type                   'BRUKER APEX' 
_diffrn_detector.pdbx_collection_date   2002-11-21 
_diffrn_detector.details                ? 
# 
_diffrn_radiation.diffrn_id                        1 
_diffrn_radiation.wavelength_id                    1 
_diffrn_radiation.pdbx_monochromatic_or_laue_m_l   M 
_diffrn_radiation.monochromator                    ? 
_diffrn_radiation.pdbx_diffrn_protocol             'SINGLE WAVELENGTH' 
_diffrn_radiation.pdbx_scattering_type             x-ray 
# 
_diffrn_radiation_wavelength.id           1 
_diffrn_radiation_wavelength.wavelength   1.5418 
_diffrn_radiation_wavelength.wt           1.0 
# 
_diffrn_source.diffrn_id                   1 
_diffrn_source.source                      'SEALED TUBE' 
_diffrn_source.type                        'CONVENTIONAL Cu' 
_diffrn_source.pdbx_synchrotron_site       ? 
_diffrn_source.pdbx_synchrotron_beamline   ? 
_diffrn_source.pdbx_wavelength             ? 
_diffrn_source.pdbx_wavelength_list        1.5418 
# 
_reflns.entry_id                     2B1K 
_reflns.observed_criterion_sigma_I   0.0 
_reflns.observed_criterion_sigma_F   ? 
_reflns.d_resolution_low             50.0 
_reflns.d_resolution_high            1.9 
_reflns.number_obs                   12145 
_reflns.number_all                   12182 
_reflns.percent_possible_obs         99.7 
_reflns.pdbx_Rmerge_I_obs            0.062 
_reflns.pdbx_Rsym_value              ? 
_reflns.pdbx_netI_over_sigmaI        ? 
_reflns.B_iso_Wilson_estimate        14.3 
_reflns.pdbx_redundancy              ? 
_reflns.R_free_details               ? 
_reflns.limit_h_max                  ? 
_reflns.limit_h_min                  ? 
_reflns.limit_k_max                  ? 
_reflns.limit_k_min                  ? 
_reflns.limit_l_max                  ? 
_reflns.limit_l_min                  ? 
_reflns.observed_criterion_F_max     ? 
_reflns.observed_criterion_F_min     ? 
_reflns.pdbx_chi_squared             ? 
_reflns.pdbx_scaling_rejects         ? 
_reflns.pdbx_diffrn_id               1 
_reflns.pdbx_ordinal                 1 
# 
_reflns_shell.d_res_high             1.90 
_reflns_shell.d_res_low              1.97 
_reflns_shell.percent_possible_all   97.0 
_reflns_shell.Rmerge_I_obs           0.456 
_reflns_shell.pdbx_Rsym_value        ? 
_reflns_shell.meanI_over_sigI_obs    ? 
_reflns_shell.pdbx_redundancy        ? 
_reflns_shell.percent_possible_obs   ? 
_reflns_shell.number_unique_all      1159 
_reflns_shell.number_measured_all    ? 
_reflns_shell.number_measured_obs    ? 
_reflns_shell.number_unique_obs      ? 
_reflns_shell.pdbx_chi_squared       ? 
_reflns_shell.pdbx_diffrn_id         ? 
_reflns_shell.pdbx_ordinal           1 
# 
_refine.entry_id                                 2B1K 
_refine.ls_number_reflns_obs                     11430 
_refine.ls_number_reflns_all                     12108 
_refine.pdbx_ls_sigma_I                          ? 
_refine.pdbx_ls_sigma_F                          0.0 
_refine.pdbx_data_cutoff_high_absF               324812.36 
_refine.pdbx_data_cutoff_low_absF                0.000000 
_refine.pdbx_data_cutoff_high_rms_absF           ? 
_refine.ls_d_res_low                             32.73 
_refine.ls_d_res_high                            1.90 
_refine.ls_percent_reflns_obs                    94.4 
_refine.ls_R_factor_obs                          0.19 
_refine.ls_R_factor_all                          0.193 
_refine.ls_R_factor_R_work                       0.19 
_refine.ls_R_factor_R_free                       0.216 
_refine.ls_R_factor_R_free_error                 0.006 
_refine.ls_R_factor_R_free_error_details         ? 
_refine.ls_percent_reflns_R_free                 10.3 
_refine.ls_number_reflns_R_free                  1178 
_refine.ls_number_parameters                     ? 
_refine.ls_number_restraints                     ? 
_refine.occupancy_min                            ? 
_refine.occupancy_max                            ? 
_refine.correlation_coeff_Fo_to_Fc               ? 
_refine.correlation_coeff_Fo_to_Fc_free          ? 
_refine.B_iso_mean                               24.4 
_refine.aniso_B[1][1]                            1.53 
_refine.aniso_B[2][2]                            -2.83 
_refine.aniso_B[3][3]                            1.31 
_refine.aniso_B[1][2]                            0.00 
_refine.aniso_B[1][3]                            0.00 
_refine.aniso_B[2][3]                            0.00 
_refine.solvent_model_details                    'FLAT MODEL' 
_refine.solvent_model_param_ksol                 0.343053 
_refine.solvent_model_param_bsol                 44.5999 
_refine.pdbx_solvent_vdw_probe_radii             ? 
_refine.pdbx_solvent_ion_probe_radii             ? 
_refine.pdbx_solvent_shrinkage_radii             ? 
_refine.pdbx_ls_cross_valid_method               THROUGHOUT 
_refine.details                                  ? 
_refine.pdbx_starting_model                      'PDB ENTRY 1KNG' 
_refine.pdbx_method_to_determine_struct          'MOLECULAR REPLACEMENT' 
_refine.pdbx_isotropic_thermal_model             RESTRAINED 
_refine.pdbx_stereochemistry_target_values       ? 
_refine.pdbx_stereochem_target_val_spec_case     ? 
_refine.pdbx_R_Free_selection_details            RANDOM 
_refine.pdbx_overall_ESU_R                       ? 
_refine.pdbx_overall_ESU_R_Free                  ? 
_refine.overall_SU_ML                            ? 
_refine.overall_SU_B                             ? 
_refine.ls_redundancy_reflns_obs                 ? 
_refine.B_iso_min                                ? 
_refine.B_iso_max                                ? 
_refine.overall_SU_R_Cruickshank_DPI             ? 
_refine.overall_SU_R_free                        ? 
_refine.ls_wR_factor_R_free                      ? 
_refine.ls_wR_factor_R_work                      ? 
_refine.overall_FOM_free_R_set                   ? 
_refine.overall_FOM_work_R_set                   ? 
_refine.pdbx_refine_id                           'X-RAY DIFFRACTION' 
_refine.pdbx_diffrn_id                           1 
_refine.pdbx_TLS_residual_ADP_flag               ? 
_refine.pdbx_overall_phase_error                 ? 
_refine.pdbx_overall_SU_R_free_Cruickshank_DPI   ? 
_refine.pdbx_overall_SU_R_Blow_DPI               ? 
_refine.pdbx_overall_SU_R_free_Blow_DPI          ? 
# 
_refine_analyze.entry_id                        2B1K 
_refine_analyze.Luzzati_coordinate_error_obs    0.21 
_refine_analyze.Luzzati_sigma_a_obs             0.19 
_refine_analyze.Luzzati_d_res_low_obs           5.00 
_refine_analyze.Luzzati_coordinate_error_free   0.25 
_refine_analyze.Luzzati_sigma_a_free            0.21 
_refine_analyze.Luzzati_d_res_low_free          ? 
_refine_analyze.number_disordered_residues      ? 
_refine_analyze.occupancy_sum_hydrogen          ? 
_refine_analyze.occupancy_sum_non_hydrogen      ? 
_refine_analyze.pdbx_Luzzati_d_res_high_obs     ? 
_refine_analyze.pdbx_refine_id                  'X-RAY DIFFRACTION' 
# 
_refine_hist.pdbx_refine_id                   'X-RAY DIFFRACTION' 
_refine_hist.cycle_id                         LAST 
_refine_hist.pdbx_number_atoms_protein        1239 
_refine_hist.pdbx_number_atoms_nucleic_acid   0 
_refine_hist.pdbx_number_atoms_ligand         0 
_refine_hist.number_atoms_solvent             64 
_refine_hist.number_atoms_total               1303 
_refine_hist.d_res_high                       1.90 
_refine_hist.d_res_low                        32.73 
# 
loop_
_refine_ls_restr.type 
_refine_ls_restr.dev_ideal 
_refine_ls_restr.dev_ideal_target 
_refine_ls_restr.weight 
_refine_ls_restr.number 
_refine_ls_restr.pdbx_refine_id 
_refine_ls_restr.pdbx_restraint_function 
c_bond_d                0.005 ?    ? ? 'X-RAY DIFFRACTION' ? 
c_bond_d_na             ?     ?    ? ? 'X-RAY DIFFRACTION' ? 
c_bond_d_prot           ?     ?    ? ? 'X-RAY DIFFRACTION' ? 
c_angle_d               ?     ?    ? ? 'X-RAY DIFFRACTION' ? 
c_angle_d_na            ?     ?    ? ? 'X-RAY DIFFRACTION' ? 
c_angle_d_prot          ?     ?    ? ? 'X-RAY DIFFRACTION' ? 
c_angle_deg             1.2   ?    ? ? 'X-RAY DIFFRACTION' ? 
c_angle_deg_na          ?     ?    ? ? 'X-RAY DIFFRACTION' ? 
c_angle_deg_prot        ?     ?    ? ? 'X-RAY DIFFRACTION' ? 
c_dihedral_angle_d      23.2  ?    ? ? 'X-RAY DIFFRACTION' ? 
c_dihedral_angle_d_na   ?     ?    ? ? 'X-RAY DIFFRACTION' ? 
c_dihedral_angle_d_prot ?     ?    ? ? 'X-RAY DIFFRACTION' ? 
c_improper_angle_d      0.76  ?    ? ? 'X-RAY DIFFRACTION' ? 
c_improper_angle_d_na   ?     ?    ? ? 'X-RAY DIFFRACTION' ? 
c_improper_angle_d_prot ?     ?    ? ? 'X-RAY DIFFRACTION' ? 
c_mcbond_it             1.50  1.50 ? ? 'X-RAY DIFFRACTION' ? 
c_mcangle_it            2.34  2.00 ? ? 'X-RAY DIFFRACTION' ? 
c_scbond_it             2.47  2.00 ? ? 'X-RAY DIFFRACTION' ? 
c_scangle_it            3.87  2.50 ? ? 'X-RAY DIFFRACTION' ? 
# 
_refine_ls_shell.pdbx_total_number_of_bins_used   10 
_refine_ls_shell.d_res_high                       1.90 
_refine_ls_shell.d_res_low                        1.97 
_refine_ls_shell.number_reflns_R_work             906 
_refine_ls_shell.R_factor_R_work                  0.261 
_refine_ls_shell.percent_reflns_obs               84.7 
_refine_ls_shell.R_factor_R_free                  0.294 
_refine_ls_shell.R_factor_R_free_error            0.028 
_refine_ls_shell.percent_reflns_R_free            10.7 
_refine_ls_shell.number_reflns_R_free             109 
_refine_ls_shell.number_reflns_obs                1015 
_refine_ls_shell.redundancy_reflns_obs            ? 
_refine_ls_shell.number_reflns_all                ? 
_refine_ls_shell.R_factor_all                     ? 
_refine_ls_shell.pdbx_refine_id                   'X-RAY DIFFRACTION' 
# 
loop_
_pdbx_xplor_file.serial_no 
_pdbx_xplor_file.param_file 
_pdbx_xplor_file.topol_file 
_pdbx_xplor_file.pdbx_refine_id 
1 protein_rep.param protein.top 'X-RAY DIFFRACTION' 
2 water_rep.param   water.top   'X-RAY DIFFRACTION' 
# 
_struct.entry_id                  2B1K 
_struct.title                     'Crystal structure of E. coli CcmG protein' 
_struct.pdbx_model_details        ? 
_struct.pdbx_CASP_flag            ? 
_struct.pdbx_model_type_details   ? 
# 
_struct_keywords.entry_id        2B1K 
_struct_keywords.pdbx_keywords   OXIDOREDUCTASE 
_struct_keywords.text            'C-terminal thioredoxin-like domain, N-terminal beta-sheet, fingerprint rigion, OXIDOREDUCTASE' 
# 
loop_
_struct_asym.id 
_struct_asym.pdbx_blank_PDB_chainid_flag 
_struct_asym.pdbx_modified 
_struct_asym.entity_id 
_struct_asym.details 
A N N 1 ? 
B N N 2 ? 
# 
_struct_ref.id                         1 
_struct_ref.db_name                    UNP 
_struct_ref.db_code                    DSBE_ECOLI 
_struct_ref.pdbx_db_accession          P0AA86 
_struct_ref.entity_id                  1 
_struct_ref.pdbx_seq_one_letter_code   
;ALLWQLARNAEGDDPTNLESALIGKPVPKFRLESLDNPGQFYQADVLTQGKPVLLNVWATWCPTCRAEHQYLNQLSAQGI
RVVGMNYKDDRQKAISWLKELGNPYALSLFDGDGMLGLDLGVYGAPETFLIDGNGIIRYRHAGDLNPRVWEEEIKPLWEK
YSKEAAQ
;
_struct_ref.pdbx_align_begin           19 
_struct_ref.pdbx_db_isoform            ? 
# 
_struct_ref_seq.align_id                      1 
_struct_ref_seq.ref_id                        1 
_struct_ref_seq.pdbx_PDB_id_code              2B1K 
_struct_ref_seq.pdbx_strand_id                A 
_struct_ref_seq.seq_align_beg                 2 
_struct_ref_seq.pdbx_seq_align_beg_ins_code   ? 
_struct_ref_seq.seq_align_end                 168 
_struct_ref_seq.pdbx_seq_align_end_ins_code   ? 
_struct_ref_seq.pdbx_db_accession             P0AA86 
_struct_ref_seq.db_align_beg                  19 
_struct_ref_seq.pdbx_db_align_beg_ins_code    ? 
_struct_ref_seq.db_align_end                  185 
_struct_ref_seq.pdbx_db_align_end_ins_code    ? 
_struct_ref_seq.pdbx_auth_seq_align_beg       19 
_struct_ref_seq.pdbx_auth_seq_align_end       185 
# 
_struct_ref_seq_dif.align_id                     1 
_struct_ref_seq_dif.pdbx_pdb_id_code             2B1K 
_struct_ref_seq_dif.mon_id                       MET 
_struct_ref_seq_dif.pdbx_pdb_strand_id           A 
_struct_ref_seq_dif.seq_num                      1 
_struct_ref_seq_dif.pdbx_pdb_ins_code            ? 
_struct_ref_seq_dif.pdbx_seq_db_name             UNP 
_struct_ref_seq_dif.pdbx_seq_db_accession_code   P0AA86 
_struct_ref_seq_dif.db_mon_id                    ? 
_struct_ref_seq_dif.pdbx_seq_db_seq_num          ? 
_struct_ref_seq_dif.details                      'initiating methionine' 
_struct_ref_seq_dif.pdbx_auth_seq_num            18 
_struct_ref_seq_dif.pdbx_ordinal                 1 
# 
_pdbx_struct_assembly.id                   1 
_pdbx_struct_assembly.details              author_defined_assembly 
_pdbx_struct_assembly.method_details       ? 
_pdbx_struct_assembly.oligomeric_details   monomeric 
_pdbx_struct_assembly.oligomeric_count     1 
# 
_pdbx_struct_assembly_gen.assembly_id       1 
_pdbx_struct_assembly_gen.oper_expression   1 
_pdbx_struct_assembly_gen.asym_id_list      A,B 
# 
_pdbx_struct_oper_list.id                   1 
_pdbx_struct_oper_list.type                 'identity operation' 
_pdbx_struct_oper_list.name                 1_555 
_pdbx_struct_oper_list.symmetry_operation   x,y,z 
_pdbx_struct_oper_list.matrix[1][1]         1.0000000000 
_pdbx_struct_oper_list.matrix[1][2]         0.0000000000 
_pdbx_struct_oper_list.matrix[1][3]         0.0000000000 
_pdbx_struct_oper_list.vector[1]            0.0000000000 
_pdbx_struct_oper_list.matrix[2][1]         0.0000000000 
_pdbx_struct_oper_list.matrix[2][2]         1.0000000000 
_pdbx_struct_oper_list.matrix[2][3]         0.0000000000 
_pdbx_struct_oper_list.vector[2]            0.0000000000 
_pdbx_struct_oper_list.matrix[3][1]         0.0000000000 
_pdbx_struct_oper_list.matrix[3][2]         0.0000000000 
_pdbx_struct_oper_list.matrix[3][3]         1.0000000000 
_pdbx_struct_oper_list.vector[3]            0.0000000000 
# 
_struct_biol.id                    1 
_struct_biol.pdbx_parent_biol_id   ? 
_struct_biol.details               ? 
# 
loop_
_struct_conf.conf_type_id 
_struct_conf.id 
_struct_conf.pdbx_PDB_helix_id 
_struct_conf.beg_label_comp_id 
_struct_conf.beg_label_asym_id 
_struct_conf.beg_label_seq_id 
_struct_conf.pdbx_beg_PDB_ins_code 
_struct_conf.end_label_comp_id 
_struct_conf.end_label_asym_id 
_struct_conf.end_label_seq_id 
_struct_conf.pdbx_end_PDB_ins_code 
_struct_conf.beg_auth_comp_id 
_struct_conf.beg_auth_asym_id 
_struct_conf.beg_auth_seq_id 
_struct_conf.end_auth_comp_id 
_struct_conf.end_auth_asym_id 
_struct_conf.end_auth_seq_id 
_struct_conf.pdbx_PDB_helix_class 
_struct_conf.details 
_struct_conf.pdbx_PDB_helix_length 
HELX_P HELX_P1 1 GLN A 44  ? THR A 49  ? GLN A 61  THR A 66  5 ? 6  
HELX_P HELX_P2 2 THR A 65  ? GLY A 80  ? THR A 82  GLY A 97  1 ? 16 
HELX_P HELX_P3 3 ASP A 91  ? GLY A 103 ? ASP A 108 GLY A 120 1 ? 13 
HELX_P HELX_P4 4 GLY A 115 ? GLY A 122 ? GLY A 132 GLY A 139 1 ? 8  
HELX_P HELX_P5 5 PRO A 148 ? ILE A 155 ? PRO A 165 ILE A 172 1 ? 8  
HELX_P HELX_P6 6 ILE A 155 ? ALA A 167 ? ILE A 172 ALA A 184 1 ? 13 
# 
_struct_conf_type.id          HELX_P 
_struct_conf_type.criteria    ? 
_struct_conf_type.reference   ? 
# 
_struct_conn.id                            disulf1 
_struct_conn.conn_type_id                  disulf 
_struct_conn.pdbx_leaving_atom_flag        ? 
_struct_conn.pdbx_PDB_id                   ? 
_struct_conn.ptnr1_label_asym_id           A 
_struct_conn.ptnr1_label_comp_id           CYS 
_struct_conn.ptnr1_label_seq_id            63 
_struct_conn.ptnr1_label_atom_id           SG 
_struct_conn.pdbx_ptnr1_label_alt_id       ? 
_struct_conn.pdbx_ptnr1_PDB_ins_code       ? 
_struct_conn.pdbx_ptnr1_standard_comp_id   ? 
_struct_conn.ptnr1_symmetry                1_555 
_struct_conn.ptnr2_label_asym_id           A 
_struct_conn.ptnr2_label_comp_id           CYS 
_struct_conn.ptnr2_label_seq_id            66 
_struct_conn.ptnr2_label_atom_id           SG 
_struct_conn.pdbx_ptnr2_label_alt_id       ? 
_struct_conn.pdbx_ptnr2_PDB_ins_code       ? 
_struct_conn.ptnr1_auth_asym_id            A 
_struct_conn.ptnr1_auth_comp_id            CYS 
_struct_conn.ptnr1_auth_seq_id             80 
_struct_conn.ptnr2_auth_asym_id            A 
_struct_conn.ptnr2_auth_comp_id            CYS 
_struct_conn.ptnr2_auth_seq_id             83 
_struct_conn.ptnr2_symmetry                1_555 
_struct_conn.pdbx_ptnr3_label_atom_id      ? 
_struct_conn.pdbx_ptnr3_label_seq_id       ? 
_struct_conn.pdbx_ptnr3_label_comp_id      ? 
_struct_conn.pdbx_ptnr3_label_asym_id      ? 
_struct_conn.pdbx_ptnr3_label_alt_id       ? 
_struct_conn.pdbx_ptnr3_PDB_ins_code       ? 
_struct_conn.details                       ? 
_struct_conn.pdbx_dist_value               2.023 
_struct_conn.pdbx_value_order              ? 
_struct_conn.pdbx_role                     ? 
# 
_struct_conn_type.id          disulf 
_struct_conn_type.criteria    ? 
_struct_conn_type.reference   ? 
# 
_pdbx_modification_feature.ordinal                            1 
_pdbx_modification_feature.label_comp_id                      CYS 
_pdbx_modification_feature.label_asym_id                      A 
_pdbx_modification_feature.label_seq_id                       63 
_pdbx_modification_feature.label_alt_id                       ? 
_pdbx_modification_feature.modified_residue_label_comp_id     CYS 
_pdbx_modification_feature.modified_residue_label_asym_id     A 
_pdbx_modification_feature.modified_residue_label_seq_id      66 
_pdbx_modification_feature.modified_residue_label_alt_id      ? 
_pdbx_modification_feature.auth_comp_id                       CYS 
_pdbx_modification_feature.auth_asym_id                       A 
_pdbx_modification_feature.auth_seq_id                        80 
_pdbx_modification_feature.PDB_ins_code                       ? 
_pdbx_modification_feature.symmetry                           1_555 
_pdbx_modification_feature.modified_residue_auth_comp_id      CYS 
_pdbx_modification_feature.modified_residue_auth_asym_id      A 
_pdbx_modification_feature.modified_residue_auth_seq_id       83 
_pdbx_modification_feature.modified_residue_PDB_ins_code      ? 
_pdbx_modification_feature.modified_residue_symmetry          1_555 
_pdbx_modification_feature.comp_id_linking_atom               SG 
_pdbx_modification_feature.modified_residue_id_linking_atom   SG 
_pdbx_modification_feature.modified_residue_id                . 
_pdbx_modification_feature.ref_pcm_id                         . 
_pdbx_modification_feature.ref_comp_id                        . 
_pdbx_modification_feature.type                               None 
_pdbx_modification_feature.category                           'Disulfide bridge' 
# 
_struct_mon_prot_cis.pdbx_id                1 
_struct_mon_prot_cis.label_comp_id          ALA 
_struct_mon_prot_cis.label_seq_id           126 
_struct_mon_prot_cis.label_asym_id          A 
_struct_mon_prot_cis.label_alt_id           . 
_struct_mon_prot_cis.pdbx_PDB_ins_code      ? 
_struct_mon_prot_cis.auth_comp_id           ALA 
_struct_mon_prot_cis.auth_seq_id            143 
_struct_mon_prot_cis.auth_asym_id           A 
_struct_mon_prot_cis.pdbx_label_comp_id_2   PRO 
_struct_mon_prot_cis.pdbx_label_seq_id_2    127 
_struct_mon_prot_cis.pdbx_label_asym_id_2   A 
_struct_mon_prot_cis.pdbx_PDB_ins_code_2    ? 
_struct_mon_prot_cis.pdbx_auth_comp_id_2    PRO 
_struct_mon_prot_cis.pdbx_auth_seq_id_2     144 
_struct_mon_prot_cis.pdbx_auth_asym_id_2    A 
_struct_mon_prot_cis.pdbx_PDB_model_num     1 
_struct_mon_prot_cis.pdbx_omega_angle       0.05 
# 
_struct_sheet.id               A 
_struct_sheet.type             ? 
_struct_sheet.number_strands   7 
_struct_sheet.details          ? 
# 
loop_
_struct_sheet_order.sheet_id 
_struct_sheet_order.range_id_1 
_struct_sheet_order.range_id_2 
_struct_sheet_order.offset 
_struct_sheet_order.sense 
A 1 2 ? anti-parallel 
A 2 3 ? anti-parallel 
A 3 4 ? parallel      
A 4 5 ? parallel      
A 5 6 ? anti-parallel 
A 6 7 ? anti-parallel 
# 
loop_
_struct_sheet_range.sheet_id 
_struct_sheet_range.id 
_struct_sheet_range.beg_label_comp_id 
_struct_sheet_range.beg_label_asym_id 
_struct_sheet_range.beg_label_seq_id 
_struct_sheet_range.pdbx_beg_PDB_ins_code 
_struct_sheet_range.end_label_comp_id 
_struct_sheet_range.end_label_asym_id 
_struct_sheet_range.end_label_seq_id 
_struct_sheet_range.pdbx_end_PDB_ins_code 
_struct_sheet_range.beg_auth_comp_id 
_struct_sheet_range.beg_auth_asym_id 
_struct_sheet_range.beg_auth_seq_id 
_struct_sheet_range.end_auth_comp_id 
_struct_sheet_range.end_auth_asym_id 
_struct_sheet_range.end_auth_seq_id 
A 1 GLN A 41  ? TYR A 43  ? GLN A 58  TYR A 60  
A 2 LEU A 33  ? SER A 35  ? LEU A 50  SER A 52  
A 3 ALA A 107 ? ASP A 112 ? ALA A 124 ASP A 129 
A 4 ARG A 82  ? TYR A 88  ? ARG A 99  TYR A 105 
A 5 VAL A 54  ? TRP A 59  ? VAL A 71  TRP A 76  
A 6 PRO A 127 ? ASP A 133 ? PRO A 144 ASP A 150 
A 7 ILE A 137 ? GLY A 144 ? ILE A 154 GLY A 161 
# 
loop_
_pdbx_struct_sheet_hbond.sheet_id 
_pdbx_struct_sheet_hbond.range_id_1 
_pdbx_struct_sheet_hbond.range_id_2 
_pdbx_struct_sheet_hbond.range_1_label_atom_id 
_pdbx_struct_sheet_hbond.range_1_label_comp_id 
_pdbx_struct_sheet_hbond.range_1_label_asym_id 
_pdbx_struct_sheet_hbond.range_1_label_seq_id 
_pdbx_struct_sheet_hbond.range_1_PDB_ins_code 
_pdbx_struct_sheet_hbond.range_1_auth_atom_id 
_pdbx_struct_sheet_hbond.range_1_auth_comp_id 
_pdbx_struct_sheet_hbond.range_1_auth_asym_id 
_pdbx_struct_sheet_hbond.range_1_auth_seq_id 
_pdbx_struct_sheet_hbond.range_2_label_atom_id 
_pdbx_struct_sheet_hbond.range_2_label_comp_id 
_pdbx_struct_sheet_hbond.range_2_label_asym_id 
_pdbx_struct_sheet_hbond.range_2_label_seq_id 
_pdbx_struct_sheet_hbond.range_2_PDB_ins_code 
_pdbx_struct_sheet_hbond.range_2_auth_atom_id 
_pdbx_struct_sheet_hbond.range_2_auth_comp_id 
_pdbx_struct_sheet_hbond.range_2_auth_asym_id 
_pdbx_struct_sheet_hbond.range_2_auth_seq_id 
A 1 2 O TYR A 43  ? O TYR A 60  N LEU A 33  ? N LEU A 50  
A 2 3 O GLU A 34  ? O GLU A 51  N PHE A 111 ? N PHE A 128 
A 3 4 N LEU A 110 ? N LEU A 127 O GLY A 85  ? O GLY A 102 
A 4 5 N VAL A 84  ? N VAL A 101 O LEU A 55  ? O LEU A 72  
A 5 6 N VAL A 58  ? N VAL A 75  O GLU A 128 ? O GLU A 145 
A 6 7 N LEU A 131 ? N LEU A 148 O TYR A 140 ? O TYR A 157 
# 
_pdbx_entry_details.entry_id                   2B1K 
_pdbx_entry_details.compound_details           ? 
_pdbx_entry_details.source_details             ? 
_pdbx_entry_details.nonpolymer_details         ? 
_pdbx_entry_details.sequence_details           ? 
_pdbx_entry_details.has_ligand_of_interest     ? 
_pdbx_entry_details.has_protein_modification   Y 
# 
loop_
_pdbx_validate_torsion.id 
_pdbx_validate_torsion.PDB_model_num 
_pdbx_validate_torsion.auth_comp_id 
_pdbx_validate_torsion.auth_asym_id 
_pdbx_validate_torsion.auth_seq_id 
_pdbx_validate_torsion.PDB_ins_code 
_pdbx_validate_torsion.label_alt_id 
_pdbx_validate_torsion.phi 
_pdbx_validate_torsion.psi 
1 1 THR A 66  ? ? -112.42 78.26 
2 1 LYS A 106 ? ? 34.46   59.20 
# 
loop_
_pdbx_unobs_or_zero_occ_residues.id 
_pdbx_unobs_or_zero_occ_residues.PDB_model_num 
_pdbx_unobs_or_zero_occ_residues.polymer_flag 
_pdbx_unobs_or_zero_occ_residues.occupancy_flag 
_pdbx_unobs_or_zero_occ_residues.auth_asym_id 
_pdbx_unobs_or_zero_occ_residues.auth_comp_id 
_pdbx_unobs_or_zero_occ_residues.auth_seq_id 
_pdbx_unobs_or_zero_occ_residues.PDB_ins_code 
_pdbx_unobs_or_zero_occ_residues.label_asym_id 
_pdbx_unobs_or_zero_occ_residues.label_comp_id 
_pdbx_unobs_or_zero_occ_residues.label_seq_id 
1  1 Y 1 A MET 18  ? A MET 1   
2  1 Y 1 A ALA 19  ? A ALA 2   
3  1 Y 1 A LEU 20  ? A LEU 3   
4  1 Y 1 A LEU 21  ? A LEU 4   
5  1 Y 1 A TRP 22  ? A TRP 5   
6  1 Y 1 A GLN 23  ? A GLN 6   
7  1 Y 1 A LEU 24  ? A LEU 7   
8  1 Y 1 A ALA 25  ? A ALA 8   
9  1 Y 1 A ARG 26  ? A ARG 9   
10 1 Y 1 A ASN 27  ? A ASN 10  
11 1 Y 1 A ALA 28  ? A ALA 11  
12 1 Y 1 A GLU 29  ? A GLU 12  
13 1 Y 1 A GLY 30  ? A GLY 13  
14 1 Y 1 A ASP 31  ? A ASP 14  
15 1 Y 1 A ASP 32  ? A ASP 15  
16 1 Y 1 A PRO 33  ? A PRO 16  
17 1 Y 1 A THR 34  ? A THR 17  
18 1 Y 1 A ASN 35  ? A ASN 18  
19 1 Y 1 A GLN 185 ? A GLN 168 
# 
loop_
_chem_comp_atom.comp_id 
_chem_comp_atom.atom_id 
_chem_comp_atom.type_symbol 
_chem_comp_atom.pdbx_aromatic_flag 
_chem_comp_atom.pdbx_stereo_config 
_chem_comp_atom.pdbx_ordinal 
ALA N    N N N 1   
ALA CA   C N S 2   
ALA C    C N N 3   
ALA O    O N N 4   
ALA CB   C N N 5   
ALA OXT  O N N 6   
ALA H    H N N 7   
ALA H2   H N N 8   
ALA HA   H N N 9   
ALA HB1  H N N 10  
ALA HB2  H N N 11  
ALA HB3  H N N 12  
ALA HXT  H N N 13  
ARG N    N N N 14  
ARG CA   C N S 15  
ARG C    C N N 16  
ARG O    O N N 17  
ARG CB   C N N 18  
ARG CG   C N N 19  
ARG CD   C N N 20  
ARG NE   N N N 21  
ARG CZ   C N N 22  
ARG NH1  N N N 23  
ARG NH2  N N N 24  
ARG OXT  O N N 25  
ARG H    H N N 26  
ARG H2   H N N 27  
ARG HA   H N N 28  
ARG HB2  H N N 29  
ARG HB3  H N N 30  
ARG HG2  H N N 31  
ARG HG3  H N N 32  
ARG HD2  H N N 33  
ARG HD3  H N N 34  
ARG HE   H N N 35  
ARG HH11 H N N 36  
ARG HH12 H N N 37  
ARG HH21 H N N 38  
ARG HH22 H N N 39  
ARG HXT  H N N 40  
ASN N    N N N 41  
ASN CA   C N S 42  
ASN C    C N N 43  
ASN O    O N N 44  
ASN CB   C N N 45  
ASN CG   C N N 46  
ASN OD1  O N N 47  
ASN ND2  N N N 48  
ASN OXT  O N N 49  
ASN H    H N N 50  
ASN H2   H N N 51  
ASN HA   H N N 52  
ASN HB2  H N N 53  
ASN HB3  H N N 54  
ASN HD21 H N N 55  
ASN HD22 H N N 56  
ASN HXT  H N N 57  
ASP N    N N N 58  
ASP CA   C N S 59  
ASP C    C N N 60  
ASP O    O N N 61  
ASP CB   C N N 62  
ASP CG   C N N 63  
ASP OD1  O N N 64  
ASP OD2  O N N 65  
ASP OXT  O N N 66  
ASP H    H N N 67  
ASP H2   H N N 68  
ASP HA   H N N 69  
ASP HB2  H N N 70  
ASP HB3  H N N 71  
ASP HD2  H N N 72  
ASP HXT  H N N 73  
CYS N    N N N 74  
CYS CA   C N R 75  
CYS C    C N N 76  
CYS O    O N N 77  
CYS CB   C N N 78  
CYS SG   S N N 79  
CYS OXT  O N N 80  
CYS H    H N N 81  
CYS H2   H N N 82  
CYS HA   H N N 83  
CYS HB2  H N N 84  
CYS HB3  H N N 85  
CYS HG   H N N 86  
CYS HXT  H N N 87  
GLN N    N N N 88  
GLN CA   C N S 89  
GLN C    C N N 90  
GLN O    O N N 91  
GLN CB   C N N 92  
GLN CG   C N N 93  
GLN CD   C N N 94  
GLN OE1  O N N 95  
GLN NE2  N N N 96  
GLN OXT  O N N 97  
GLN H    H N N 98  
GLN H2   H N N 99  
GLN HA   H N N 100 
GLN HB2  H N N 101 
GLN HB3  H N N 102 
GLN HG2  H N N 103 
GLN HG3  H N N 104 
GLN HE21 H N N 105 
GLN HE22 H N N 106 
GLN HXT  H N N 107 
GLU N    N N N 108 
GLU CA   C N S 109 
GLU C    C N N 110 
GLU O    O N N 111 
GLU CB   C N N 112 
GLU CG   C N N 113 
GLU CD   C N N 114 
GLU OE1  O N N 115 
GLU OE2  O N N 116 
GLU OXT  O N N 117 
GLU H    H N N 118 
GLU H2   H N N 119 
GLU HA   H N N 120 
GLU HB2  H N N 121 
GLU HB3  H N N 122 
GLU HG2  H N N 123 
GLU HG3  H N N 124 
GLU HE2  H N N 125 
GLU HXT  H N N 126 
GLY N    N N N 127 
GLY CA   C N N 128 
GLY C    C N N 129 
GLY O    O N N 130 
GLY OXT  O N N 131 
GLY H    H N N 132 
GLY H2   H N N 133 
GLY HA2  H N N 134 
GLY HA3  H N N 135 
GLY HXT  H N N 136 
HIS N    N N N 137 
HIS CA   C N S 138 
HIS C    C N N 139 
HIS O    O N N 140 
HIS CB   C N N 141 
HIS CG   C Y N 142 
HIS ND1  N Y N 143 
HIS CD2  C Y N 144 
HIS CE1  C Y N 145 
HIS NE2  N Y N 146 
HIS OXT  O N N 147 
HIS H    H N N 148 
HIS H2   H N N 149 
HIS HA   H N N 150 
HIS HB2  H N N 151 
HIS HB3  H N N 152 
HIS HD1  H N N 153 
HIS HD2  H N N 154 
HIS HE1  H N N 155 
HIS HE2  H N N 156 
HIS HXT  H N N 157 
HOH O    O N N 158 
HOH H1   H N N 159 
HOH H2   H N N 160 
ILE N    N N N 161 
ILE CA   C N S 162 
ILE C    C N N 163 
ILE O    O N N 164 
ILE CB   C N S 165 
ILE CG1  C N N 166 
ILE CG2  C N N 167 
ILE CD1  C N N 168 
ILE OXT  O N N 169 
ILE H    H N N 170 
ILE H2   H N N 171 
ILE HA   H N N 172 
ILE HB   H N N 173 
ILE HG12 H N N 174 
ILE HG13 H N N 175 
ILE HG21 H N N 176 
ILE HG22 H N N 177 
ILE HG23 H N N 178 
ILE HD11 H N N 179 
ILE HD12 H N N 180 
ILE HD13 H N N 181 
ILE HXT  H N N 182 
LEU N    N N N 183 
LEU CA   C N S 184 
LEU C    C N N 185 
LEU O    O N N 186 
LEU CB   C N N 187 
LEU CG   C N N 188 
LEU CD1  C N N 189 
LEU CD2  C N N 190 
LEU OXT  O N N 191 
LEU H    H N N 192 
LEU H2   H N N 193 
LEU HA   H N N 194 
LEU HB2  H N N 195 
LEU HB3  H N N 196 
LEU HG   H N N 197 
LEU HD11 H N N 198 
LEU HD12 H N N 199 
LEU HD13 H N N 200 
LEU HD21 H N N 201 
LEU HD22 H N N 202 
LEU HD23 H N N 203 
LEU HXT  H N N 204 
LYS N    N N N 205 
LYS CA   C N S 206 
LYS C    C N N 207 
LYS O    O N N 208 
LYS CB   C N N 209 
LYS CG   C N N 210 
LYS CD   C N N 211 
LYS CE   C N N 212 
LYS NZ   N N N 213 
LYS OXT  O N N 214 
LYS H    H N N 215 
LYS H2   H N N 216 
LYS HA   H N N 217 
LYS HB2  H N N 218 
LYS HB3  H N N 219 
LYS HG2  H N N 220 
LYS HG3  H N N 221 
LYS HD2  H N N 222 
LYS HD3  H N N 223 
LYS HE2  H N N 224 
LYS HE3  H N N 225 
LYS HZ1  H N N 226 
LYS HZ2  H N N 227 
LYS HZ3  H N N 228 
LYS HXT  H N N 229 
MET N    N N N 230 
MET CA   C N S 231 
MET C    C N N 232 
MET O    O N N 233 
MET CB   C N N 234 
MET CG   C N N 235 
MET SD   S N N 236 
MET CE   C N N 237 
MET OXT  O N N 238 
MET H    H N N 239 
MET H2   H N N 240 
MET HA   H N N 241 
MET HB2  H N N 242 
MET HB3  H N N 243 
MET HG2  H N N 244 
MET HG3  H N N 245 
MET HE1  H N N 246 
MET HE2  H N N 247 
MET HE3  H N N 248 
MET HXT  H N N 249 
PHE N    N N N 250 
PHE CA   C N S 251 
PHE C    C N N 252 
PHE O    O N N 253 
PHE CB   C N N 254 
PHE CG   C Y N 255 
PHE CD1  C Y N 256 
PHE CD2  C Y N 257 
PHE CE1  C Y N 258 
PHE CE2  C Y N 259 
PHE CZ   C Y N 260 
PHE OXT  O N N 261 
PHE H    H N N 262 
PHE H2   H N N 263 
PHE HA   H N N 264 
PHE HB2  H N N 265 
PHE HB3  H N N 266 
PHE HD1  H N N 267 
PHE HD2  H N N 268 
PHE HE1  H N N 269 
PHE HE2  H N N 270 
PHE HZ   H N N 271 
PHE HXT  H N N 272 
PRO N    N N N 273 
PRO CA   C N S 274 
PRO C    C N N 275 
PRO O    O N N 276 
PRO CB   C N N 277 
PRO CG   C N N 278 
PRO CD   C N N 279 
PRO OXT  O N N 280 
PRO H    H N N 281 
PRO HA   H N N 282 
PRO HB2  H N N 283 
PRO HB3  H N N 284 
PRO HG2  H N N 285 
PRO HG3  H N N 286 
PRO HD2  H N N 287 
PRO HD3  H N N 288 
PRO HXT  H N N 289 
SER N    N N N 290 
SER CA   C N S 291 
SER C    C N N 292 
SER O    O N N 293 
SER CB   C N N 294 
SER OG   O N N 295 
SER OXT  O N N 296 
SER H    H N N 297 
SER H2   H N N 298 
SER HA   H N N 299 
SER HB2  H N N 300 
SER HB3  H N N 301 
SER HG   H N N 302 
SER HXT  H N N 303 
THR N    N N N 304 
THR CA   C N S 305 
THR C    C N N 306 
THR O    O N N 307 
THR CB   C N R 308 
THR OG1  O N N 309 
THR CG2  C N N 310 
THR OXT  O N N 311 
THR H    H N N 312 
THR H2   H N N 313 
THR HA   H N N 314 
THR HB   H N N 315 
THR HG1  H N N 316 
THR HG21 H N N 317 
THR HG22 H N N 318 
THR HG23 H N N 319 
THR HXT  H N N 320 
TRP N    N N N 321 
TRP CA   C N S 322 
TRP C    C N N 323 
TRP O    O N N 324 
TRP CB   C N N 325 
TRP CG   C Y N 326 
TRP CD1  C Y N 327 
TRP CD2  C Y N 328 
TRP NE1  N Y N 329 
TRP CE2  C Y N 330 
TRP CE3  C Y N 331 
TRP CZ2  C Y N 332 
TRP CZ3  C Y N 333 
TRP CH2  C Y N 334 
TRP OXT  O N N 335 
TRP H    H N N 336 
TRP H2   H N N 337 
TRP HA   H N N 338 
TRP HB2  H N N 339 
TRP HB3  H N N 340 
TRP HD1  H N N 341 
TRP HE1  H N N 342 
TRP HE3  H N N 343 
TRP HZ2  H N N 344 
TRP HZ3  H N N 345 
TRP HH2  H N N 346 
TRP HXT  H N N 347 
TYR N    N N N 348 
TYR CA   C N S 349 
TYR C    C N N 350 
TYR O    O N N 351 
TYR CB   C N N 352 
TYR CG   C Y N 353 
TYR CD1  C Y N 354 
TYR CD2  C Y N 355 
TYR CE1  C Y N 356 
TYR CE2  C Y N 357 
TYR CZ   C Y N 358 
TYR OH   O N N 359 
TYR OXT  O N N 360 
TYR H    H N N 361 
TYR H2   H N N 362 
TYR HA   H N N 363 
TYR HB2  H N N 364 
TYR HB3  H N N 365 
TYR HD1  H N N 366 
TYR HD2  H N N 367 
TYR HE1  H N N 368 
TYR HE2  H N N 369 
TYR HH   H N N 370 
TYR HXT  H N N 371 
VAL N    N N N 372 
VAL CA   C N S 373 
VAL C    C N N 374 
VAL O    O N N 375 
VAL CB   C N N 376 
VAL CG1  C N N 377 
VAL CG2  C N N 378 
VAL OXT  O N N 379 
VAL H    H N N 380 
VAL H2   H N N 381 
VAL HA   H N N 382 
VAL HB   H N N 383 
VAL HG11 H N N 384 
VAL HG12 H N N 385 
VAL HG13 H N N 386 
VAL HG21 H N N 387 
VAL HG22 H N N 388 
VAL HG23 H N N 389 
VAL HXT  H N N 390 
# 
loop_
_chem_comp_bond.comp_id 
_chem_comp_bond.atom_id_1 
_chem_comp_bond.atom_id_2 
_chem_comp_bond.value_order 
_chem_comp_bond.pdbx_aromatic_flag 
_chem_comp_bond.pdbx_stereo_config 
_chem_comp_bond.pdbx_ordinal 
ALA N   CA   sing N N 1   
ALA N   H    sing N N 2   
ALA N   H2   sing N N 3   
ALA CA  C    sing N N 4   
ALA CA  CB   sing N N 5   
ALA CA  HA   sing N N 6   
ALA C   O    doub N N 7   
ALA C   OXT  sing N N 8   
ALA CB  HB1  sing N N 9   
ALA CB  HB2  sing N N 10  
ALA CB  HB3  sing N N 11  
ALA OXT HXT  sing N N 12  
ARG N   CA   sing N N 13  
ARG N   H    sing N N 14  
ARG N   H2   sing N N 15  
ARG CA  C    sing N N 16  
ARG CA  CB   sing N N 17  
ARG CA  HA   sing N N 18  
ARG C   O    doub N N 19  
ARG C   OXT  sing N N 20  
ARG CB  CG   sing N N 21  
ARG CB  HB2  sing N N 22  
ARG CB  HB3  sing N N 23  
ARG CG  CD   sing N N 24  
ARG CG  HG2  sing N N 25  
ARG CG  HG3  sing N N 26  
ARG CD  NE   sing N N 27  
ARG CD  HD2  sing N N 28  
ARG CD  HD3  sing N N 29  
ARG NE  CZ   sing N N 30  
ARG NE  HE   sing N N 31  
ARG CZ  NH1  sing N N 32  
ARG CZ  NH2  doub N N 33  
ARG NH1 HH11 sing N N 34  
ARG NH1 HH12 sing N N 35  
ARG NH2 HH21 sing N N 36  
ARG NH2 HH22 sing N N 37  
ARG OXT HXT  sing N N 38  
ASN N   CA   sing N N 39  
ASN N   H    sing N N 40  
ASN N   H2   sing N N 41  
ASN CA  C    sing N N 42  
ASN CA  CB   sing N N 43  
ASN CA  HA   sing N N 44  
ASN C   O    doub N N 45  
ASN C   OXT  sing N N 46  
ASN CB  CG   sing N N 47  
ASN CB  HB2  sing N N 48  
ASN CB  HB3  sing N N 49  
ASN CG  OD1  doub N N 50  
ASN CG  ND2  sing N N 51  
ASN ND2 HD21 sing N N 52  
ASN ND2 HD22 sing N N 53  
ASN OXT HXT  sing N N 54  
ASP N   CA   sing N N 55  
ASP N   H    sing N N 56  
ASP N   H2   sing N N 57  
ASP CA  C    sing N N 58  
ASP CA  CB   sing N N 59  
ASP CA  HA   sing N N 60  
ASP C   O    doub N N 61  
ASP C   OXT  sing N N 62  
ASP CB  CG   sing N N 63  
ASP CB  HB2  sing N N 64  
ASP CB  HB3  sing N N 65  
ASP CG  OD1  doub N N 66  
ASP CG  OD2  sing N N 67  
ASP OD2 HD2  sing N N 68  
ASP OXT HXT  sing N N 69  
CYS N   CA   sing N N 70  
CYS N   H    sing N N 71  
CYS N   H2   sing N N 72  
CYS CA  C    sing N N 73  
CYS CA  CB   sing N N 74  
CYS CA  HA   sing N N 75  
CYS C   O    doub N N 76  
CYS C   OXT  sing N N 77  
CYS CB  SG   sing N N 78  
CYS CB  HB2  sing N N 79  
CYS CB  HB3  sing N N 80  
CYS SG  HG   sing N N 81  
CYS OXT HXT  sing N N 82  
GLN N   CA   sing N N 83  
GLN N   H    sing N N 84  
GLN N   H2   sing N N 85  
GLN CA  C    sing N N 86  
GLN CA  CB   sing N N 87  
GLN CA  HA   sing N N 88  
GLN C   O    doub N N 89  
GLN C   OXT  sing N N 90  
GLN CB  CG   sing N N 91  
GLN CB  HB2  sing N N 92  
GLN CB  HB3  sing N N 93  
GLN CG  CD   sing N N 94  
GLN CG  HG2  sing N N 95  
GLN CG  HG3  sing N N 96  
GLN CD  OE1  doub N N 97  
GLN CD  NE2  sing N N 98  
GLN NE2 HE21 sing N N 99  
GLN NE2 HE22 sing N N 100 
GLN OXT HXT  sing N N 101 
GLU N   CA   sing N N 102 
GLU N   H    sing N N 103 
GLU N   H2   sing N N 104 
GLU CA  C    sing N N 105 
GLU CA  CB   sing N N 106 
GLU CA  HA   sing N N 107 
GLU C   O    doub N N 108 
GLU C   OXT  sing N N 109 
GLU CB  CG   sing N N 110 
GLU CB  HB2  sing N N 111 
GLU CB  HB3  sing N N 112 
GLU CG  CD   sing N N 113 
GLU CG  HG2  sing N N 114 
GLU CG  HG3  sing N N 115 
GLU CD  OE1  doub N N 116 
GLU CD  OE2  sing N N 117 
GLU OE2 HE2  sing N N 118 
GLU OXT HXT  sing N N 119 
GLY N   CA   sing N N 120 
GLY N   H    sing N N 121 
GLY N   H2   sing N N 122 
GLY CA  C    sing N N 123 
GLY CA  HA2  sing N N 124 
GLY CA  HA3  sing N N 125 
GLY C   O    doub N N 126 
GLY C   OXT  sing N N 127 
GLY OXT HXT  sing N N 128 
HIS N   CA   sing N N 129 
HIS N   H    sing N N 130 
HIS N   H2   sing N N 131 
HIS CA  C    sing N N 132 
HIS CA  CB   sing N N 133 
HIS CA  HA   sing N N 134 
HIS C   O    doub N N 135 
HIS C   OXT  sing N N 136 
HIS CB  CG   sing N N 137 
HIS CB  HB2  sing N N 138 
HIS CB  HB3  sing N N 139 
HIS CG  ND1  sing Y N 140 
HIS CG  CD2  doub Y N 141 
HIS ND1 CE1  doub Y N 142 
HIS ND1 HD1  sing N N 143 
HIS CD2 NE2  sing Y N 144 
HIS CD2 HD2  sing N N 145 
HIS CE1 NE2  sing Y N 146 
HIS CE1 HE1  sing N N 147 
HIS NE2 HE2  sing N N 148 
HIS OXT HXT  sing N N 149 
HOH O   H1   sing N N 150 
HOH O   H2   sing N N 151 
ILE N   CA   sing N N 152 
ILE N   H    sing N N 153 
ILE N   H2   sing N N 154 
ILE CA  C    sing N N 155 
ILE CA  CB   sing N N 156 
ILE CA  HA   sing N N 157 
ILE C   O    doub N N 158 
ILE C   OXT  sing N N 159 
ILE CB  CG1  sing N N 160 
ILE CB  CG2  sing N N 161 
ILE CB  HB   sing N N 162 
ILE CG1 CD1  sing N N 163 
ILE CG1 HG12 sing N N 164 
ILE CG1 HG13 sing N N 165 
ILE CG2 HG21 sing N N 166 
ILE CG2 HG22 sing N N 167 
ILE CG2 HG23 sing N N 168 
ILE CD1 HD11 sing N N 169 
ILE CD1 HD12 sing N N 170 
ILE CD1 HD13 sing N N 171 
ILE OXT HXT  sing N N 172 
LEU N   CA   sing N N 173 
LEU N   H    sing N N 174 
LEU N   H2   sing N N 175 
LEU CA  C    sing N N 176 
LEU CA  CB   sing N N 177 
LEU CA  HA   sing N N 178 
LEU C   O    doub N N 179 
LEU C   OXT  sing N N 180 
LEU CB  CG   sing N N 181 
LEU CB  HB2  sing N N 182 
LEU CB  HB3  sing N N 183 
LEU CG  CD1  sing N N 184 
LEU CG  CD2  sing N N 185 
LEU CG  HG   sing N N 186 
LEU CD1 HD11 sing N N 187 
LEU CD1 HD12 sing N N 188 
LEU CD1 HD13 sing N N 189 
LEU CD2 HD21 sing N N 190 
LEU CD2 HD22 sing N N 191 
LEU CD2 HD23 sing N N 192 
LEU OXT HXT  sing N N 193 
LYS N   CA   sing N N 194 
LYS N   H    sing N N 195 
LYS N   H2   sing N N 196 
LYS CA  C    sing N N 197 
LYS CA  CB   sing N N 198 
LYS CA  HA   sing N N 199 
LYS C   O    doub N N 200 
LYS C   OXT  sing N N 201 
LYS CB  CG   sing N N 202 
LYS CB  HB2  sing N N 203 
LYS CB  HB3  sing N N 204 
LYS CG  CD   sing N N 205 
LYS CG  HG2  sing N N 206 
LYS CG  HG3  sing N N 207 
LYS CD  CE   sing N N 208 
LYS CD  HD2  sing N N 209 
LYS CD  HD3  sing N N 210 
LYS CE  NZ   sing N N 211 
LYS CE  HE2  sing N N 212 
LYS CE  HE3  sing N N 213 
LYS NZ  HZ1  sing N N 214 
LYS NZ  HZ2  sing N N 215 
LYS NZ  HZ3  sing N N 216 
LYS OXT HXT  sing N N 217 
MET N   CA   sing N N 218 
MET N   H    sing N N 219 
MET N   H2   sing N N 220 
MET CA  C    sing N N 221 
MET CA  CB   sing N N 222 
MET CA  HA   sing N N 223 
MET C   O    doub N N 224 
MET C   OXT  sing N N 225 
MET CB  CG   sing N N 226 
MET CB  HB2  sing N N 227 
MET CB  HB3  sing N N 228 
MET CG  SD   sing N N 229 
MET CG  HG2  sing N N 230 
MET CG  HG3  sing N N 231 
MET SD  CE   sing N N 232 
MET CE  HE1  sing N N 233 
MET CE  HE2  sing N N 234 
MET CE  HE3  sing N N 235 
MET OXT HXT  sing N N 236 
PHE N   CA   sing N N 237 
PHE N   H    sing N N 238 
PHE N   H2   sing N N 239 
PHE CA  C    sing N N 240 
PHE CA  CB   sing N N 241 
PHE CA  HA   sing N N 242 
PHE C   O    doub N N 243 
PHE C   OXT  sing N N 244 
PHE CB  CG   sing N N 245 
PHE CB  HB2  sing N N 246 
PHE CB  HB3  sing N N 247 
PHE CG  CD1  doub Y N 248 
PHE CG  CD2  sing Y N 249 
PHE CD1 CE1  sing Y N 250 
PHE CD1 HD1  sing N N 251 
PHE CD2 CE2  doub Y N 252 
PHE CD2 HD2  sing N N 253 
PHE CE1 CZ   doub Y N 254 
PHE CE1 HE1  sing N N 255 
PHE CE2 CZ   sing Y N 256 
PHE CE2 HE2  sing N N 257 
PHE CZ  HZ   sing N N 258 
PHE OXT HXT  sing N N 259 
PRO N   CA   sing N N 260 
PRO N   CD   sing N N 261 
PRO N   H    sing N N 262 
PRO CA  C    sing N N 263 
PRO CA  CB   sing N N 264 
PRO CA  HA   sing N N 265 
PRO C   O    doub N N 266 
PRO C   OXT  sing N N 267 
PRO CB  CG   sing N N 268 
PRO CB  HB2  sing N N 269 
PRO CB  HB3  sing N N 270 
PRO CG  CD   sing N N 271 
PRO CG  HG2  sing N N 272 
PRO CG  HG3  sing N N 273 
PRO CD  HD2  sing N N 274 
PRO CD  HD3  sing N N 275 
PRO OXT HXT  sing N N 276 
SER N   CA   sing N N 277 
SER N   H    sing N N 278 
SER N   H2   sing N N 279 
SER CA  C    sing N N 280 
SER CA  CB   sing N N 281 
SER CA  HA   sing N N 282 
SER C   O    doub N N 283 
SER C   OXT  sing N N 284 
SER CB  OG   sing N N 285 
SER CB  HB2  sing N N 286 
SER CB  HB3  sing N N 287 
SER OG  HG   sing N N 288 
SER OXT HXT  sing N N 289 
THR N   CA   sing N N 290 
THR N   H    sing N N 291 
THR N   H2   sing N N 292 
THR CA  C    sing N N 293 
THR CA  CB   sing N N 294 
THR CA  HA   sing N N 295 
THR C   O    doub N N 296 
THR C   OXT  sing N N 297 
THR CB  OG1  sing N N 298 
THR CB  CG2  sing N N 299 
THR CB  HB   sing N N 300 
THR OG1 HG1  sing N N 301 
THR CG2 HG21 sing N N 302 
THR CG2 HG22 sing N N 303 
THR CG2 HG23 sing N N 304 
THR OXT HXT  sing N N 305 
TRP N   CA   sing N N 306 
TRP N   H    sing N N 307 
TRP N   H2   sing N N 308 
TRP CA  C    sing N N 309 
TRP CA  CB   sing N N 310 
TRP CA  HA   sing N N 311 
TRP C   O    doub N N 312 
TRP C   OXT  sing N N 313 
TRP CB  CG   sing N N 314 
TRP CB  HB2  sing N N 315 
TRP CB  HB3  sing N N 316 
TRP CG  CD1  doub Y N 317 
TRP CG  CD2  sing Y N 318 
TRP CD1 NE1  sing Y N 319 
TRP CD1 HD1  sing N N 320 
TRP CD2 CE2  doub Y N 321 
TRP CD2 CE3  sing Y N 322 
TRP NE1 CE2  sing Y N 323 
TRP NE1 HE1  sing N N 324 
TRP CE2 CZ2  sing Y N 325 
TRP CE3 CZ3  doub Y N 326 
TRP CE3 HE3  sing N N 327 
TRP CZ2 CH2  doub Y N 328 
TRP CZ2 HZ2  sing N N 329 
TRP CZ3 CH2  sing Y N 330 
TRP CZ3 HZ3  sing N N 331 
TRP CH2 HH2  sing N N 332 
TRP OXT HXT  sing N N 333 
TYR N   CA   sing N N 334 
TYR N   H    sing N N 335 
TYR N   H2   sing N N 336 
TYR CA  C    sing N N 337 
TYR CA  CB   sing N N 338 
TYR CA  HA   sing N N 339 
TYR C   O    doub N N 340 
TYR C   OXT  sing N N 341 
TYR CB  CG   sing N N 342 
TYR CB  HB2  sing N N 343 
TYR CB  HB3  sing N N 344 
TYR CG  CD1  doub Y N 345 
TYR CG  CD2  sing Y N 346 
TYR CD1 CE1  sing Y N 347 
TYR CD1 HD1  sing N N 348 
TYR CD2 CE2  doub Y N 349 
TYR CD2 HD2  sing N N 350 
TYR CE1 CZ   doub Y N 351 
TYR CE1 HE1  sing N N 352 
TYR CE2 CZ   sing Y N 353 
TYR CE2 HE2  sing N N 354 
TYR CZ  OH   sing N N 355 
TYR OH  HH   sing N N 356 
TYR OXT HXT  sing N N 357 
VAL N   CA   sing N N 358 
VAL N   H    sing N N 359 
VAL N   H2   sing N N 360 
VAL CA  C    sing N N 361 
VAL CA  CB   sing N N 362 
VAL CA  HA   sing N N 363 
VAL C   O    doub N N 364 
VAL C   OXT  sing N N 365 
VAL CB  CG1  sing N N 366 
VAL CB  CG2  sing N N 367 
VAL CB  HB   sing N N 368 
VAL CG1 HG11 sing N N 369 
VAL CG1 HG12 sing N N 370 
VAL CG1 HG13 sing N N 371 
VAL CG2 HG21 sing N N 372 
VAL CG2 HG22 sing N N 373 
VAL CG2 HG23 sing N N 374 
VAL OXT HXT  sing N N 375 
# 
_pdbx_initial_refinement_model.id               1 
_pdbx_initial_refinement_model.entity_id_list   ? 
_pdbx_initial_refinement_model.type             'experimental model' 
_pdbx_initial_refinement_model.source_name      PDB 
_pdbx_initial_refinement_model.accession_code   1KNG 
_pdbx_initial_refinement_model.details          'PDB ENTRY 1KNG' 
# 
_atom_sites.entry_id                    2B1K 
_atom_sites.fract_transf_matrix[1][1]   0.00409528 
_atom_sites.fract_transf_matrix[1][2]   -0.02667762 
_atom_sites.fract_transf_matrix[1][3]   0.00811262 
_atom_sites.fract_transf_matrix[2][1]   -0.00617899 
_atom_sites.fract_transf_matrix[2][2]   0.00484678 
_atom_sites.fract_transf_matrix[2][3]   0.01905737 
_atom_sites.fract_transf_matrix[3][1]   -0.01112219 
_atom_sites.fract_transf_matrix[3][2]   -0.00260270 
_atom_sites.fract_transf_matrix[3][3]   -0.00294423 
_atom_sites.fract_transf_vector[1]      0.602249 
_atom_sites.fract_transf_vector[2]      -0.064102 
_atom_sites.fract_transf_vector[3]      0.622486 
# 
loop_
_atom_type.symbol 
C 
N 
O 
S 
# 
loop_
_atom_site.group_PDB 
_atom_site.id 
_atom_site.type_symbol 
_atom_site.label_atom_id 
_atom_site.label_alt_id 
_atom_site.label_comp_id 
_atom_site.label_asym_id 
_atom_site.label_entity_id 
_atom_site.label_seq_id 
_atom_site.pdbx_PDB_ins_code 
_atom_site.Cartn_x 
_atom_site.Cartn_y 
_atom_site.Cartn_z 
_atom_site.occupancy 
_atom_site.B_iso_or_equiv 
_atom_site.pdbx_formal_charge 
_atom_site.auth_seq_id 
_atom_site.auth_comp_id 
_atom_site.auth_asym_id 
_atom_site.auth_atom_id 
_atom_site.pdbx_PDB_model_num 
ATOM   1    N N   . LEU A 1 19  ? -13.491 -4.618  1.630   1.00 62.31 ? 36  LEU A N   1 
ATOM   2    C CA  . LEU A 1 19  ? -14.624 -5.033  2.508   1.00 62.47 ? 36  LEU A CA  1 
ATOM   3    C C   . LEU A 1 19  ? -14.446 -4.376  3.877   1.00 62.11 ? 36  LEU A C   1 
ATOM   4    O O   . LEU A 1 19  ? -13.695 -3.408  4.013   1.00 62.36 ? 36  LEU A O   1 
ATOM   5    C CB  . LEU A 1 19  ? -14.647 -6.559  2.653   1.00 63.18 ? 36  LEU A CB  1 
ATOM   6    C CG  . LEU A 1 19  ? -16.003 -7.278  2.612   1.00 64.30 ? 36  LEU A CG  1 
ATOM   7    C CD1 . LEU A 1 19  ? -15.773 -8.780  2.734   1.00 64.43 ? 36  LEU A CD1 1 
ATOM   8    C CD2 . LEU A 1 19  ? -16.914 -6.787  3.728   1.00 64.23 ? 36  LEU A CD2 1 
ATOM   9    N N   . GLU A 1 20  ? -15.130 -4.902  4.889   1.00 60.76 ? 37  GLU A N   1 
ATOM   10   C CA  . GLU A 1 20  ? -15.037 -4.338  6.229   1.00 58.82 ? 37  GLU A CA  1 
ATOM   11   C C   . GLU A 1 20  ? -13.775 -4.779  6.957   1.00 55.88 ? 37  GLU A C   1 
ATOM   12   O O   . GLU A 1 20  ? -13.225 -5.851  6.691   1.00 55.80 ? 37  GLU A O   1 
ATOM   13   C CB  . GLU A 1 20  ? -16.267 -4.710  7.062   1.00 60.80 ? 37  GLU A CB  1 
ATOM   14   C CG  . GLU A 1 20  ? -16.262 -4.087  8.453   1.00 62.90 ? 37  GLU A CG  1 
ATOM   15   C CD  . GLU A 1 20  ? -16.192 -2.564  8.417   1.00 64.31 ? 37  GLU A CD  1 
ATOM   16   O OE1 . GLU A 1 20  ? -15.917 -1.952  9.472   1.00 63.64 ? 37  GLU A OE1 1 
ATOM   17   O OE2 . GLU A 1 20  ? -16.418 -1.978  7.334   1.00 65.29 ? 37  GLU A OE2 1 
ATOM   18   N N   . SER A 1 21  ? -13.326 -3.939  7.883   1.00 51.28 ? 38  SER A N   1 
ATOM   19   C CA  . SER A 1 21  ? -12.129 -4.219  8.658   1.00 46.28 ? 38  SER A CA  1 
ATOM   20   C C   . SER A 1 21  ? -12.320 -3.868  10.127  1.00 42.97 ? 38  SER A C   1 
ATOM   21   O O   . SER A 1 21  ? -12.990 -2.895  10.469  1.00 42.52 ? 38  SER A O   1 
ATOM   22   C CB  . SER A 1 21  ? -10.941 -3.432  8.095   1.00 45.59 ? 38  SER A CB  1 
ATOM   23   O OG  . SER A 1 21  ? -9.817  -3.515  8.953   1.00 40.99 ? 38  SER A OG  1 
ATOM   24   N N   . ALA A 1 22  ? -11.718 -4.673  10.990  1.00 39.88 ? 39  ALA A N   1 
ATOM   25   C CA  . ALA A 1 22  ? -11.801 -4.458  12.421  1.00 36.86 ? 39  ALA A CA  1 
ATOM   26   C C   . ALA A 1 22  ? -10.666 -3.539  12.851  1.00 33.81 ? 39  ALA A C   1 
ATOM   27   O O   . ALA A 1 22  ? -10.509 -3.241  14.035  1.00 32.71 ? 39  ALA A O   1 
ATOM   28   C CB  . ALA A 1 22  ? -11.697 -5.795  13.146  1.00 38.35 ? 39  ALA A CB  1 
ATOM   29   N N   . LEU A 1 23  ? -9.876  -3.089  11.881  1.00 30.69 ? 40  LEU A N   1 
ATOM   30   C CA  . LEU A 1 23  ? -8.745  -2.218  12.176  1.00 26.77 ? 40  LEU A CA  1 
ATOM   31   C C   . LEU A 1 23  ? -9.038  -0.734  12.001  1.00 24.06 ? 40  LEU A C   1 
ATOM   32   O O   . LEU A 1 23  ? -8.207  0.106   12.346  1.00 23.47 ? 40  LEU A O   1 
ATOM   33   C CB  . LEU A 1 23  ? -7.540  -2.610  11.317  1.00 27.13 ? 40  LEU A CB  1 
ATOM   34   C CG  . LEU A 1 23  ? -6.872  -3.939  11.693  1.00 29.63 ? 40  LEU A CG  1 
ATOM   35   C CD1 . LEU A 1 23  ? -5.730  -4.237  10.742  1.00 28.43 ? 40  LEU A CD1 1 
ATOM   36   C CD2 . LEU A 1 23  ? -6.354  -3.863  13.123  1.00 29.46 ? 40  LEU A CD2 1 
ATOM   37   N N   . ILE A 1 24  ? -10.209 -0.400  11.471  1.00 21.72 ? 41  ILE A N   1 
ATOM   38   C CA  . ILE A 1 24  ? -10.539 1.007   11.293  1.00 21.18 ? 41  ILE A CA  1 
ATOM   39   C C   . ILE A 1 24  ? -10.514 1.694   12.657  1.00 20.60 ? 41  ILE A C   1 
ATOM   40   O O   . ILE A 1 24  ? -11.200 1.271   13.588  1.00 20.08 ? 41  ILE A O   1 
ATOM   41   C CB  . ILE A 1 24  ? -11.934 1.202   10.678  1.00 22.17 ? 41  ILE A CB  1 
ATOM   42   C CG1 . ILE A 1 24  ? -12.075 0.367   9.400   1.00 24.99 ? 41  ILE A CG1 1 
ATOM   43   C CG2 . ILE A 1 24  ? -12.154 2.679   10.373  1.00 22.36 ? 41  ILE A CG2 1 
ATOM   44   C CD1 . ILE A 1 24  ? -11.065 0.690   8.321   1.00 25.81 ? 41  ILE A CD1 1 
ATOM   45   N N   . GLY A 1 25  ? -9.713  2.749   12.768  1.00 18.84 ? 42  GLY A N   1 
ATOM   46   C CA  . GLY A 1 25  ? -9.615  3.477   14.017  1.00 17.23 ? 42  GLY A CA  1 
ATOM   47   C C   . GLY A 1 25  ? -8.476  2.986   14.887  1.00 19.71 ? 42  GLY A C   1 
ATOM   48   O O   . GLY A 1 25  ? -8.208  3.546   15.949  1.00 19.53 ? 42  GLY A O   1 
ATOM   49   N N   . LYS A 1 26  ? -7.797  1.935   14.442  1.00 19.79 ? 43  LYS A N   1 
ATOM   50   C CA  . LYS A 1 26  ? -6.685  1.386   15.205  1.00 22.05 ? 43  LYS A CA  1 
ATOM   51   C C   . LYS A 1 26  ? -5.349  1.641   14.515  1.00 22.15 ? 43  LYS A C   1 
ATOM   52   O O   . LYS A 1 26  ? -5.289  1.849   13.306  1.00 19.20 ? 43  LYS A O   1 
ATOM   53   C CB  . LYS A 1 26  ? -6.875  -0.120  15.405  1.00 24.40 ? 43  LYS A CB  1 
ATOM   54   C CG  . LYS A 1 26  ? -8.147  -0.488  16.157  1.00 29.69 ? 43  LYS A CG  1 
ATOM   55   C CD  . LYS A 1 26  ? -8.267  -1.995  16.326  1.00 33.35 ? 43  LYS A CD  1 
ATOM   56   C CE  . LYS A 1 26  ? -9.593  -2.380  16.964  1.00 37.89 ? 43  LYS A CE  1 
ATOM   57   N NZ  . LYS A 1 26  ? -9.737  -1.797  18.325  1.00 41.20 ? 43  LYS A NZ  1 
ATOM   58   N N   . PRO A 1 27  ? -4.254  1.642   15.289  1.00 22.96 ? 44  PRO A N   1 
ATOM   59   C CA  . PRO A 1 27  ? -2.941  1.876   14.688  1.00 22.34 ? 44  PRO A CA  1 
ATOM   60   C C   . PRO A 1 27  ? -2.454  0.665   13.899  1.00 22.28 ? 44  PRO A C   1 
ATOM   61   O O   . PRO A 1 27  ? -2.936  -0.454  14.088  1.00 20.73 ? 44  PRO A O   1 
ATOM   62   C CB  . PRO A 1 27  ? -2.060  2.193   15.896  1.00 23.54 ? 44  PRO A CB  1 
ATOM   63   C CG  . PRO A 1 27  ? -2.692  1.396   16.991  1.00 26.07 ? 44  PRO A CG  1 
ATOM   64   C CD  . PRO A 1 27  ? -4.169  1.613   16.760  1.00 24.41 ? 44  PRO A CD  1 
ATOM   65   N N   . VAL A 1 28  ? -1.506  0.897   13.001  1.00 21.01 ? 45  VAL A N   1 
ATOM   66   C CA  . VAL A 1 28  ? -0.955  -0.177  12.194  1.00 22.69 ? 45  VAL A CA  1 
ATOM   67   C C   . VAL A 1 28  ? -0.245  -1.183  13.103  1.00 23.37 ? 45  VAL A C   1 
ATOM   68   O O   . VAL A 1 28  ? 0.432   -0.800  14.055  1.00 23.61 ? 45  VAL A O   1 
ATOM   69   C CB  . VAL A 1 28  ? 0.045   0.381   11.152  1.00 23.93 ? 45  VAL A CB  1 
ATOM   70   C CG1 . VAL A 1 28  ? 0.756   -0.756  10.434  1.00 25.18 ? 45  VAL A CG1 1 
ATOM   71   C CG2 . VAL A 1 28  ? -0.696  1.247   10.149  1.00 23.24 ? 45  VAL A CG2 1 
ATOM   72   N N   . PRO A 1 29  ? -0.414  -2.482  12.833  1.00 24.46 ? 46  PRO A N   1 
ATOM   73   C CA  . PRO A 1 29  ? 0.220   -3.536  13.633  1.00 25.09 ? 46  PRO A CA  1 
ATOM   74   C C   . PRO A 1 29  ? 1.750   -3.452  13.584  1.00 25.74 ? 46  PRO A C   1 
ATOM   75   O O   . PRO A 1 29  ? 2.321   -3.016  12.580  1.00 25.22 ? 46  PRO A O   1 
ATOM   76   C CB  . PRO A 1 29  ? -0.301  -4.816  12.983  1.00 26.07 ? 46  PRO A CB  1 
ATOM   77   C CG  . PRO A 1 29  ? -1.660  -4.406  12.483  1.00 27.25 ? 46  PRO A CG  1 
ATOM   78   C CD  . PRO A 1 29  ? -1.378  -3.056  11.878  1.00 25.90 ? 46  PRO A CD  1 
ATOM   79   N N   . LYS A 1 30  ? 2.405   -3.865  14.667  1.00 25.11 ? 47  LYS A N   1 
ATOM   80   C CA  . LYS A 1 30  ? 3.864   -3.851  14.731  1.00 24.97 ? 47  LYS A CA  1 
ATOM   81   C C   . LYS A 1 30  ? 4.411   -4.882  13.752  1.00 23.96 ? 47  LYS A C   1 
ATOM   82   O O   . LYS A 1 30  ? 3.825   -5.949  13.555  1.00 22.63 ? 47  LYS A O   1 
ATOM   83   C CB  . LYS A 1 30  ? 4.359   -4.202  16.136  1.00 29.87 ? 47  LYS A CB  1 
ATOM   84   C CG  . LYS A 1 30  ? 3.748   -3.383  17.255  1.00 34.99 ? 47  LYS A CG  1 
ATOM   85   C CD  . LYS A 1 30  ? 4.051   -1.899  17.112  1.00 40.11 ? 47  LYS A CD  1 
ATOM   86   C CE  . LYS A 1 30  ? 3.386   -1.105  18.237  1.00 43.19 ? 47  LYS A CE  1 
ATOM   87   N NZ  . LYS A 1 30  ? 3.655   0.360   18.150  1.00 44.19 ? 47  LYS A NZ  1 
ATOM   88   N N   . PHE A 1 31  ? 5.543   -4.567  13.139  1.00 21.68 ? 48  PHE A N   1 
ATOM   89   C CA  . PHE A 1 31  ? 6.141   -5.489  12.193  1.00 20.11 ? 48  PHE A CA  1 
ATOM   90   C C   . PHE A 1 31  ? 7.582   -5.102  11.942  1.00 20.73 ? 48  PHE A C   1 
ATOM   91   O O   . PHE A 1 31  ? 8.029   -4.023  12.332  1.00 21.70 ? 48  PHE A O   1 
ATOM   92   C CB  . PHE A 1 31  ? 5.356   -5.483  10.869  1.00 19.95 ? 48  PHE A CB  1 
ATOM   93   C CG  . PHE A 1 31  ? 5.428   -4.174  10.111  1.00 19.07 ? 48  PHE A CG  1 
ATOM   94   C CD1 . PHE A 1 31  ? 6.569   -3.831  9.386   1.00 17.57 ? 48  PHE A CD1 1 
ATOM   95   C CD2 . PHE A 1 31  ? 4.351   -3.289  10.117  1.00 17.00 ? 48  PHE A CD2 1 
ATOM   96   C CE1 . PHE A 1 31  ? 6.636   -2.631  8.679   1.00 17.29 ? 48  PHE A CE1 1 
ATOM   97   C CE2 . PHE A 1 31  ? 4.408   -2.085  9.414   1.00 16.69 ? 48  PHE A CE2 1 
ATOM   98   C CZ  . PHE A 1 31  ? 5.555   -1.755  8.693   1.00 18.92 ? 48  PHE A CZ  1 
ATOM   99   N N   . ARG A 1 32  ? 8.302   -6.006  11.296  1.00 21.42 ? 49  ARG A N   1 
ATOM   100  C CA  . ARG A 1 32  ? 9.690   -5.784  10.934  1.00 22.53 ? 49  ARG A CA  1 
ATOM   101  C C   . ARG A 1 32  ? 9.837   -6.520  9.615   1.00 22.01 ? 49  ARG A C   1 
ATOM   102  O O   . ARG A 1 32  ? 9.921   -7.748  9.584   1.00 22.99 ? 49  ARG A O   1 
ATOM   103  C CB  . ARG A 1 32  ? 10.634  -6.368  11.987  1.00 26.33 ? 49  ARG A CB  1 
ATOM   104  C CG  . ARG A 1 32  ? 12.086  -5.983  11.769  1.00 30.78 ? 49  ARG A CG  1 
ATOM   105  C CD  . ARG A 1 32  ? 12.899  -6.100  13.053  1.00 33.98 ? 49  ARG A CD  1 
ATOM   106  N NE  . ARG A 1 32  ? 14.283  -5.667  12.868  1.00 35.99 ? 49  ARG A NE  1 
ATOM   107  C CZ  . ARG A 1 32  ? 15.195  -6.336  12.164  1.00 36.46 ? 49  ARG A CZ  1 
ATOM   108  N NH1 . ARG A 1 32  ? 14.873  -7.482  11.575  1.00 38.11 ? 49  ARG A NH1 1 
ATOM   109  N NH2 . ARG A 1 32  ? 16.426  -5.854  12.044  1.00 35.10 ? 49  ARG A NH2 1 
ATOM   110  N N   . LEU A 1 33  ? 9.827   -5.764  8.524   1.00 19.70 ? 50  LEU A N   1 
ATOM   111  C CA  . LEU A 1 33  ? 9.931   -6.349  7.195   1.00 17.59 ? 50  LEU A CA  1 
ATOM   112  C C   . LEU A 1 33  ? 11.124  -5.815  6.431   1.00 18.05 ? 50  LEU A C   1 
ATOM   113  O O   . LEU A 1 33  ? 11.533  -4.663  6.603   1.00 16.85 ? 50  LEU A O   1 
ATOM   114  C CB  . LEU A 1 33  ? 8.662   -6.062  6.388   1.00 17.53 ? 50  LEU A CB  1 
ATOM   115  C CG  . LEU A 1 33  ? 7.358   -6.710  6.861   1.00 18.71 ? 50  LEU A CG  1 
ATOM   116  C CD1 . LEU A 1 33  ? 6.243   -6.327  5.908   1.00 18.73 ? 50  LEU A CD1 1 
ATOM   117  C CD2 . LEU A 1 33  ? 7.516   -8.225  6.907   1.00 17.07 ? 50  LEU A CD2 1 
ATOM   118  N N   . GLU A 1 34  ? 11.672  -6.658  5.572   1.00 17.94 ? 51  GLU A N   1 
ATOM   119  C CA  . GLU A 1 34  ? 12.813  -6.273  4.761   1.00 19.01 ? 51  GLU A CA  1 
ATOM   120  C C   . GLU A 1 34  ? 12.347  -5.450  3.559   1.00 18.66 ? 51  GLU A C   1 
ATOM   121  O O   . GLU A 1 34  ? 11.247  -5.658  3.036   1.00 18.56 ? 51  GLU A O   1 
ATOM   122  C CB  . GLU A 1 34  ? 13.549  -7.528  4.277   1.00 18.74 ? 51  GLU A CB  1 
ATOM   123  C CG  . GLU A 1 34  ? 14.782  -7.236  3.438   1.00 18.48 ? 51  GLU A CG  1 
ATOM   124  C CD  . GLU A 1 34  ? 15.499  -8.493  2.989   1.00 19.11 ? 51  GLU A CD  1 
ATOM   125  O OE1 . GLU A 1 34  ? 14.915  -9.593  3.092   1.00 20.04 ? 51  GLU A OE1 1 
ATOM   126  O OE2 . GLU A 1 34  ? 16.650  -8.378  2.524   1.00 19.06 ? 51  GLU A OE2 1 
ATOM   127  N N   . SER A 1 35  ? 13.175  -4.497  3.148   1.00 18.44 ? 52  SER A N   1 
ATOM   128  C CA  . SER A 1 35  ? 12.880  -3.665  1.988   1.00 20.30 ? 52  SER A CA  1 
ATOM   129  C C   . SER A 1 35  ? 12.966  -4.577  0.769   1.00 21.56 ? 52  SER A C   1 
ATOM   130  O O   . SER A 1 35  ? 13.893  -5.380  0.663   1.00 20.05 ? 52  SER A O   1 
ATOM   131  C CB  . SER A 1 35  ? 13.919  -2.550  1.852   1.00 21.08 ? 52  SER A CB  1 
ATOM   132  O OG  . SER A 1 35  ? 13.849  -1.959  0.562   1.00 23.83 ? 52  SER A OG  1 
ATOM   133  N N   . LEU A 1 36  ? 12.011  -4.456  -0.148  1.00 22.90 ? 53  LEU A N   1 
ATOM   134  C CA  . LEU A 1 36  ? 12.003  -5.297  -1.346  1.00 25.08 ? 53  LEU A CA  1 
ATOM   135  C C   . LEU A 1 36  ? 13.221  -5.079  -2.234  1.00 27.53 ? 53  LEU A C   1 
ATOM   136  O O   . LEU A 1 36  ? 13.851  -6.042  -2.677  1.00 27.95 ? 53  LEU A O   1 
ATOM   137  C CB  . LEU A 1 36  ? 10.738  -5.043  -2.175  1.00 24.46 ? 53  LEU A CB  1 
ATOM   138  C CG  . LEU A 1 36  ? 10.659  -5.732  -3.546  1.00 26.83 ? 53  LEU A CG  1 
ATOM   139  C CD1 . LEU A 1 36  ? 10.548  -7.242  -3.375  1.00 26.15 ? 53  LEU A CD1 1 
ATOM   140  C CD2 . LEU A 1 36  ? 9.458   -5.197  -4.313  1.00 23.18 ? 53  LEU A CD2 1 
ATOM   141  N N   . ASP A 1 37  ? 13.556  -3.818  -2.492  1.00 27.04 ? 54  ASP A N   1 
ATOM   142  C CA  . ASP A 1 37  ? 14.684  -3.509  -3.361  1.00 28.79 ? 54  ASP A CA  1 
ATOM   143  C C   . ASP A 1 37  ? 15.964  -3.043  -2.674  1.00 29.20 ? 54  ASP A C   1 
ATOM   144  O O   . ASP A 1 37  ? 16.911  -2.625  -3.344  1.00 28.84 ? 54  ASP A O   1 
ATOM   145  C CB  . ASP A 1 37  ? 14.259  -2.489  -4.428  1.00 32.39 ? 54  ASP A CB  1 
ATOM   146  C CG  . ASP A 1 37  ? 13.398  -1.364  -3.868  1.00 35.24 ? 54  ASP A CG  1 
ATOM   147  O OD1 . ASP A 1 37  ? 13.038  -0.461  -4.650  1.00 35.61 ? 54  ASP A OD1 1 
ATOM   148  O OD2 . ASP A 1 37  ? 13.074  -1.378  -2.659  1.00 37.10 ? 54  ASP A OD2 1 
ATOM   149  N N   . ASN A 1 38  ? 15.995  -3.126  -1.346  1.00 27.36 ? 55  ASN A N   1 
ATOM   150  C CA  . ASN A 1 38  ? 17.170  -2.740  -0.567  1.00 25.87 ? 55  ASN A CA  1 
ATOM   151  C C   . ASN A 1 38  ? 17.468  -3.844  0.441   1.00 23.75 ? 55  ASN A C   1 
ATOM   152  O O   . ASN A 1 38  ? 17.249  -3.683  1.643   1.00 21.69 ? 55  ASN A O   1 
ATOM   153  C CB  . ASN A 1 38  ? 16.920  -1.429  0.170   1.00 30.36 ? 55  ASN A CB  1 
ATOM   154  C CG  . ASN A 1 38  ? 16.820  -0.250  -0.768  1.00 34.15 ? 55  ASN A CG  1 
ATOM   155  O OD1 . ASN A 1 38  ? 17.800  0.136   -1.404  1.00 35.03 ? 55  ASN A OD1 1 
ATOM   156  N ND2 . ASN A 1 38  ? 15.626  0.327   -0.866  1.00 37.04 ? 55  ASN A ND2 1 
ATOM   157  N N   . PRO A 1 39  ? 17.989  -4.980  -0.044  1.00 21.22 ? 56  PRO A N   1 
ATOM   158  C CA  . PRO A 1 39  ? 18.324  -6.140  0.788   1.00 19.28 ? 56  PRO A CA  1 
ATOM   159  C C   . PRO A 1 39  ? 19.064  -5.746  2.055   1.00 18.51 ? 56  PRO A C   1 
ATOM   160  O O   . PRO A 1 39  ? 19.985  -4.939  2.006   1.00 18.15 ? 56  PRO A O   1 
ATOM   161  C CB  . PRO A 1 39  ? 19.203  -6.984  -0.130  1.00 21.30 ? 56  PRO A CB  1 
ATOM   162  C CG  . PRO A 1 39  ? 18.724  -6.629  -1.490  1.00 22.65 ? 56  PRO A CG  1 
ATOM   163  C CD  . PRO A 1 39  ? 18.529  -5.142  -1.403  1.00 18.84 ? 56  PRO A CD  1 
ATOM   164  N N   . GLY A 1 40  ? 18.661  -6.311  3.186   1.00 19.02 ? 57  GLY A N   1 
ATOM   165  C CA  . GLY A 1 40  ? 19.352  -6.006  4.428   1.00 20.44 ? 57  GLY A CA  1 
ATOM   166  C C   . GLY A 1 40  ? 18.799  -4.840  5.218   1.00 20.62 ? 57  GLY A C   1 
ATOM   167  O O   . GLY A 1 40  ? 19.117  -4.693  6.395   1.00 22.38 ? 57  GLY A O   1 
ATOM   168  N N   . GLN A 1 41  ? 17.993  -4.001  4.577   1.00 20.48 ? 58  GLN A N   1 
ATOM   169  C CA  . GLN A 1 41  ? 17.384  -2.867  5.262   1.00 22.42 ? 58  GLN A CA  1 
ATOM   170  C C   . GLN A 1 41  ? 15.997  -3.295  5.711   1.00 21.31 ? 58  GLN A C   1 
ATOM   171  O O   . GLN A 1 41  ? 15.181  -3.714  4.894   1.00 20.19 ? 58  GLN A O   1 
ATOM   172  C CB  . GLN A 1 41  ? 17.273  -1.663  4.325   1.00 26.73 ? 58  GLN A CB  1 
ATOM   173  C CG  . GLN A 1 41  ? 18.597  -0.974  4.045   1.00 36.78 ? 58  GLN A CG  1 
ATOM   174  C CD  . GLN A 1 41  ? 18.475  0.125   3.001   1.00 42.17 ? 58  GLN A CD  1 
ATOM   175  O OE1 . GLN A 1 41  ? 17.601  0.995   3.091   1.00 45.62 ? 58  GLN A OE1 1 
ATOM   176  N NE2 . GLN A 1 41  ? 19.356  0.094   2.006   1.00 44.63 ? 58  GLN A NE2 1 
ATOM   177  N N   . PHE A 1 42  ? 15.745  -3.208  7.012   1.00 21.82 ? 59  PHE A N   1 
ATOM   178  C CA  . PHE A 1 42  ? 14.453  -3.589  7.571   1.00 22.06 ? 59  PHE A CA  1 
ATOM   179  C C   . PHE A 1 42  ? 13.697  -2.363  8.072   1.00 23.02 ? 59  PHE A C   1 
ATOM   180  O O   . PHE A 1 42  ? 14.298  -1.407  8.564   1.00 22.64 ? 59  PHE A O   1 
ATOM   181  C CB  . PHE A 1 42  ? 14.635  -4.594  8.715   1.00 21.51 ? 59  PHE A CB  1 
ATOM   182  C CG  . PHE A 1 42  ? 15.199  -5.916  8.269   1.00 22.68 ? 59  PHE A CG  1 
ATOM   183  C CD1 . PHE A 1 42  ? 16.562  -6.060  8.021   1.00 23.50 ? 59  PHE A CD1 1 
ATOM   184  C CD2 . PHE A 1 42  ? 14.362  -7.006  8.053   1.00 21.80 ? 59  PHE A CD2 1 
ATOM   185  C CE1 . PHE A 1 42  ? 17.084  -7.269  7.563   1.00 20.96 ? 59  PHE A CE1 1 
ATOM   186  C CE2 . PHE A 1 42  ? 14.875  -8.223  7.592   1.00 22.21 ? 59  PHE A CE2 1 
ATOM   187  C CZ  . PHE A 1 42  ? 16.238  -8.351  7.348   1.00 22.92 ? 59  PHE A CZ  1 
ATOM   188  N N   . TYR A 1 43  ? 12.377  -2.404  7.935   1.00 21.96 ? 60  TYR A N   1 
ATOM   189  C CA  . TYR A 1 43  ? 11.523  -1.306  8.356   1.00 24.11 ? 60  TYR A CA  1 
ATOM   190  C C   . TYR A 1 43  ? 10.524  -1.753  9.395   1.00 23.32 ? 60  TYR A C   1 
ATOM   191  O O   . TYR A 1 43  ? 10.178  -2.929  9.477   1.00 19.73 ? 60  TYR A O   1 
ATOM   192  C CB  . TYR A 1 43  ? 10.781  -0.730  7.151   1.00 27.15 ? 60  TYR A CB  1 
ATOM   193  C CG  . TYR A 1 43  ? 11.693  0.011   6.215   1.00 31.05 ? 60  TYR A CG  1 
ATOM   194  C CD1 . TYR A 1 43  ? 12.220  1.251   6.571   1.00 33.37 ? 60  TYR A CD1 1 
ATOM   195  C CD2 . TYR A 1 43  ? 12.090  -0.553  5.006   1.00 32.88 ? 60  TYR A CD2 1 
ATOM   196  C CE1 . TYR A 1 43  ? 13.127  1.911   5.749   1.00 36.40 ? 60  TYR A CE1 1 
ATOM   197  C CE2 . TYR A 1 43  ? 12.999  0.096   4.176   1.00 36.55 ? 60  TYR A CE2 1 
ATOM   198  C CZ  . TYR A 1 43  ? 13.516  1.326   4.554   1.00 36.76 ? 60  TYR A CZ  1 
ATOM   199  O OH  . TYR A 1 43  ? 14.433  1.965   3.752   1.00 38.16 ? 60  TYR A OH  1 
ATOM   200  N N   . GLN A 1 44  ? 10.071  -0.798  10.199  1.00 22.92 ? 61  GLN A N   1 
ATOM   201  C CA  . GLN A 1 44  ? 9.094   -1.078  11.233  1.00 24.02 ? 61  GLN A CA  1 
ATOM   202  C C   . GLN A 1 44  ? 7.884   -0.184  11.014  1.00 21.76 ? 61  GLN A C   1 
ATOM   203  O O   . GLN A 1 44  ? 7.889   0.661   10.126  1.00 20.96 ? 61  GLN A O   1 
ATOM   204  C CB  . GLN A 1 44  ? 9.699   -0.846  12.614  1.00 26.15 ? 61  GLN A CB  1 
ATOM   205  C CG  . GLN A 1 44  ? 10.880  -1.759  12.907  1.00 32.95 ? 61  GLN A CG  1 
ATOM   206  C CD  . GLN A 1 44  ? 11.071  -2.006  14.391  1.00 36.98 ? 61  GLN A CD  1 
ATOM   207  O OE1 . GLN A 1 44  ? 10.229  -2.634  15.041  1.00 39.65 ? 61  GLN A OE1 1 
ATOM   208  N NE2 . GLN A 1 44  ? 12.175  -1.508  14.937  1.00 39.35 ? 61  GLN A NE2 1 
ATOM   209  N N   . ALA A 1 45  ? 6.853   -0.373  11.830  1.00 22.66 ? 62  ALA A N   1 
ATOM   210  C CA  . ALA A 1 45  ? 5.619   0.396   11.697  1.00 22.46 ? 62  ALA A CA  1 
ATOM   211  C C   . ALA A 1 45  ? 5.799   1.910   11.754  1.00 25.11 ? 62  ALA A C   1 
ATOM   212  O O   . ALA A 1 45  ? 4.994   2.652   11.187  1.00 26.60 ? 62  ALA A O   1 
ATOM   213  C CB  . ALA A 1 45  ? 4.624   -0.052  12.756  1.00 21.92 ? 62  ALA A CB  1 
ATOM   214  N N   . ASP A 1 46  ? 6.848   2.376   12.426  1.00 25.05 ? 63  ASP A N   1 
ATOM   215  C CA  . ASP A 1 46  ? 7.082   3.814   12.539  1.00 27.81 ? 63  ASP A CA  1 
ATOM   216  C C   . ASP A 1 46  ? 7.188   4.457   11.169  1.00 28.02 ? 63  ASP A C   1 
ATOM   217  O O   . ASP A 1 46  ? 6.931   5.649   11.013  1.00 26.94 ? 63  ASP A O   1 
ATOM   218  C CB  . ASP A 1 46  ? 8.369   4.098   13.318  1.00 30.87 ? 63  ASP A CB  1 
ATOM   219  C CG  . ASP A 1 46  ? 9.593   3.502   12.650  1.00 34.29 ? 63  ASP A CG  1 
ATOM   220  O OD1 . ASP A 1 46  ? 9.772   2.266   12.722  1.00 36.10 ? 63  ASP A OD1 1 
ATOM   221  O OD2 . ASP A 1 46  ? 10.369  4.266   12.041  1.00 36.19 ? 63  ASP A OD2 1 
ATOM   222  N N   . VAL A 1 47  ? 7.574   3.668   10.173  1.00 28.15 ? 64  VAL A N   1 
ATOM   223  C CA  . VAL A 1 47  ? 7.716   4.198   8.828   1.00 29.54 ? 64  VAL A CA  1 
ATOM   224  C C   . VAL A 1 47  ? 6.354   4.533   8.216   1.00 30.07 ? 64  VAL A C   1 
ATOM   225  O O   . VAL A 1 47  ? 6.282   5.216   7.194   1.00 29.90 ? 64  VAL A O   1 
ATOM   226  C CB  . VAL A 1 47  ? 8.483   3.207   7.915   1.00 31.14 ? 64  VAL A CB  1 
ATOM   227  C CG1 . VAL A 1 47  ? 7.556   2.099   7.427   1.00 30.35 ? 64  VAL A CG1 1 
ATOM   228  C CG2 . VAL A 1 47  ? 9.115   3.956   6.760   1.00 32.19 ? 64  VAL A CG2 1 
ATOM   229  N N   . LEU A 1 48  ? 5.276   4.065   8.845   1.00 28.33 ? 65  LEU A N   1 
ATOM   230  C CA  . LEU A 1 48  ? 3.929   4.350   8.346   1.00 29.45 ? 65  LEU A CA  1 
ATOM   231  C C   . LEU A 1 48  ? 3.274   5.518   9.088   1.00 31.45 ? 65  LEU A C   1 
ATOM   232  O O   . LEU A 1 48  ? 2.093   5.819   8.893   1.00 31.25 ? 65  LEU A O   1 
ATOM   233  C CB  . LEU A 1 48  ? 3.047   3.102   8.431   1.00 28.00 ? 65  LEU A CB  1 
ATOM   234  C CG  . LEU A 1 48  ? 3.425   2.005   7.431   1.00 28.57 ? 65  LEU A CG  1 
ATOM   235  C CD1 . LEU A 1 48  ? 2.513   0.799   7.615   1.00 29.55 ? 65  LEU A CD1 1 
ATOM   236  C CD2 . LEU A 1 48  ? 3.305   2.547   6.006   1.00 30.19 ? 65  LEU A CD2 1 
ATOM   237  N N   . THR A 1 49  ? 4.053   6.170   9.946   1.00 32.18 ? 66  THR A N   1 
ATOM   238  C CA  . THR A 1 49  ? 3.584   7.329   10.692  1.00 34.45 ? 66  THR A CA  1 
ATOM   239  C C   . THR A 1 49  ? 4.396   8.486   10.119  1.00 34.87 ? 66  THR A C   1 
ATOM   240  O O   . THR A 1 49  ? 5.374   8.930   10.718  1.00 35.78 ? 66  THR A O   1 
ATOM   241  C CB  . THR A 1 49  ? 3.871   7.179   12.199  1.00 35.59 ? 66  THR A CB  1 
ATOM   242  O OG1 . THR A 1 49  ? 3.213   6.007   12.691  1.00 37.06 ? 66  THR A OG1 1 
ATOM   243  C CG2 . THR A 1 49  ? 3.359   8.387   12.969  1.00 36.67 ? 66  THR A CG2 1 
ATOM   244  N N   . GLN A 1 50  ? 3.988   8.954   8.945   1.00 35.05 ? 67  GLN A N   1 
ATOM   245  C CA  . GLN A 1 50  ? 4.689   10.028  8.249   1.00 36.97 ? 67  GLN A CA  1 
ATOM   246  C C   . GLN A 1 50  ? 4.241   11.456  8.558   1.00 36.09 ? 67  GLN A C   1 
ATOM   247  O O   . GLN A 1 50  ? 4.885   12.413  8.128   1.00 36.37 ? 67  GLN A O   1 
ATOM   248  C CB  . GLN A 1 50  ? 4.603   9.796   6.738   1.00 38.56 ? 67  GLN A CB  1 
ATOM   249  C CG  . GLN A 1 50  ? 5.283   8.520   6.266   1.00 42.77 ? 67  GLN A CG  1 
ATOM   250  C CD  . GLN A 1 50  ? 5.263   8.357   4.752   1.00 46.32 ? 67  GLN A CD  1 
ATOM   251  O OE1 . GLN A 1 50  ? 5.847   7.416   4.210   1.00 48.48 ? 67  GLN A OE1 1 
ATOM   252  N NE2 . GLN A 1 50  ? 4.589   9.273   4.063   1.00 48.84 ? 67  GLN A NE2 1 
ATOM   253  N N   . GLY A 1 51  ? 3.156   11.613  9.305   1.00 33.85 ? 68  GLY A N   1 
ATOM   254  C CA  . GLY A 1 51  ? 2.686   12.955  9.596   1.00 31.75 ? 68  GLY A CA  1 
ATOM   255  C C   . GLY A 1 51  ? 1.794   13.404  8.455   1.00 30.30 ? 68  GLY A C   1 
ATOM   256  O O   . GLY A 1 51  ? 1.170   14.460  8.509   1.00 30.94 ? 68  GLY A O   1 
ATOM   257  N N   . LYS A 1 52  ? 1.755   12.587  7.406   1.00 27.92 ? 69  LYS A N   1 
ATOM   258  C CA  . LYS A 1 52  ? 0.920   12.835  6.232   1.00 27.10 ? 69  LYS A CA  1 
ATOM   259  C C   . LYS A 1 52  ? 0.210   11.523  5.919   1.00 22.41 ? 69  LYS A C   1 
ATOM   260  O O   . LYS A 1 52  ? 0.735   10.450  6.212   1.00 21.07 ? 69  LYS A O   1 
ATOM   261  C CB  . LYS A 1 52  ? 1.769   13.239  5.024   1.00 31.09 ? 69  LYS A CB  1 
ATOM   262  C CG  . LYS A 1 52  ? 2.208   14.694  5.001   1.00 37.23 ? 69  LYS A CG  1 
ATOM   263  C CD  . LYS A 1 52  ? 2.841   15.030  3.656   1.00 41.69 ? 69  LYS A CD  1 
ATOM   264  C CE  . LYS A 1 52  ? 3.123   16.522  3.513   1.00 44.72 ? 69  LYS A CE  1 
ATOM   265  N NZ  . LYS A 1 52  ? 3.700   16.845  2.171   1.00 44.18 ? 69  LYS A NZ  1 
ATOM   266  N N   . PRO A 1 53  ? -0.993  11.585  5.327   1.00 19.16 ? 70  PRO A N   1 
ATOM   267  C CA  . PRO A 1 53  ? -1.662  10.317  5.029   1.00 15.43 ? 70  PRO A CA  1 
ATOM   268  C C   . PRO A 1 53  ? -0.900  9.518   3.979   1.00 15.68 ? 70  PRO A C   1 
ATOM   269  O O   . PRO A 1 53  ? -0.161  10.080  3.171   1.00 17.25 ? 70  PRO A O   1 
ATOM   270  C CB  . PRO A 1 53  ? -3.054  10.753  4.570   1.00 15.31 ? 70  PRO A CB  1 
ATOM   271  C CG  . PRO A 1 53  ? -2.813  12.132  4.005   1.00 18.35 ? 70  PRO A CG  1 
ATOM   272  C CD  . PRO A 1 53  ? -1.852  12.734  4.990   1.00 18.18 ? 70  PRO A CD  1 
ATOM   273  N N   A VAL A 1 54  ? -1.085  8.204   4.002   0.70 14.02 ? 71  VAL A N   1 
ATOM   274  N N   B VAL A 1 54  ? -1.077  8.202   4.000   0.30 14.25 ? 71  VAL A N   1 
ATOM   275  C CA  A VAL A 1 54  ? -0.411  7.317   3.068   0.70 15.18 ? 71  VAL A CA  1 
ATOM   276  C CA  B VAL A 1 54  ? -0.400  7.334   3.050   0.30 13.81 ? 71  VAL A CA  1 
ATOM   277  C C   A VAL A 1 54  ? -1.327  6.177   2.665   0.70 14.97 ? 71  VAL A C   1 
ATOM   278  C C   B VAL A 1 54  ? -1.288  6.156   2.678   0.30 13.99 ? 71  VAL A C   1 
ATOM   279  O O   A VAL A 1 54  ? -2.197  5.773   3.434   0.70 14.31 ? 71  VAL A O   1 
ATOM   280  O O   B VAL A 1 54  ? -2.096  5.697   3.486   0.30 13.68 ? 71  VAL A O   1 
ATOM   281  C CB  A VAL A 1 54  ? 0.866   6.715   3.707   0.70 16.41 ? 71  VAL A CB  1 
ATOM   282  C CB  B VAL A 1 54  ? 0.925   6.792   3.636   0.30 13.74 ? 71  VAL A CB  1 
ATOM   283  C CG1 A VAL A 1 54  ? 1.338   5.505   2.923   0.70 19.38 ? 71  VAL A CG1 1 
ATOM   284  C CG1 B VAL A 1 54  ? 0.642   5.925   4.857   0.30 11.63 ? 71  VAL A CG1 1 
ATOM   285  C CG2 A VAL A 1 54  ? 1.960   7.760   3.749   0.70 17.59 ? 71  VAL A CG2 1 
ATOM   286  C CG2 B VAL A 1 54  ? 1.679   6.006   2.578   0.30 14.66 ? 71  VAL A CG2 1 
ATOM   287  N N   . LEU A 1 55  ? -1.138  5.675   1.449   1.00 13.35 ? 72  LEU A N   1 
ATOM   288  C CA  . LEU A 1 55  ? -1.915  4.541   0.972   1.00 13.76 ? 72  LEU A CA  1 
ATOM   289  C C   . LEU A 1 55  ? -0.983  3.338   1.064   1.00 13.94 ? 72  LEU A C   1 
ATOM   290  O O   . LEU A 1 55  ? 0.175   3.414   0.649   1.00 13.70 ? 72  LEU A O   1 
ATOM   291  C CB  . LEU A 1 55  ? -2.333  4.727   -0.488  1.00 14.54 ? 72  LEU A CB  1 
ATOM   292  C CG  . LEU A 1 55  ? -3.290  5.857   -0.865  1.00 18.14 ? 72  LEU A CG  1 
ATOM   293  C CD1 . LEU A 1 55  ? -3.671  5.685   -2.328  1.00 17.05 ? 72  LEU A CD1 1 
ATOM   294  C CD2 . LEU A 1 55  ? -4.537  5.816   0.010   1.00 18.92 ? 72  LEU A CD2 1 
ATOM   295  N N   . LEU A 1 56  ? -1.469  2.245   1.633   1.00 10.94 ? 73  LEU A N   1 
ATOM   296  C CA  . LEU A 1 56  ? -0.670  1.028   1.724   1.00 10.92 ? 73  LEU A CA  1 
ATOM   297  C C   . LEU A 1 56  ? -1.300  0.079   0.711   1.00 11.42 ? 73  LEU A C   1 
ATOM   298  O O   . LEU A 1 56  ? -2.445  -0.334  0.879   1.00 11.53 ? 73  LEU A O   1 
ATOM   299  C CB  . LEU A 1 56  ? -0.757  0.425   3.123   1.00 10.58 ? 73  LEU A CB  1 
ATOM   300  C CG  . LEU A 1 56  ? 0.018   -0.881  3.315   1.00 13.26 ? 73  LEU A CG  1 
ATOM   301  C CD1 . LEU A 1 56  ? 1.498   -0.639  3.089   1.00 13.39 ? 73  LEU A CD1 1 
ATOM   302  C CD2 . LEU A 1 56  ? -0.226  -1.412  4.721   1.00 17.43 ? 73  LEU A CD2 1 
ATOM   303  N N   . ASN A 1 57  ? -0.559  -0.246  -0.340  1.00 9.63  ? 74  ASN A N   1 
ATOM   304  C CA  . ASN A 1 57  ? -1.060  -1.121  -1.400  1.00 11.27 ? 74  ASN A CA  1 
ATOM   305  C C   . ASN A 1 57  ? -0.467  -2.525  -1.320  1.00 12.44 ? 74  ASN A C   1 
ATOM   306  O O   . ASN A 1 57  ? 0.756   -2.707  -1.383  1.00 11.56 ? 74  ASN A O   1 
ATOM   307  C CB  . ASN A 1 57  ? -0.750  -0.479  -2.761  1.00 10.69 ? 74  ASN A CB  1 
ATOM   308  C CG  . ASN A 1 57  ? -1.193  -1.326  -3.941  1.00 11.85 ? 74  ASN A CG  1 
ATOM   309  O OD1 . ASN A 1 57  ? -0.371  -1.739  -4.750  1.00 13.42 ? 74  ASN A OD1 1 
ATOM   310  N ND2 . ASN A 1 57  ? -2.491  -1.574  -4.052  1.00 9.97  ? 74  ASN A ND2 1 
ATOM   311  N N   . VAL A 1 58  ? -1.349  -3.513  -1.174  1.00 9.92  ? 75  VAL A N   1 
ATOM   312  C CA  . VAL A 1 58  ? -0.957  -4.916  -1.093  1.00 11.66 ? 75  VAL A CA  1 
ATOM   313  C C   . VAL A 1 58  ? -1.064  -5.468  -2.514  1.00 13.88 ? 75  VAL A C   1 
ATOM   314  O O   . VAL A 1 58  ? -2.132  -5.436  -3.116  1.00 13.97 ? 75  VAL A O   1 
ATOM   315  C CB  . VAL A 1 58  ? -1.908  -5.700  -0.159  1.00 14.30 ? 75  VAL A CB  1 
ATOM   316  C CG1 . VAL A 1 58  ? -1.513  -7.177  -0.116  1.00 16.38 ? 75  VAL A CG1 1 
ATOM   317  C CG2 . VAL A 1 58  ? -1.867  -5.095  1.232   1.00 12.97 ? 75  VAL A CG2 1 
ATOM   318  N N   . TRP A 1 59  ? 0.045   -5.964  -3.046  1.00 14.18 ? 76  TRP A N   1 
ATOM   319  C CA  . TRP A 1 59  ? 0.054   -6.471  -4.408  1.00 16.12 ? 76  TRP A CA  1 
ATOM   320  C C   . TRP A 1 59  ? 1.011   -7.641  -4.561  1.00 15.91 ? 76  TRP A C   1 
ATOM   321  O O   . TRP A 1 59  ? 1.828   -7.904  -3.685  1.00 14.59 ? 76  TRP A O   1 
ATOM   322  C CB  . TRP A 1 59  ? 0.499   -5.366  -5.355  1.00 15.76 ? 76  TRP A CB  1 
ATOM   323  C CG  . TRP A 1 59  ? 1.932   -4.986  -5.137  1.00 14.73 ? 76  TRP A CG  1 
ATOM   324  C CD1 . TRP A 1 59  ? 2.442   -4.263  -4.097  1.00 14.43 ? 76  TRP A CD1 1 
ATOM   325  C CD2 . TRP A 1 59  ? 3.044   -5.344  -5.961  1.00 14.85 ? 76  TRP A CD2 1 
ATOM   326  N NE1 . TRP A 1 59  ? 3.802   -4.148  -4.222  1.00 13.97 ? 76  TRP A NE1 1 
ATOM   327  C CE2 . TRP A 1 59  ? 4.200   -4.803  -5.359  1.00 15.32 ? 76  TRP A CE2 1 
ATOM   328  C CE3 . TRP A 1 59  ? 3.176   -6.072  -7.155  1.00 16.56 ? 76  TRP A CE3 1 
ATOM   329  C CZ2 . TRP A 1 59  ? 5.476   -4.963  -5.908  1.00 16.85 ? 76  TRP A CZ2 1 
ATOM   330  C CZ3 . TRP A 1 59  ? 4.445   -6.233  -7.701  1.00 15.84 ? 76  TRP A CZ3 1 
ATOM   331  C CH2 . TRP A 1 59  ? 5.579   -5.678  -7.076  1.00 17.32 ? 76  TRP A CH2 1 
ATOM   332  N N   . ALA A 1 60  ? 0.906   -8.325  -5.697  1.00 17.19 ? 77  ALA A N   1 
ATOM   333  C CA  . ALA A 1 60  ? 1.770   -9.459  -6.018  1.00 18.64 ? 77  ALA A CA  1 
ATOM   334  C C   . ALA A 1 60  ? 1.777   -9.638  -7.537  1.00 20.11 ? 77  ALA A C   1 
ATOM   335  O O   . ALA A 1 60  ? 0.854   -9.202  -8.219  1.00 19.22 ? 77  ALA A O   1 
ATOM   336  C CB  . ALA A 1 60  ? 1.257   -10.723 -5.339  1.00 18.49 ? 77  ALA A CB  1 
ATOM   337  N N   . THR A 1 61  ? 2.820   -10.265 -8.070  1.00 21.28 ? 78  THR A N   1 
ATOM   338  C CA  . THR A 1 61  ? 2.899   -10.475 -9.515  1.00 24.08 ? 78  THR A CA  1 
ATOM   339  C C   . THR A 1 61  ? 1.935   -11.561 -9.988  1.00 25.44 ? 78  THR A C   1 
ATOM   340  O O   . THR A 1 61  ? 1.605   -11.635 -11.173 1.00 26.15 ? 78  THR A O   1 
ATOM   341  C CB  . THR A 1 61  ? 4.307   -10.875 -9.941  1.00 21.86 ? 78  THR A CB  1 
ATOM   342  O OG1 . THR A 1 61  ? 4.658   -12.113 -9.313  1.00 23.34 ? 78  THR A OG1 1 
ATOM   343  C CG2 . THR A 1 61  ? 5.294   -9.812  -9.539  1.00 21.24 ? 78  THR A CG2 1 
ATOM   344  N N   . TRP A 1 62  ? 1.487   -12.404 -9.064  1.00 25.29 ? 79  TRP A N   1 
ATOM   345  C CA  . TRP A 1 62  ? 0.568   -13.479 -9.418  1.00 25.16 ? 79  TRP A CA  1 
ATOM   346  C C   . TRP A 1 62  ? -0.882  -13.021 -9.396  1.00 26.28 ? 79  TRP A C   1 
ATOM   347  O O   . TRP A 1 62  ? -1.800  -13.810 -9.624  1.00 27.72 ? 79  TRP A O   1 
ATOM   348  C CB  . TRP A 1 62  ? 0.753   -14.669 -8.471  1.00 23.09 ? 79  TRP A CB  1 
ATOM   349  C CG  . TRP A 1 62  ? 0.818   -14.317 -7.012  1.00 21.30 ? 79  TRP A CG  1 
ATOM   350  C CD1 . TRP A 1 62  ? 1.928   -14.335 -6.217  1.00 19.35 ? 79  TRP A CD1 1 
ATOM   351  C CD2 . TRP A 1 62  ? -0.277  -13.938 -6.165  1.00 20.85 ? 79  TRP A CD2 1 
ATOM   352  N NE1 . TRP A 1 62  ? 1.592   -13.997 -4.927  1.00 20.45 ? 79  TRP A NE1 1 
ATOM   353  C CE2 . TRP A 1 62  ? 0.247   -13.749 -4.867  1.00 19.62 ? 79  TRP A CE2 1 
ATOM   354  C CE3 . TRP A 1 62  ? -1.650  -13.743 -6.375  1.00 20.67 ? 79  TRP A CE3 1 
ATOM   355  C CZ2 . TRP A 1 62  ? -0.554  -13.375 -3.781  1.00 21.69 ? 79  TRP A CZ2 1 
ATOM   356  C CZ3 . TRP A 1 62  ? -2.449  -13.370 -5.295  1.00 20.80 ? 79  TRP A CZ3 1 
ATOM   357  C CH2 . TRP A 1 62  ? -1.896  -13.191 -4.013  1.00 19.71 ? 79  TRP A CH2 1 
ATOM   358  N N   . CYS A 1 63  ? -1.079  -11.733 -9.132  1.00 25.91 ? 80  CYS A N   1 
ATOM   359  C CA  . CYS A 1 63  ? -2.408  -11.142 -9.057  1.00 25.11 ? 80  CYS A CA  1 
ATOM   360  C C   . CYS A 1 63  ? -2.757  -10.405 -10.358 1.00 26.90 ? 80  CYS A C   1 
ATOM   361  O O   . CYS A 1 63  ? -2.213  -9.346  -10.650 1.00 26.52 ? 80  CYS A O   1 
ATOM   362  C CB  . CYS A 1 63  ? -2.445  -10.212 -7.832  1.00 25.04 ? 80  CYS A CB  1 
ATOM   363  S SG  . CYS A 1 63  ? -3.564  -8.789  -7.925  1.00 24.23 ? 80  CYS A SG  1 
ATOM   364  N N   . PRO A 1 64  ? -3.689  -10.965 -11.155 1.00 28.89 ? 81  PRO A N   1 
ATOM   365  C CA  . PRO A 1 64  ? -4.137  -10.407 -12.440 1.00 28.35 ? 81  PRO A CA  1 
ATOM   366  C C   . PRO A 1 64  ? -4.582  -8.949  -12.481 1.00 27.07 ? 81  PRO A C   1 
ATOM   367  O O   . PRO A 1 64  ? -4.178  -8.201  -13.376 1.00 29.05 ? 81  PRO A O   1 
ATOM   368  C CB  . PRO A 1 64  ? -5.252  -11.368 -12.866 1.00 30.21 ? 81  PRO A CB  1 
ATOM   369  C CG  . PRO A 1 64  ? -5.777  -11.881 -11.561 1.00 31.76 ? 81  PRO A CG  1 
ATOM   370  C CD  . PRO A 1 64  ? -4.511  -12.131 -10.787 1.00 29.10 ? 81  PRO A CD  1 
ATOM   371  N N   . THR A 1 65  ? -5.412  -8.533  -11.533 1.00 23.75 ? 82  THR A N   1 
ATOM   372  C CA  . THR A 1 65  ? -5.870  -7.152  -11.535 1.00 22.10 ? 82  THR A CA  1 
ATOM   373  C C   . THR A 1 65  ? -4.811  -6.201  -10.998 1.00 21.74 ? 82  THR A C   1 
ATOM   374  O O   . THR A 1 65  ? -4.988  -4.985  -11.039 1.00 20.35 ? 82  THR A O   1 
ATOM   375  C CB  . THR A 1 65  ? -7.152  -6.972  -10.704 1.00 23.35 ? 82  THR A CB  1 
ATOM   376  O OG1 . THR A 1 65  ? -6.931  -7.455  -9.375  1.00 22.76 ? 82  THR A OG1 1 
ATOM   377  C CG2 . THR A 1 65  ? -8.309  -7.731  -11.341 1.00 22.71 ? 82  THR A CG2 1 
ATOM   378  N N   . CYS A 1 66  ? -3.713  -6.752  -10.491 1.00 21.69 ? 83  CYS A N   1 
ATOM   379  C CA  . CYS A 1 66  ? -2.641  -5.917  -9.955  1.00 22.86 ? 83  CYS A CA  1 
ATOM   380  C C   . CYS A 1 66  ? -1.879  -5.197  -11.058 1.00 23.23 ? 83  CYS A C   1 
ATOM   381  O O   . CYS A 1 66  ? -1.528  -4.027  -10.914 1.00 22.71 ? 83  CYS A O   1 
ATOM   382  C CB  . CYS A 1 66  ? -1.672  -6.755  -9.122  1.00 19.61 ? 83  CYS A CB  1 
ATOM   383  S SG  . CYS A 1 66  ? -2.342  -7.235  -7.497  1.00 20.81 ? 83  CYS A SG  1 
ATOM   384  N N   A ARG A 1 67  ? -1.621  -5.895  -12.159 0.50 23.52 ? 84  ARG A N   1 
ATOM   385  N N   B ARG A 1 67  ? -1.619  -5.894  -12.160 0.50 23.43 ? 84  ARG A N   1 
ATOM   386  C CA  A ARG A 1 67  ? -0.904  -5.288  -13.272 0.50 25.23 ? 84  ARG A CA  1 
ATOM   387  C CA  B ARG A 1 67  ? -0.900  -5.286  -13.271 0.50 25.08 ? 84  ARG A CA  1 
ATOM   388  C C   A ARG A 1 67  ? -1.728  -4.124  -13.811 0.50 24.53 ? 84  ARG A C   1 
ATOM   389  C C   B ARG A 1 67  ? -1.725  -4.129  -13.827 0.50 24.44 ? 84  ARG A C   1 
ATOM   390  O O   A ARG A 1 67  ? -1.202  -3.044  -14.070 0.50 25.69 ? 84  ARG A O   1 
ATOM   391  O O   B ARG A 1 67  ? -1.196  -3.059  -14.114 0.50 25.70 ? 84  ARG A O   1 
ATOM   392  C CB  A ARG A 1 67  ? -0.671  -6.312  -14.387 0.50 26.44 ? 84  ARG A CB  1 
ATOM   393  C CB  B ARG A 1 67  ? -0.635  -6.324  -14.367 0.50 26.03 ? 84  ARG A CB  1 
ATOM   394  C CG  A ARG A 1 67  ? 0.329   -5.854  -15.445 0.50 28.23 ? 84  ARG A CG  1 
ATOM   395  C CG  B ARG A 1 67  ? 0.399   -5.893  -15.405 0.50 27.53 ? 84  ARG A CG  1 
ATOM   396  C CD  A ARG A 1 67  ? 0.259   -6.724  -16.691 0.50 28.21 ? 84  ARG A CD  1 
ATOM   397  C CD  B ARG A 1 67  ? 0.638   -6.998  -16.428 0.50 27.21 ? 84  ARG A CD  1 
ATOM   398  N NE  A ARG A 1 67  ? 1.372   -6.477  -17.604 0.50 28.89 ? 84  ARG A NE  1 
ATOM   399  N NE  B ARG A 1 67  ? 1.774   -6.727  -17.306 0.50 27.29 ? 84  ARG A NE  1 
ATOM   400  C CZ  A ARG A 1 67  ? 2.602   -6.949  -17.430 0.50 29.10 ? 84  ARG A CZ  1 
ATOM   401  C CZ  B ARG A 1 67  ? 1.861   -5.690  -18.134 0.50 27.59 ? 84  ARG A CZ  1 
ATOM   402  N NH1 A ARG A 1 67  ? 2.883   -7.702  -16.375 0.50 30.40 ? 84  ARG A NH1 1 
ATOM   403  N NH1 B ARG A 1 67  ? 0.874   -4.806  -18.207 0.50 27.14 ? 84  ARG A NH1 1 
ATOM   404  N NH2 A ARG A 1 67  ? 3.553   -6.672  -18.311 0.50 28.96 ? 84  ARG A NH2 1 
ATOM   405  N NH2 B ARG A 1 67  ? 2.935   -5.542  -18.898 0.50 26.74 ? 84  ARG A NH2 1 
ATOM   406  N N   . ALA A 1 68  ? -3.028  -4.349  -13.964 1.00 24.87 ? 85  ALA A N   1 
ATOM   407  C CA  . ALA A 1 68  ? -3.932  -3.324  -14.475 1.00 25.04 ? 85  ALA A CA  1 
ATOM   408  C C   . ALA A 1 68  ? -4.008  -2.124  -13.532 1.00 25.72 ? 85  ALA A C   1 
ATOM   409  O O   . ALA A 1 68  ? -4.060  -0.979  -13.975 1.00 27.66 ? 85  ALA A O   1 
ATOM   410  C CB  . ALA A 1 68  ? -5.325  -3.919  -14.671 1.00 26.23 ? 85  ALA A CB  1 
ATOM   411  N N   . GLU A 1 69  ? -4.021  -2.396  -12.231 1.00 23.20 ? 86  GLU A N   1 
ATOM   412  C CA  . GLU A 1 69  ? -4.090  -1.349  -11.209 1.00 22.65 ? 86  GLU A CA  1 
ATOM   413  C C   . GLU A 1 69  ? -2.781  -0.552  -11.099 1.00 21.60 ? 86  GLU A C   1 
ATOM   414  O O   . GLU A 1 69  ? -2.780  0.605   -10.676 1.00 20.86 ? 86  GLU A O   1 
ATOM   415  C CB  . GLU A 1 69  ? -4.426  -1.991  -9.856  1.00 21.65 ? 86  GLU A CB  1 
ATOM   416  C CG  . GLU A 1 69  ? -3.815  -1.313  -8.652  1.00 23.69 ? 86  GLU A CG  1 
ATOM   417  C CD  . GLU A 1 69  ? -4.057  -2.079  -7.365  1.00 20.59 ? 86  GLU A CD  1 
ATOM   418  O OE1 . GLU A 1 69  ? -5.181  -2.013  -6.833  1.00 23.42 ? 86  GLU A OE1 1 
ATOM   419  O OE2 . GLU A 1 69  ? -3.122  -2.754  -6.887  1.00 20.80 ? 86  GLU A OE2 1 
ATOM   420  N N   . HIS A 1 70  ? -1.675  -1.175  -11.494 1.00 21.35 ? 87  HIS A N   1 
ATOM   421  C CA  . HIS A 1 70  ? -0.360  -0.539  -11.408 1.00 20.93 ? 87  HIS A CA  1 
ATOM   422  C C   . HIS A 1 70  ? -0.243  0.795   -12.148 1.00 20.08 ? 87  HIS A C   1 
ATOM   423  O O   . HIS A 1 70  ? 0.323   1.755   -11.618 1.00 19.75 ? 87  HIS A O   1 
ATOM   424  C CB  . HIS A 1 70  ? 0.722   -1.493  -11.922 1.00 19.96 ? 87  HIS A CB  1 
ATOM   425  C CG  . HIS A 1 70  ? 2.111   -1.088  -11.537 1.00 19.06 ? 87  HIS A CG  1 
ATOM   426  N ND1 . HIS A 1 70  ? 2.649   -1.359  -10.297 1.00 19.77 ? 87  HIS A ND1 1 
ATOM   427  C CD2 . HIS A 1 70  ? 3.064   -0.408  -12.220 1.00 18.59 ? 87  HIS A CD2 1 
ATOM   428  C CE1 . HIS A 1 70  ? 3.875   -0.868  -10.234 1.00 19.81 ? 87  HIS A CE1 1 
ATOM   429  N NE2 . HIS A 1 70  ? 4.150   -0.286  -11.388 1.00 17.89 ? 87  HIS A NE2 1 
ATOM   430  N N   . GLN A 1 71  ? -0.768  0.861   -13.369 1.00 20.62 ? 88  GLN A N   1 
ATOM   431  C CA  . GLN A 1 71  ? -0.695  2.091   -14.158 1.00 20.66 ? 88  GLN A CA  1 
ATOM   432  C C   . GLN A 1 71  ? -1.422  3.253   -13.493 1.00 19.39 ? 88  GLN A C   1 
ATOM   433  O O   . GLN A 1 71  ? -0.992  4.408   -13.582 1.00 17.36 ? 88  GLN A O   1 
ATOM   434  C CB  . GLN A 1 71  ? -1.259  1.855   -15.561 1.00 25.65 ? 88  GLN A CB  1 
ATOM   435  C CG  . GLN A 1 71  ? -0.210  1.456   -16.604 1.00 33.55 ? 88  GLN A CG  1 
ATOM   436  C CD  . GLN A 1 71  ? 0.717   0.337   -16.137 1.00 37.31 ? 88  GLN A CD  1 
ATOM   437  O OE1 . GLN A 1 71  ? 0.273   -0.771  -15.830 1.00 41.14 ? 88  GLN A OE1 1 
ATOM   438  N NE2 . GLN A 1 71  ? 2.019   0.626   -16.088 1.00 36.96 ? 88  GLN A NE2 1 
ATOM   439  N N   . TYR A 1 72  ? -2.525  2.954   -12.817 1.00 17.42 ? 89  TYR A N   1 
ATOM   440  C CA  . TYR A 1 72  ? -3.278  4.001   -12.144 1.00 15.31 ? 89  TYR A CA  1 
ATOM   441  C C   . TYR A 1 72  ? -2.495  4.485   -10.920 1.00 14.90 ? 89  TYR A C   1 
ATOM   442  O O   . TYR A 1 72  ? -2.487  5.676   -10.606 1.00 14.45 ? 89  TYR A O   1 
ATOM   443  C CB  . TYR A 1 72  ? -4.657  3.489   -11.732 1.00 14.46 ? 89  TYR A CB  1 
ATOM   444  C CG  . TYR A 1 72  ? -5.523  4.575   -11.145 1.00 16.56 ? 89  TYR A CG  1 
ATOM   445  C CD1 . TYR A 1 72  ? -5.685  5.790   -11.805 1.00 16.16 ? 89  TYR A CD1 1 
ATOM   446  C CD2 . TYR A 1 72  ? -6.172  4.394   -9.923  1.00 17.03 ? 89  TYR A CD2 1 
ATOM   447  C CE1 . TYR A 1 72  ? -6.467  6.806   -11.263 1.00 18.43 ? 89  TYR A CE1 1 
ATOM   448  C CE2 . TYR A 1 72  ? -6.961  5.403   -9.373  1.00 17.99 ? 89  TYR A CE2 1 
ATOM   449  C CZ  . TYR A 1 72  ? -7.102  6.603   -10.046 1.00 17.85 ? 89  TYR A CZ  1 
ATOM   450  O OH  . TYR A 1 72  ? -7.879  7.601   -9.509  1.00 21.10 ? 89  TYR A OH  1 
ATOM   451  N N   . LEU A 1 73  ? -1.835  3.561   -10.226 1.00 13.57 ? 90  LEU A N   1 
ATOM   452  C CA  . LEU A 1 73  ? -1.019  3.942   -9.073  1.00 13.77 ? 90  LEU A CA  1 
ATOM   453  C C   . LEU A 1 73  ? 0.112   4.870   -9.538  1.00 13.64 ? 90  LEU A C   1 
ATOM   454  O O   . LEU A 1 73  ? 0.476   5.808   -8.831  1.00 14.40 ? 90  LEU A O   1 
ATOM   455  C CB  . LEU A 1 73  ? -0.418  2.704   -8.400  1.00 16.31 ? 90  LEU A CB  1 
ATOM   456  C CG  . LEU A 1 73  ? -1.404  1.792   -7.668  1.00 19.33 ? 90  LEU A CG  1 
ATOM   457  C CD1 . LEU A 1 73  ? -0.670  0.565   -7.133  1.00 19.02 ? 90  LEU A CD1 1 
ATOM   458  C CD2 . LEU A 1 73  ? -2.065  2.569   -6.529  1.00 19.20 ? 90  LEU A CD2 1 
ATOM   459  N N   . ASN A 1 74  ? 0.673   4.609   -10.719 1.00 12.19 ? 91  ASN A N   1 
ATOM   460  C CA  . ASN A 1 74  ? 1.744   5.463   -11.234 1.00 13.78 ? 91  ASN A CA  1 
ATOM   461  C C   . ASN A 1 74  ? 1.203   6.882   -11.373 1.00 15.75 ? 91  ASN A C   1 
ATOM   462  O O   . ASN A 1 74  ? 1.870   7.856   -11.032 1.00 15.47 ? 91  ASN A O   1 
ATOM   463  C CB  . ASN A 1 74  ? 2.234   4.991   -12.613 1.00 13.32 ? 91  ASN A CB  1 
ATOM   464  C CG  . ASN A 1 74  ? 3.143   3.773   -12.538 1.00 13.82 ? 91  ASN A CG  1 
ATOM   465  O OD1 . ASN A 1 74  ? 3.816   3.544   -11.533 1.00 14.41 ? 91  ASN A OD1 1 
ATOM   466  N ND2 . ASN A 1 74  ? 3.185   3.003   -13.619 1.00 13.44 ? 91  ASN A ND2 1 
ATOM   467  N N   . GLN A 1 75  ? -0.020  6.978   -11.881 1.00 16.16 ? 92  GLN A N   1 
ATOM   468  C CA  . GLN A 1 75  ? -0.689  8.252   -12.090 1.00 18.13 ? 92  GLN A CA  1 
ATOM   469  C C   . GLN A 1 75  ? -0.915  9.014   -10.783 1.00 17.58 ? 92  GLN A C   1 
ATOM   470  O O   . GLN A 1 75  ? -0.667  10.215  -10.711 1.00 16.99 ? 92  GLN A O   1 
ATOM   471  C CB  . GLN A 1 75  ? -2.019  8.006   -12.808 1.00 22.77 ? 92  GLN A CB  1 
ATOM   472  C CG  . GLN A 1 75  ? -2.895  9.233   -12.968 1.00 29.92 ? 92  GLN A CG  1 
ATOM   473  C CD  . GLN A 1 75  ? -4.127  8.957   -13.818 1.00 34.10 ? 92  GLN A CD  1 
ATOM   474  O OE1 . GLN A 1 75  ? -5.119  9.686   -13.747 1.00 38.74 ? 92  GLN A OE1 1 
ATOM   475  N NE2 . GLN A 1 75  ? -4.064  7.909   -14.635 1.00 34.83 ? 92  GLN A NE2 1 
ATOM   476  N N   . LEU A 1 76  ? -1.392  8.322   -9.754  1.00 16.42 ? 93  LEU A N   1 
ATOM   477  C CA  . LEU A 1 76  ? -1.625  8.965   -8.462  1.00 15.39 ? 93  LEU A CA  1 
ATOM   478  C C   . LEU A 1 76  ? -0.308  9.381   -7.815  1.00 15.72 ? 93  LEU A C   1 
ATOM   479  O O   . LEU A 1 76  ? -0.205  10.451  -7.211  1.00 16.02 ? 93  LEU A O   1 
ATOM   480  C CB  . LEU A 1 76  ? -2.369  8.020   -7.513  1.00 15.66 ? 93  LEU A CB  1 
ATOM   481  C CG  . LEU A 1 76  ? -3.798  7.635   -7.902  1.00 17.56 ? 93  LEU A CG  1 
ATOM   482  C CD1 . LEU A 1 76  ? -4.368  6.684   -6.865  1.00 19.20 ? 93  LEU A CD1 1 
ATOM   483  C CD2 . LEU A 1 76  ? -4.655  8.889   -8.005  1.00 17.71 ? 93  LEU A CD2 1 
ATOM   484  N N   . SER A 1 77  ? 0.697   8.523   -7.926  1.00 15.99 ? 94  SER A N   1 
ATOM   485  C CA  . SER A 1 77  ? 1.995   8.819   -7.339  1.00 16.42 ? 94  SER A CA  1 
ATOM   486  C C   . SER A 1 77  ? 2.560   10.097  -7.951  1.00 15.97 ? 94  SER A C   1 
ATOM   487  O O   . SER A 1 77  ? 3.141   10.924  -7.253  1.00 17.27 ? 94  SER A O   1 
ATOM   488  C CB  . SER A 1 77  ? 2.961   7.660   -7.583  1.00 15.63 ? 94  SER A CB  1 
ATOM   489  O OG  . SER A 1 77  ? 4.205   7.904   -6.945  1.00 17.46 ? 94  SER A OG  1 
ATOM   490  N N   . ALA A 1 78  ? 2.382   10.250  -9.257  1.00 18.55 ? 95  ALA A N   1 
ATOM   491  C CA  . ALA A 1 78  ? 2.874   11.429  -9.969  1.00 20.69 ? 95  ALA A CA  1 
ATOM   492  C C   . ALA A 1 78  ? 2.165   12.699  -9.500  1.00 22.51 ? 95  ALA A C   1 
ATOM   493  O O   . ALA A 1 78  ? 2.695   13.804  -9.649  1.00 21.97 ? 95  ALA A O   1 
ATOM   494  C CB  . ALA A 1 78  ? 2.680   11.245  -11.474 1.00 19.13 ? 95  ALA A CB  1 
ATOM   495  N N   . GLN A 1 79  ? 0.969   12.533  -8.937  1.00 21.40 ? 96  GLN A N   1 
ATOM   496  C CA  . GLN A 1 79  ? 0.176   13.657  -8.438  1.00 23.75 ? 96  GLN A CA  1 
ATOM   497  C C   . GLN A 1 79  ? 0.484   13.996  -6.989  1.00 23.63 ? 96  GLN A C   1 
ATOM   498  O O   . GLN A 1 79  ? -0.166  14.858  -6.402  1.00 24.95 ? 96  GLN A O   1 
ATOM   499  C CB  . GLN A 1 79  ? -1.317  13.354  -8.546  1.00 26.30 ? 96  GLN A CB  1 
ATOM   500  C CG  . GLN A 1 79  ? -1.853  13.303  -9.956  1.00 31.72 ? 96  GLN A CG  1 
ATOM   501  C CD  . GLN A 1 79  ? -3.290  12.823  -9.996  1.00 35.60 ? 96  GLN A CD  1 
ATOM   502  O OE1 . GLN A 1 79  ? -4.155  13.353  -9.295  1.00 38.05 ? 96  GLN A OE1 1 
ATOM   503  N NE2 . GLN A 1 79  ? -3.554  11.814  -10.817 1.00 36.83 ? 96  GLN A NE2 1 
ATOM   504  N N   . GLY A 1 80  ? 1.455   13.309  -6.401  1.00 22.84 ? 97  GLY A N   1 
ATOM   505  C CA  . GLY A 1 80  ? 1.804   13.597  -5.022  1.00 22.44 ? 97  GLY A CA  1 
ATOM   506  C C   . GLY A 1 80  ? 1.186   12.695  -3.966  1.00 21.20 ? 97  GLY A C   1 
ATOM   507  O O   . GLY A 1 80  ? 1.424   12.903  -2.778  1.00 23.25 ? 97  GLY A O   1 
ATOM   508  N N   . ILE A 1 81  ? 0.395   11.707  -4.377  1.00 19.89 ? 98  ILE A N   1 
ATOM   509  C CA  . ILE A 1 81  ? -0.216  10.783  -3.414  1.00 18.36 ? 98  ILE A CA  1 
ATOM   510  C C   . ILE A 1 81  ? 0.892   9.850   -2.934  1.00 17.19 ? 98  ILE A C   1 
ATOM   511  O O   . ILE A 1 81  ? 1.568   9.230   -3.745  1.00 16.12 ? 98  ILE A O   1 
ATOM   512  C CB  . ILE A 1 81  ? -1.312  9.918   -4.064  1.00 20.26 ? 98  ILE A CB  1 
ATOM   513  C CG1 . ILE A 1 81  ? -2.346  10.809  -4.765  1.00 20.38 ? 98  ILE A CG1 1 
ATOM   514  C CG2 . ILE A 1 81  ? -1.953  9.014   -3.005  1.00 19.21 ? 98  ILE A CG2 1 
ATOM   515  C CD1 . ILE A 1 81  ? -3.082  11.736  -3.862  1.00 23.54 ? 98  ILE A CD1 1 
ATOM   516  N N   . ARG A 1 82  ? 1.081   9.758   -1.623  1.00 17.25 ? 99  ARG A N   1 
ATOM   517  C CA  . ARG A 1 82  ? 2.127   8.912   -1.053  1.00 18.67 ? 99  ARG A CA  1 
ATOM   518  C C   . ARG A 1 82  ? 1.639   7.460   -0.995  1.00 17.73 ? 99  ARG A C   1 
ATOM   519  O O   . ARG A 1 82  ? 0.633   7.176   -0.351  1.00 17.16 ? 99  ARG A O   1 
ATOM   520  C CB  . ARG A 1 82  ? 2.458   9.401   0.358   1.00 24.19 ? 99  ARG A CB  1 
ATOM   521  C CG  . ARG A 1 82  ? 3.804   8.950   0.902   1.00 35.18 ? 99  ARG A CG  1 
ATOM   522  C CD  . ARG A 1 82  ? 4.876   10.006  0.624   1.00 43.56 ? 99  ARG A CD  1 
ATOM   523  N NE  . ARG A 1 82  ? 6.157   9.678   1.248   1.00 49.34 ? 99  ARG A NE  1 
ATOM   524  C CZ  . ARG A 1 82  ? 7.181   10.521  1.345   1.00 51.81 ? 99  ARG A CZ  1 
ATOM   525  N NH1 . ARG A 1 82  ? 7.079   11.753  0.860   1.00 52.62 ? 99  ARG A NH1 1 
ATOM   526  N NH2 . ARG A 1 82  ? 8.308   10.134  1.931   1.00 52.65 ? 99  ARG A NH2 1 
ATOM   527  N N   . VAL A 1 83  ? 2.354   6.550   -1.655  1.00 14.70 ? 100 VAL A N   1 
ATOM   528  C CA  . VAL A 1 83  ? 1.963   5.138   -1.673  1.00 13.29 ? 100 VAL A CA  1 
ATOM   529  C C   . VAL A 1 83  ? 3.076   4.216   -1.199  1.00 13.70 ? 100 VAL A C   1 
ATOM   530  O O   . VAL A 1 83  ? 4.206   4.298   -1.687  1.00 12.89 ? 100 VAL A O   1 
ATOM   531  C CB  . VAL A 1 83  ? 1.578   4.675   -3.095  1.00 12.21 ? 100 VAL A CB  1 
ATOM   532  C CG1 . VAL A 1 83  ? 0.956   3.289   -3.035  1.00 13.67 ? 100 VAL A CG1 1 
ATOM   533  C CG2 . VAL A 1 83  ? 0.634   5.684   -3.744  1.00 13.49 ? 100 VAL A CG2 1 
ATOM   534  N N   . VAL A 1 84  ? 2.758   3.341   -0.250  1.00 12.24 ? 101 VAL A N   1 
ATOM   535  C CA  . VAL A 1 84  ? 3.734   2.386   0.250   1.00 13.68 ? 101 VAL A CA  1 
ATOM   536  C C   . VAL A 1 84  ? 3.310   1.032   -0.295  1.00 14.46 ? 101 VAL A C   1 
ATOM   537  O O   . VAL A 1 84  ? 2.146   0.654   -0.193  1.00 13.06 ? 101 VAL A O   1 
ATOM   538  C CB  . VAL A 1 84  ? 3.762   2.328   1.796   1.00 11.87 ? 101 VAL A CB  1 
ATOM   539  C CG1 . VAL A 1 84  ? 4.713   1.212   2.262   1.00 13.28 ? 101 VAL A CG1 1 
ATOM   540  C CG2 . VAL A 1 84  ? 4.227   3.661   2.352   1.00 15.56 ? 101 VAL A CG2 1 
ATOM   541  N N   . GLY A 1 85  ? 4.247   0.306   -0.889  1.00 14.20 ? 102 GLY A N   1 
ATOM   542  C CA  . GLY A 1 85  ? 3.894   -0.986  -1.440  1.00 13.00 ? 102 GLY A CA  1 
ATOM   543  C C   . GLY A 1 85  ? 4.253   -2.147  -0.541  1.00 14.98 ? 102 GLY A C   1 
ATOM   544  O O   . GLY A 1 85  ? 5.336   -2.185  0.036   1.00 14.67 ? 102 GLY A O   1 
ATOM   545  N N   . MET A 1 86  ? 3.325   -3.086  -0.393  1.00 14.40 ? 103 MET A N   1 
ATOM   546  C CA  . MET A 1 86  ? 3.586   -4.278  0.404   1.00 14.78 ? 103 MET A CA  1 
ATOM   547  C C   . MET A 1 86  ? 3.461   -5.469  -0.540  1.00 13.87 ? 103 MET A C   1 
ATOM   548  O O   . MET A 1 86  ? 2.352   -5.889  -0.883  1.00 12.48 ? 103 MET A O   1 
ATOM   549  C CB  . MET A 1 86  ? 2.581   -4.412  1.554   1.00 15.14 ? 103 MET A CB  1 
ATOM   550  C CG  . MET A 1 86  ? 2.908   -5.565  2.499   1.00 18.50 ? 103 MET A CG  1 
ATOM   551  S SD  . MET A 1 86  ? 1.620   -5.871  3.734   1.00 28.30 ? 103 MET A SD  1 
ATOM   552  C CE  . MET A 1 86  ? 0.729   -7.244  2.967   1.00 23.31 ? 103 MET A CE  1 
ATOM   553  N N   . ASN A 1 87  ? 4.601   -5.995  -0.980  1.00 15.05 ? 104 ASN A N   1 
ATOM   554  C CA  . ASN A 1 87  ? 4.612   -7.137  -1.892  1.00 16.27 ? 104 ASN A CA  1 
ATOM   555  C C   . ASN A 1 87  ? 4.229   -8.363  -1.052  1.00 17.49 ? 104 ASN A C   1 
ATOM   556  O O   . ASN A 1 87  ? 4.928   -8.727  -0.107  1.00 15.80 ? 104 ASN A O   1 
ATOM   557  C CB  . ASN A 1 87  ? 5.997   -7.281  -2.524  1.00 15.09 ? 104 ASN A CB  1 
ATOM   558  C CG  . ASN A 1 87  ? 6.072   -8.437  -3.487  1.00 17.62 ? 104 ASN A CG  1 
ATOM   559  O OD1 . ASN A 1 87  ? 6.823   -9.379  -3.274  1.00 19.18 ? 104 ASN A OD1 1 
ATOM   560  N ND2 . ASN A 1 87  ? 5.279   -8.378  -4.546  1.00 15.02 ? 104 ASN A ND2 1 
ATOM   561  N N   . TYR A 1 88  ? 3.111   -8.985  -1.418  1.00 18.19 ? 105 TYR A N   1 
ATOM   562  C CA  . TYR A 1 88  ? 2.518   -10.097 -0.665  1.00 18.42 ? 105 TYR A CA  1 
ATOM   563  C C   . TYR A 1 88  ? 2.766   -11.530 -1.160  1.00 19.46 ? 105 TYR A C   1 
ATOM   564  O O   . TYR A 1 88  ? 2.409   -11.866 -2.284  1.00 20.27 ? 105 TYR A O   1 
ATOM   565  C CB  . TYR A 1 88  ? 1.009   -9.820  -0.595  1.00 17.40 ? 105 TYR A CB  1 
ATOM   566  C CG  . TYR A 1 88  ? 0.189   -10.745 0.266   1.00 18.86 ? 105 TYR A CG  1 
ATOM   567  C CD1 . TYR A 1 88  ? 0.403   -10.829 1.642   1.00 19.34 ? 105 TYR A CD1 1 
ATOM   568  C CD2 . TYR A 1 88  ? -0.832  -11.513 -0.292  1.00 20.96 ? 105 TYR A CD2 1 
ATOM   569  C CE1 . TYR A 1 88  ? -0.384  -11.657 2.442   1.00 21.08 ? 105 TYR A CE1 1 
ATOM   570  C CE2 . TYR A 1 88  ? -1.623  -12.343 0.495   1.00 21.42 ? 105 TYR A CE2 1 
ATOM   571  C CZ  . TYR A 1 88  ? -1.393  -12.413 1.859   1.00 23.68 ? 105 TYR A CZ  1 
ATOM   572  O OH  . TYR A 1 88  ? -2.158  -13.258 2.631   1.00 24.67 ? 105 TYR A OH  1 
ATOM   573  N N   . LYS A 1 89  ? 3.357   -12.369 -0.304  1.00 20.76 ? 106 LYS A N   1 
ATOM   574  C CA  . LYS A 1 89  ? 3.639   -13.772 -0.642  1.00 22.30 ? 106 LYS A CA  1 
ATOM   575  C C   . LYS A 1 89  ? 3.987   -13.881 -2.120  1.00 23.28 ? 106 LYS A C   1 
ATOM   576  O O   . LYS A 1 89  ? 3.334   -14.597 -2.879  1.00 22.22 ? 106 LYS A O   1 
ATOM   577  C CB  . LYS A 1 89  ? 2.409   -14.637 -0.357  1.00 22.44 ? 106 LYS A CB  1 
ATOM   578  C CG  . LYS A 1 89  ? 1.933   -14.606 1.086   1.00 25.00 ? 106 LYS A CG  1 
ATOM   579  C CD  . LYS A 1 89  ? 0.659   -15.428 1.242   1.00 31.45 ? 106 LYS A CD  1 
ATOM   580  C CE  . LYS A 1 89  ? 0.241   -15.559 2.696   1.00 35.19 ? 106 LYS A CE  1 
ATOM   581  N NZ  . LYS A 1 89  ? -1.019  -16.357 2.818   1.00 37.69 ? 106 LYS A NZ  1 
ATOM   582  N N   . ASP A 1 90  ? 5.032   -13.175 -2.519  1.00 23.86 ? 107 ASP A N   1 
ATOM   583  C CA  . ASP A 1 90  ? 5.414   -13.137 -3.918  1.00 25.48 ? 107 ASP A CA  1 
ATOM   584  C C   . ASP A 1 90  ? 6.855   -13.558 -4.142  1.00 25.91 ? 107 ASP A C   1 
ATOM   585  O O   . ASP A 1 90  ? 7.599   -13.826 -3.197  1.00 25.21 ? 107 ASP A O   1 
ATOM   586  C CB  . ASP A 1 90  ? 5.203   -11.703 -4.423  1.00 26.29 ? 107 ASP A CB  1 
ATOM   587  C CG  . ASP A 1 90  ? 5.051   -11.614 -5.927  1.00 26.99 ? 107 ASP A CG  1 
ATOM   588  O OD1 . ASP A 1 90  ? 5.091   -12.658 -6.609  1.00 28.75 ? 107 ASP A OD1 1 
ATOM   589  O OD2 . ASP A 1 90  ? 4.884   -10.481 -6.425  1.00 27.40 ? 107 ASP A OD2 1 
ATOM   590  N N   . ASP A 1 91  ? 7.234   -13.613 -5.413  1.00 28.13 ? 108 ASP A N   1 
ATOM   591  C CA  . ASP A 1 91  ? 8.589   -13.962 -5.806  1.00 30.85 ? 108 ASP A CA  1 
ATOM   592  C C   . ASP A 1 91  ? 9.329   -12.635 -5.912  1.00 31.14 ? 108 ASP A C   1 
ATOM   593  O O   . ASP A 1 91  ? 9.068   -11.825 -6.807  1.00 31.63 ? 108 ASP A O   1 
ATOM   594  C CB  . ASP A 1 91  ? 8.583   -14.683 -7.156  1.00 34.10 ? 108 ASP A CB  1 
ATOM   595  C CG  . ASP A 1 91  ? 9.981   -15.071 -7.626  1.00 37.30 ? 108 ASP A CG  1 
ATOM   596  O OD1 . ASP A 1 91  ? 10.077  -15.896 -8.559  1.00 41.83 ? 108 ASP A OD1 1 
ATOM   597  O OD2 . ASP A 1 91  ? 10.977  -14.553 -7.076  1.00 38.34 ? 108 ASP A OD2 1 
ATOM   598  N N   . ARG A 1 92  ? 10.248  -12.423 -4.985  1.00 30.30 ? 109 ARG A N   1 
ATOM   599  C CA  . ARG A 1 92  ? 11.020  -11.200 -4.916  1.00 31.41 ? 109 ARG A CA  1 
ATOM   600  C C   . ARG A 1 92  ? 11.593  -10.707 -6.240  1.00 32.01 ? 109 ARG A C   1 
ATOM   601  O O   . ARG A 1 92  ? 11.381  -9.555  -6.619  1.00 29.89 ? 109 ARG A O   1 
ATOM   602  C CB  . ARG A 1 92  ? 12.140  -11.387 -3.909  1.00 31.99 ? 109 ARG A CB  1 
ATOM   603  C CG  . ARG A 1 92  ? 12.816  -10.115 -3.511  1.00 34.01 ? 109 ARG A CG  1 
ATOM   604  C CD  . ARG A 1 92  ? 13.659  -10.377 -2.302  1.00 34.30 ? 109 ARG A CD  1 
ATOM   605  N NE  . ARG A 1 92  ? 14.164  -9.146  -1.718  1.00 35.55 ? 109 ARG A NE  1 
ATOM   606  C CZ  . ARG A 1 92  ? 14.634  -9.067  -0.481  1.00 35.13 ? 109 ARG A CZ  1 
ATOM   607  N NH1 . ARG A 1 92  ? 14.651  -10.154 0.280   1.00 32.84 ? 109 ARG A NH1 1 
ATOM   608  N NH2 . ARG A 1 92  ? 15.081  -7.911  -0.012  1.00 33.00 ? 109 ARG A NH2 1 
ATOM   609  N N   . GLN A 1 93  ? 12.320  -11.574 -6.940  1.00 32.12 ? 110 GLN A N   1 
ATOM   610  C CA  . GLN A 1 93  ? 12.919  -11.197 -8.216  1.00 32.27 ? 110 GLN A CA  1 
ATOM   611  C C   . GLN A 1 93  ? 11.890  -10.780 -9.241  1.00 29.81 ? 110 GLN A C   1 
ATOM   612  O O   . GLN A 1 93  ? 12.076  -9.792  -9.951  1.00 31.74 ? 110 GLN A O   1 
ATOM   613  C CB  . GLN A 1 93  ? 13.770  -12.338 -8.770  1.00 34.69 ? 110 GLN A CB  1 
ATOM   614  C CG  . GLN A 1 93  ? 15.213  -12.244 -8.345  1.00 37.43 ? 110 GLN A CG  1 
ATOM   615  C CD  . GLN A 1 93  ? 15.849  -10.931 -8.766  1.00 39.90 ? 110 GLN A CD  1 
ATOM   616  O OE1 . GLN A 1 93  ? 15.877  -10.594 -9.950  1.00 42.24 ? 110 GLN A OE1 1 
ATOM   617  N NE2 . GLN A 1 93  ? 16.364  -10.181 -7.796  1.00 40.16 ? 110 GLN A NE2 1 
ATOM   618  N N   . LYS A 1 94  ? 10.805  -11.536 -9.331  1.00 29.73 ? 111 LYS A N   1 
ATOM   619  C CA  . LYS A 1 94  ? 9.752   -11.194 -10.270 1.00 27.56 ? 111 LYS A CA  1 
ATOM   620  C C   . LYS A 1 94  ? 9.167   -9.835  -9.882  1.00 25.46 ? 111 LYS A C   1 
ATOM   621  O O   . LYS A 1 94  ? 8.837   -9.030  -10.747 1.00 23.25 ? 111 LYS A O   1 
ATOM   622  C CB  . LYS A 1 94  ? 8.657   -12.265 -10.262 1.00 30.53 ? 111 LYS A CB  1 
ATOM   623  C CG  . LYS A 1 94  ? 9.126   -13.624 -10.767 1.00 36.35 ? 111 LYS A CG  1 
ATOM   624  C CD  . LYS A 1 94  ? 7.979   -14.622 -10.831 1.00 38.69 ? 111 LYS A CD  1 
ATOM   625  C CE  . LYS A 1 94  ? 8.454   -15.984 -11.334 1.00 42.40 ? 111 LYS A CE  1 
ATOM   626  N NZ  . LYS A 1 94  ? 7.339   -16.978 -11.392 1.00 44.39 ? 111 LYS A NZ  1 
ATOM   627  N N   . ALA A 1 95  ? 9.053   -9.588  -8.576  1.00 23.54 ? 112 ALA A N   1 
ATOM   628  C CA  . ALA A 1 95  ? 8.509   -8.325  -8.076  1.00 23.23 ? 112 ALA A CA  1 
ATOM   629  C C   . ALA A 1 95  ? 9.390   -7.154  -8.502  1.00 22.17 ? 112 ALA A C   1 
ATOM   630  O O   . ALA A 1 95  ? 8.901   -6.140  -9.001  1.00 22.16 ? 112 ALA A O   1 
ATOM   631  C CB  . ALA A 1 95  ? 8.399   -8.368  -6.545  1.00 21.79 ? 112 ALA A CB  1 
ATOM   632  N N   . ILE A 1 96  ? 10.694  -7.295  -8.304  1.00 23.38 ? 113 ILE A N   1 
ATOM   633  C CA  . ILE A 1 96  ? 11.624  -6.240  -8.671  1.00 24.35 ? 113 ILE A CA  1 
ATOM   634  C C   . ILE A 1 96  ? 11.585  -5.984  -10.174 1.00 24.16 ? 113 ILE A C   1 
ATOM   635  O O   . ILE A 1 96  ? 11.621  -4.834  -10.614 1.00 23.55 ? 113 ILE A O   1 
ATOM   636  C CB  . ILE A 1 96  ? 13.055  -6.595  -8.248  1.00 26.56 ? 113 ILE A CB  1 
ATOM   637  C CG1 . ILE A 1 96  ? 13.127  -6.667  -6.720  1.00 28.35 ? 113 ILE A CG1 1 
ATOM   638  C CG2 . ILE A 1 96  ? 14.037  -5.569  -8.807  1.00 25.74 ? 113 ILE A CG2 1 
ATOM   639  C CD1 . ILE A 1 96  ? 14.487  -7.054  -6.174  1.00 32.04 ? 113 ILE A CD1 1 
ATOM   640  N N   A SER A 1 97  ? 11.520  -7.045  -10.971 0.70 23.09 ? 114 SER A N   1 
ATOM   641  N N   B SER A 1 97  ? 11.498  -7.063  -10.945 0.30 22.86 ? 114 SER A N   1 
ATOM   642  C CA  A SER A 1 97  ? 11.483  -6.882  -12.423 0.70 24.18 ? 114 SER A CA  1 
ATOM   643  C CA  B SER A 1 97  ? 11.438  -6.974  -12.398 0.30 22.71 ? 114 SER A CA  1 
ATOM   644  C C   A SER A 1 97  ? 10.189  -6.200  -12.836 0.70 24.04 ? 114 SER A C   1 
ATOM   645  C C   B SER A 1 97  ? 10.190  -6.203  -12.802 0.30 22.84 ? 114 SER A C   1 
ATOM   646  O O   A SER A 1 97  ? 10.143  -5.457  -13.816 0.70 25.19 ? 114 SER A O   1 
ATOM   647  O O   B SER A 1 97  ? 10.229  -5.363  -13.702 0.30 23.33 ? 114 SER A O   1 
ATOM   648  C CB  A SER A 1 97  ? 11.594  -8.241  -13.116 0.70 25.34 ? 114 SER A CB  1 
ATOM   649  C CB  B SER A 1 97  ? 11.395  -8.377  -13.011 0.30 22.45 ? 114 SER A CB  1 
ATOM   650  O OG  A SER A 1 97  ? 12.827  -8.858  -12.799 0.70 25.12 ? 114 SER A OG  1 
ATOM   651  O OG  B SER A 1 97  ? 11.250  -8.316  -14.419 0.30 19.31 ? 114 SER A OG  1 
ATOM   652  N N   A TRP A 1 98  ? 9.137   -6.467  -12.070 0.50 22.84 ? 115 TRP A N   1 
ATOM   653  N N   B TRP A 1 98  ? 9.083   -6.498  -12.127 0.50 22.53 ? 115 TRP A N   1 
ATOM   654  C CA  A TRP A 1 98  ? 7.821   -5.895  -12.304 0.50 21.13 ? 115 TRP A CA  1 
ATOM   655  C CA  B TRP A 1 98  ? 7.812   -5.839  -12.395 0.50 21.82 ? 115 TRP A CA  1 
ATOM   656  C C   A TRP A 1 98  ? 7.895   -4.373  -12.217 0.50 19.91 ? 115 TRP A C   1 
ATOM   657  C C   B TRP A 1 98  ? 7.945   -4.331  -12.268 0.50 20.35 ? 115 TRP A C   1 
ATOM   658  O O   A TRP A 1 98  ? 7.340   -3.665  -13.052 0.50 19.96 ? 115 TRP A O   1 
ATOM   659  O O   B TRP A 1 98  ? 7.472   -3.587  -13.123 0.50 20.62 ? 115 TRP A O   1 
ATOM   660  C CB  A TRP A 1 98  ? 6.854   -6.456  -11.258 0.50 21.79 ? 115 TRP A CB  1 
ATOM   661  C CB  B TRP A 1 98  ? 6.750   -6.328  -11.410 0.50 24.06 ? 115 TRP A CB  1 
ATOM   662  C CG  A TRP A 1 98  ? 5.473   -5.881  -11.253 0.50 20.87 ? 115 TRP A CG  1 
ATOM   663  C CG  B TRP A 1 98  ? 5.619   -7.069  -12.046 0.50 25.55 ? 115 TRP A CG  1 
ATOM   664  C CD1 A TRP A 1 98  ? 5.105   -4.625  -10.861 0.50 21.31 ? 115 TRP A CD1 1 
ATOM   665  C CD1 B TRP A 1 98  ? 5.713   -8.098  -12.934 0.50 26.37 ? 115 TRP A CD1 1 
ATOM   666  C CD2 A TRP A 1 98  ? 4.260   -6.573  -11.573 0.50 21.96 ? 115 TRP A CD2 1 
ATOM   667  C CD2 B TRP A 1 98  ? 4.221   -6.885  -11.792 0.50 27.14 ? 115 TRP A CD2 1 
ATOM   668  N NE1 A TRP A 1 98  ? 3.736   -4.496  -10.909 0.50 20.02 ? 115 TRP A NE1 1 
ATOM   669  N NE1 B TRP A 1 98  ? 4.462   -8.570  -13.247 0.50 28.28 ? 115 TRP A NE1 1 
ATOM   670  C CE2 A TRP A 1 98  ? 3.194   -5.677  -11.343 0.50 21.38 ? 115 TRP A CE2 1 
ATOM   671  C CE2 B TRP A 1 98  ? 3.527   -7.844  -12.560 0.50 27.55 ? 115 TRP A CE2 1 
ATOM   672  C CE3 A TRP A 1 98  ? 3.971   -7.866  -12.028 0.50 23.08 ? 115 TRP A CE3 1 
ATOM   673  C CE3 B TRP A 1 98  ? 3.488   -6.003  -10.987 0.50 27.22 ? 115 TRP A CE3 1 
ATOM   674  C CZ2 A TRP A 1 98  ? 1.859   -6.033  -11.552 0.50 22.58 ? 115 TRP A CZ2 1 
ATOM   675  C CZ2 B TRP A 1 98  ? 2.133   -7.949  -12.547 0.50 28.76 ? 115 TRP A CZ2 1 
ATOM   676  C CZ3 A TRP A 1 98  ? 2.642   -8.222  -12.235 0.50 22.76 ? 115 TRP A CZ3 1 
ATOM   677  C CZ3 B TRP A 1 98  ? 2.102   -6.108  -10.973 0.50 28.43 ? 115 TRP A CZ3 1 
ATOM   678  C CH2 A TRP A 1 98  ? 1.603   -7.306  -11.996 0.50 23.72 ? 115 TRP A CH2 1 
ATOM   679  C CH2 B TRP A 1 98  ? 1.440   -7.075  -11.749 0.50 28.75 ? 115 TRP A CH2 1 
ATOM   680  N N   . LEU A 1 99  ? 8.590   -3.882  -11.196 1.00 19.57 ? 116 LEU A N   1 
ATOM   681  C CA  . LEU A 1 99  ? 8.759   -2.450  -10.971 1.00 20.34 ? 116 LEU A CA  1 
ATOM   682  C C   . LEU A 1 99  ? 9.694   -1.797  -11.981 1.00 21.54 ? 116 LEU A C   1 
ATOM   683  O O   . LEU A 1 99  ? 9.483   -0.653  -12.384 1.00 18.76 ? 116 LEU A O   1 
ATOM   684  C CB  . LEU A 1 99  ? 9.292   -2.197  -9.559  1.00 20.24 ? 116 LEU A CB  1 
ATOM   685  C CG  . LEU A 1 99  ? 8.383   -2.629  -8.408  1.00 21.56 ? 116 LEU A CG  1 
ATOM   686  C CD1 . LEU A 1 99  ? 9.084   -2.329  -7.093  1.00 23.50 ? 116 LEU A CD1 1 
ATOM   687  C CD2 . LEU A 1 99  ? 7.043   -1.901  -8.487  1.00 21.56 ? 116 LEU A CD2 1 
ATOM   688  N N   . LYS A 1 100 ? 10.735  -2.517  -12.382 1.00 22.07 ? 117 LYS A N   1 
ATOM   689  C CA  . LYS A 1 100 ? 11.672  -1.968  -13.347 1.00 25.13 ? 117 LYS A CA  1 
ATOM   690  C C   . LYS A 1 100 ? 11.040  -1.902  -14.728 1.00 23.93 ? 117 LYS A C   1 
ATOM   691  O O   . LYS A 1 100 ? 11.397  -1.060  -15.542 1.00 24.27 ? 117 LYS A O   1 
ATOM   692  C CB  . LYS A 1 100 ? 12.951  -2.811  -13.391 1.00 28.23 ? 117 LYS A CB  1 
ATOM   693  C CG  . LYS A 1 100 ? 13.784  -2.686  -12.126 1.00 33.94 ? 117 LYS A CG  1 
ATOM   694  C CD  . LYS A 1 100 ? 15.212  -3.163  -12.331 1.00 39.14 ? 117 LYS A CD  1 
ATOM   695  C CE  . LYS A 1 100 ? 16.094  -2.732  -11.161 1.00 41.62 ? 117 LYS A CE  1 
ATOM   696  N NZ  . LYS A 1 100 ? 17.526  -3.110  -11.355 1.00 44.15 ? 117 LYS A NZ  1 
ATOM   697  N N   . GLU A 1 101 ? 10.075  -2.775  -14.978 1.00 24.38 ? 118 GLU A N   1 
ATOM   698  C CA  . GLU A 1 101 ? 9.412   -2.821  -16.275 1.00 25.90 ? 118 GLU A CA  1 
ATOM   699  C C   . GLU A 1 101 ? 8.195   -1.904  -16.409 1.00 24.37 ? 118 GLU A C   1 
ATOM   700  O O   . GLU A 1 101 ? 7.993   -1.269  -17.446 1.00 21.71 ? 118 GLU A O   1 
ATOM   701  C CB  . GLU A 1 101 ? 8.992   -4.261  -16.571 1.00 29.19 ? 118 GLU A CB  1 
ATOM   702  C CG  . GLU A 1 101 ? 8.248   -4.442  -17.881 1.00 37.02 ? 118 GLU A CG  1 
ATOM   703  C CD  . GLU A 1 101 ? 7.729   -5.858  -18.054 1.00 42.09 ? 118 GLU A CD  1 
ATOM   704  O OE1 . GLU A 1 101 ? 8.507   -6.806  -17.804 1.00 43.80 ? 118 GLU A OE1 1 
ATOM   705  O OE2 . GLU A 1 101 ? 6.550   -6.022  -18.445 1.00 43.70 ? 118 GLU A OE2 1 
ATOM   706  N N   . LEU A 1 102 ? 7.388   -1.832  -15.357 1.00 22.65 ? 119 LEU A N   1 
ATOM   707  C CA  . LEU A 1 102 ? 6.164   -1.039  -15.388 1.00 20.39 ? 119 LEU A CA  1 
ATOM   708  C C   . LEU A 1 102 ? 6.229   0.302   -14.656 1.00 19.52 ? 119 LEU A C   1 
ATOM   709  O O   . LEU A 1 102 ? 5.287   1.095   -14.727 1.00 19.71 ? 119 LEU A O   1 
ATOM   710  C CB  . LEU A 1 102 ? 5.015   -1.867  -14.811 1.00 20.77 ? 119 LEU A CB  1 
ATOM   711  C CG  . LEU A 1 102 ? 4.765   -3.260  -15.394 1.00 23.27 ? 119 LEU A CG  1 
ATOM   712  C CD1 . LEU A 1 102 ? 3.746   -3.984  -14.517 1.00 22.58 ? 119 LEU A CD1 1 
ATOM   713  C CD2 . LEU A 1 102 ? 4.266   -3.153  -16.829 1.00 22.62 ? 119 LEU A CD2 1 
ATOM   714  N N   . GLY A 1 103 ? 7.328   0.553   -13.953 1.00 18.07 ? 120 GLY A N   1 
ATOM   715  C CA  . GLY A 1 103 ? 7.460   1.806   -13.228 1.00 15.45 ? 120 GLY A CA  1 
ATOM   716  C C   . GLY A 1 103 ? 7.299   1.573   -11.739 1.00 16.51 ? 120 GLY A C   1 
ATOM   717  O O   . GLY A 1 103 ? 6.648   0.610   -11.331 1.00 15.16 ? 120 GLY A O   1 
ATOM   718  N N   . ASN A 1 104 ? 7.890   2.443   -10.925 1.00 15.16 ? 121 ASN A N   1 
ATOM   719  C CA  . ASN A 1 104 ? 7.801   2.302   -9.479  1.00 13.50 ? 121 ASN A CA  1 
ATOM   720  C C   . ASN A 1 104 ? 7.079   3.496   -8.845  1.00 14.08 ? 121 ASN A C   1 
ATOM   721  O O   . ASN A 1 104 ? 7.665   4.561   -8.664  1.00 14.18 ? 121 ASN A O   1 
ATOM   722  C CB  . ASN A 1 104 ? 9.207   2.174   -8.882  1.00 16.93 ? 121 ASN A CB  1 
ATOM   723  C CG  . ASN A 1 104 ? 9.181   1.832   -7.402  1.00 19.90 ? 121 ASN A CG  1 
ATOM   724  O OD1 . ASN A 1 104 ? 8.111   1.735   -6.797  1.00 17.87 ? 121 ASN A OD1 1 
ATOM   725  N ND2 . ASN A 1 104 ? 10.359  1.647   -6.812  1.00 20.15 ? 121 ASN A ND2 1 
ATOM   726  N N   . PRO A 1 105 ? 5.792   3.329   -8.499  1.00 12.87 ? 122 PRO A N   1 
ATOM   727  C CA  . PRO A 1 105 ? 5.003   4.403   -7.885  1.00 13.70 ? 122 PRO A CA  1 
ATOM   728  C C   . PRO A 1 105 ? 5.186   4.499   -6.364  1.00 13.66 ? 122 PRO A C   1 
ATOM   729  O O   . PRO A 1 105 ? 4.743   5.464   -5.738  1.00 16.69 ? 122 PRO A O   1 
ATOM   730  C CB  . PRO A 1 105 ? 3.578   4.007   -8.249  1.00 12.39 ? 122 PRO A CB  1 
ATOM   731  C CG  . PRO A 1 105 ? 3.628   2.507   -8.049  1.00 14.55 ? 122 PRO A CG  1 
ATOM   732  C CD  . PRO A 1 105 ? 4.956   2.137   -8.740  1.00 13.76 ? 122 PRO A CD  1 
ATOM   733  N N   . TYR A 1 106 ? 5.854   3.508   -5.781  1.00 13.05 ? 123 TYR A N   1 
ATOM   734  C CA  . TYR A 1 106 ? 6.030   3.436   -4.331  1.00 12.12 ? 123 TYR A CA  1 
ATOM   735  C C   . TYR A 1 106 ? 7.146   4.259   -3.711  1.00 14.93 ? 123 TYR A C   1 
ATOM   736  O O   . TYR A 1 106 ? 8.252   4.315   -4.237  1.00 16.18 ? 123 TYR A O   1 
ATOM   737  C CB  . TYR A 1 106 ? 6.225   1.975   -3.927  1.00 13.03 ? 123 TYR A CB  1 
ATOM   738  C CG  . TYR A 1 106 ? 5.134   1.075   -4.440  1.00 11.43 ? 123 TYR A CG  1 
ATOM   739  C CD1 . TYR A 1 106 ? 5.426   0.006   -5.289  1.00 12.80 ? 123 TYR A CD1 1 
ATOM   740  C CD2 . TYR A 1 106 ? 3.805   1.280   -4.065  1.00 13.36 ? 123 TYR A CD2 1 
ATOM   741  C CE1 . TYR A 1 106 ? 4.407   -0.843  -5.753  1.00 14.58 ? 123 TYR A CE1 1 
ATOM   742  C CE2 . TYR A 1 106 ? 2.788   0.441   -4.519  1.00 13.03 ? 123 TYR A CE2 1 
ATOM   743  C CZ  . TYR A 1 106 ? 3.097   -0.617  -5.360  1.00 12.64 ? 123 TYR A CZ  1 
ATOM   744  O OH  . TYR A 1 106 ? 2.092   -1.453  -5.795  1.00 16.29 ? 123 TYR A OH  1 
ATOM   745  N N   . ALA A 1 107 ? 6.843   4.881   -2.576  1.00 13.32 ? 124 ALA A N   1 
ATOM   746  C CA  . ALA A 1 107 ? 7.820   5.674   -1.853  1.00 16.87 ? 124 ALA A CA  1 
ATOM   747  C C   . ALA A 1 107 ? 8.718   4.699   -1.103  1.00 18.54 ? 124 ALA A C   1 
ATOM   748  O O   . ALA A 1 107 ? 9.872   4.999   -0.807  1.00 18.54 ? 124 ALA A O   1 
ATOM   749  C CB  . ALA A 1 107 ? 7.118   6.600   -0.860  1.00 17.89 ? 124 ALA A CB  1 
ATOM   750  N N   . LEU A 1 108 ? 8.163   3.524   -0.811  1.00 17.84 ? 125 LEU A N   1 
ATOM   751  C CA  . LEU A 1 108 ? 8.851   2.470   -0.074  1.00 18.45 ? 125 LEU A CA  1 
ATOM   752  C C   . LEU A 1 108 ? 8.179   1.140   -0.410  1.00 17.79 ? 125 LEU A C   1 
ATOM   753  O O   . LEU A 1 108 ? 6.958   1.084   -0.536  1.00 13.12 ? 125 LEU A O   1 
ATOM   754  C CB  . LEU A 1 108 ? 8.715   2.734   1.432   1.00 22.37 ? 125 LEU A CB  1 
ATOM   755  C CG  . LEU A 1 108 ? 9.197   1.630   2.373   1.00 27.47 ? 125 LEU A CG  1 
ATOM   756  C CD1 . LEU A 1 108 ? 10.707  1.497   2.237   1.00 29.81 ? 125 LEU A CD1 1 
ATOM   757  C CD2 . LEU A 1 108 ? 8.820   1.959   3.810   1.00 28.92 ? 125 LEU A CD2 1 
ATOM   758  N N   . SER A 1 109 ? 8.969   0.077   -0.550  1.00 16.45 ? 126 SER A N   1 
ATOM   759  C CA  . SER A 1 109 ? 8.437   -1.250  -0.856  1.00 18.83 ? 126 SER A CA  1 
ATOM   760  C C   . SER A 1 109 ? 8.830   -2.250  0.224   1.00 19.49 ? 126 SER A C   1 
ATOM   761  O O   . SER A 1 109 ? 10.016  -2.442  0.496   1.00 19.55 ? 126 SER A O   1 
ATOM   762  C CB  . SER A 1 109 ? 8.958   -1.743  -2.213  1.00 21.47 ? 126 SER A CB  1 
ATOM   763  O OG  . SER A 1 109 ? 8.294   -1.094  -3.283  1.00 24.39 ? 126 SER A OG  1 
ATOM   764  N N   . LEU A 1 110 ? 7.832   -2.886  0.834   1.00 17.06 ? 127 LEU A N   1 
ATOM   765  C CA  . LEU A 1 110 ? 8.071   -3.865  1.884   1.00 18.27 ? 127 LEU A CA  1 
ATOM   766  C C   . LEU A 1 110 ? 7.875   -5.265  1.329   1.00 17.78 ? 127 LEU A C   1 
ATOM   767  O O   . LEU A 1 110 ? 6.992   -5.497  0.500   1.00 17.76 ? 127 LEU A O   1 
ATOM   768  C CB  . LEU A 1 110 ? 7.111   -3.635  3.055   1.00 21.21 ? 127 LEU A CB  1 
ATOM   769  C CG  . LEU A 1 110 ? 7.192   -2.246  3.696   1.00 24.15 ? 127 LEU A CG  1 
ATOM   770  C CD1 . LEU A 1 110 ? 6.161   -2.123  4.804   1.00 25.54 ? 127 LEU A CD1 1 
ATOM   771  C CD2 . LEU A 1 110 ? 8.592   -2.020  4.238   1.00 25.47 ? 127 LEU A CD2 1 
ATOM   772  N N   . PHE A 1 111 ? 8.695   -6.196  1.796   1.00 15.30 ? 128 PHE A N   1 
ATOM   773  C CA  . PHE A 1 111 ? 8.625   -7.571  1.334   1.00 16.57 ? 128 PHE A CA  1 
ATOM   774  C C   . PHE A 1 111 ? 7.959   -8.468  2.377   1.00 15.44 ? 128 PHE A C   1 
ATOM   775  O O   . PHE A 1 111 ? 8.590   -8.880  3.348   1.00 16.72 ? 128 PHE A O   1 
ATOM   776  C CB  . PHE A 1 111 ? 10.041  -8.073  1.019   1.00 17.19 ? 128 PHE A CB  1 
ATOM   777  C CG  . PHE A 1 111 ? 10.072  -9.444  0.415   1.00 19.02 ? 128 PHE A CG  1 
ATOM   778  C CD1 . PHE A 1 111 ? 9.425   -9.699  -0.787  1.00 19.26 ? 128 PHE A CD1 1 
ATOM   779  C CD2 . PHE A 1 111 ? 10.709  -10.493 1.071   1.00 19.76 ? 128 PHE A CD2 1 
ATOM   780  C CE1 . PHE A 1 111 ? 9.403   -10.983 -1.329  1.00 22.13 ? 128 PHE A CE1 1 
ATOM   781  C CE2 . PHE A 1 111 ? 10.694  -11.783 0.539   1.00 21.59 ? 128 PHE A CE2 1 
ATOM   782  C CZ  . PHE A 1 111 ? 10.039  -12.027 -0.664  1.00 21.08 ? 128 PHE A CZ  1 
ATOM   783  N N   . ASP A 1 112 ? 6.674   -8.750  2.188   1.00 14.21 ? 129 ASP A N   1 
ATOM   784  C CA  . ASP A 1 112 ? 5.929   -9.602  3.115   1.00 15.29 ? 129 ASP A CA  1 
ATOM   785  C C   . ASP A 1 112 ? 5.933   -11.010 2.512   1.00 16.73 ? 129 ASP A C   1 
ATOM   786  O O   . ASP A 1 112 ? 4.888   -11.556 2.169   1.00 18.14 ? 129 ASP A O   1 
ATOM   787  C CB  . ASP A 1 112 ? 4.494   -9.067  3.270   1.00 15.63 ? 129 ASP A CB  1 
ATOM   788  C CG  . ASP A 1 112 ? 3.744   -9.693  4.442   1.00 17.86 ? 129 ASP A CG  1 
ATOM   789  O OD1 . ASP A 1 112 ? 4.391   -10.081 5.438   1.00 15.45 ? 129 ASP A OD1 1 
ATOM   790  O OD2 . ASP A 1 112 ? 2.495   -9.772  4.379   1.00 17.35 ? 129 ASP A OD2 1 
ATOM   791  N N   . GLY A 1 113 ? 7.132   -11.574 2.381   1.00 18.11 ? 130 GLY A N   1 
ATOM   792  C CA  . GLY A 1 113 ? 7.302   -12.896 1.797   1.00 19.55 ? 130 GLY A CA  1 
ATOM   793  C C   . GLY A 1 113 ? 6.467   -14.015 2.393   1.00 20.66 ? 130 GLY A C   1 
ATOM   794  O O   . GLY A 1 113 ? 5.927   -14.838 1.658   1.00 21.24 ? 130 GLY A O   1 
ATOM   795  N N   . ASP A 1 114 ? 6.364   -14.045 3.719   1.00 21.66 ? 131 ASP A N   1 
ATOM   796  C CA  . ASP A 1 114 ? 5.598   -15.070 4.417   1.00 24.28 ? 131 ASP A CA  1 
ATOM   797  C C   . ASP A 1 114 ? 4.144   -14.644 4.627   1.00 23.49 ? 131 ASP A C   1 
ATOM   798  O O   . ASP A 1 114 ? 3.317   -15.431 5.093   1.00 22.11 ? 131 ASP A O   1 
ATOM   799  C CB  . ASP A 1 114 ? 6.245   -15.371 5.773   1.00 28.33 ? 131 ASP A CB  1 
ATOM   800  C CG  . ASP A 1 114 ? 7.643   -15.971 5.639   1.00 34.67 ? 131 ASP A CG  1 
ATOM   801  O OD1 . ASP A 1 114 ? 8.363   -16.028 6.661   1.00 36.89 ? 131 ASP A OD1 1 
ATOM   802  O OD2 . ASP A 1 114 ? 8.021   -16.392 4.522   1.00 35.53 ? 131 ASP A OD2 1 
ATOM   803  N N   . GLY A 1 115 ? 3.839   -13.395 4.288   1.00 21.29 ? 132 GLY A N   1 
ATOM   804  C CA  . GLY A 1 115 ? 2.481   -12.901 4.440   1.00 19.67 ? 132 GLY A CA  1 
ATOM   805  C C   . GLY A 1 115 ? 2.043   -12.688 5.877   1.00 18.60 ? 132 GLY A C   1 
ATOM   806  O O   . GLY A 1 115 ? 0.846   -12.673 6.165   1.00 17.05 ? 132 GLY A O   1 
ATOM   807  N N   . MET A 1 116 ? 3.004   -12.520 6.781   1.00 20.13 ? 133 MET A N   1 
ATOM   808  C CA  . MET A 1 116 ? 2.691   -12.307 8.188   1.00 21.50 ? 133 MET A CA  1 
ATOM   809  C C   . MET A 1 116 ? 2.105   -10.921 8.484   1.00 20.28 ? 133 MET A C   1 
ATOM   810  O O   . MET A 1 116 ? 1.310   -10.777 9.414   1.00 19.26 ? 133 MET A O   1 
ATOM   811  C CB  . MET A 1 116 ? 3.930   -12.554 9.057   1.00 27.49 ? 133 MET A CB  1 
ATOM   812  C CG  . MET A 1 116 ? 4.284   -14.032 9.236   1.00 32.92 ? 133 MET A CG  1 
ATOM   813  S SD  . MET A 1 116 ? 2.981   -14.983 10.079  1.00 41.00 ? 133 MET A SD  1 
ATOM   814  C CE  . MET A 1 116 ? 2.227   -15.818 8.694   1.00 39.86 ? 133 MET A CE  1 
ATOM   815  N N   . LEU A 1 117 ? 2.489   -9.895  7.723   1.00 17.25 ? 134 LEU A N   1 
ATOM   816  C CA  . LEU A 1 117 ? 1.901   -8.579  7.975   1.00 16.80 ? 134 LEU A CA  1 
ATOM   817  C C   . LEU A 1 117 ? 0.494   -8.629  7.400   1.00 15.31 ? 134 LEU A C   1 
ATOM   818  O O   . LEU A 1 117 ? -0.449  -8.108  7.991   1.00 14.60 ? 134 LEU A O   1 
ATOM   819  C CB  . LEU A 1 117 ? 2.707   -7.450  7.314   1.00 16.11 ? 134 LEU A CB  1 
ATOM   820  C CG  . LEU A 1 117 ? 2.106   -6.041  7.473   1.00 15.17 ? 134 LEU A CG  1 
ATOM   821  C CD1 . LEU A 1 117 ? 1.768   -5.760  8.933   1.00 16.30 ? 134 LEU A CD1 1 
ATOM   822  C CD2 . LEU A 1 117 ? 3.090   -5.009  6.966   1.00 16.50 ? 134 LEU A CD2 1 
ATOM   823  N N   . GLY A 1 118 ? 0.353   -9.286  6.253   1.00 14.83 ? 135 GLY A N   1 
ATOM   824  C CA  . GLY A 1 118 ? -0.956  -9.404  5.639   1.00 16.37 ? 135 GLY A CA  1 
ATOM   825  C C   . GLY A 1 118 ? -1.912  -10.099 6.594   1.00 19.26 ? 135 GLY A C   1 
ATOM   826  O O   . GLY A 1 118 ? -3.098  -9.782  6.650   1.00 17.59 ? 135 GLY A O   1 
ATOM   827  N N   . LEU A 1 119 ? -1.388  -11.053 7.358   1.00 19.54 ? 136 LEU A N   1 
ATOM   828  C CA  . LEU A 1 119 ? -2.208  -11.782 8.317   1.00 21.42 ? 136 LEU A CA  1 
ATOM   829  C C   . LEU A 1 119 ? -2.662  -10.853 9.445   1.00 20.97 ? 136 LEU A C   1 
ATOM   830  O O   . LEU A 1 119 ? -3.821  -10.898 9.860   1.00 21.31 ? 136 LEU A O   1 
ATOM   831  C CB  . LEU A 1 119 ? -1.430  -12.974 8.884   1.00 22.97 ? 136 LEU A CB  1 
ATOM   832  C CG  . LEU A 1 119 ? -2.124  -13.779 9.990   1.00 23.48 ? 136 LEU A CG  1 
ATOM   833  C CD1 . LEU A 1 119 ? -3.478  -14.262 9.505   1.00 24.40 ? 136 LEU A CD1 1 
ATOM   834  C CD2 . LEU A 1 119 ? -1.254  -14.952 10.380  1.00 24.76 ? 136 LEU A CD2 1 
ATOM   835  N N   . ASP A 1 120 ? -1.760  -10.007 9.938   1.00 19.82 ? 137 ASP A N   1 
ATOM   836  C CA  . ASP A 1 120 ? -2.124  -9.076  11.002  1.00 21.24 ? 137 ASP A CA  1 
ATOM   837  C C   . ASP A 1 120 ? -3.053  -7.972  10.494  1.00 21.18 ? 137 ASP A C   1 
ATOM   838  O O   . ASP A 1 120 ? -3.816  -7.392  11.270  1.00 20.78 ? 137 ASP A O   1 
ATOM   839  C CB  . ASP A 1 120 ? -0.881  -8.436  11.633  1.00 23.58 ? 137 ASP A CB  1 
ATOM   840  C CG  . ASP A 1 120 ? -0.117  -9.396  12.525  1.00 25.75 ? 137 ASP A CG  1 
ATOM   841  O OD1 . ASP A 1 120 ? -0.736  -10.341 13.052  1.00 28.46 ? 137 ASP A OD1 1 
ATOM   842  O OD2 . ASP A 1 120 ? 1.100   -9.198  12.711  1.00 28.70 ? 137 ASP A OD2 1 
ATOM   843  N N   . LEU A 1 121 ? -2.984  -7.681  9.199   1.00 19.69 ? 138 LEU A N   1 
ATOM   844  C CA  . LEU A 1 121 ? -3.834  -6.645  8.606   1.00 20.43 ? 138 LEU A CA  1 
ATOM   845  C C   . LEU A 1 121 ? -5.210  -7.190  8.243   1.00 20.99 ? 138 LEU A C   1 
ATOM   846  O O   . LEU A 1 121 ? -6.144  -6.425  7.981   1.00 20.70 ? 138 LEU A O   1 
ATOM   847  C CB  . LEU A 1 121 ? -3.174  -6.067  7.355   1.00 19.40 ? 138 LEU A CB  1 
ATOM   848  C CG  . LEU A 1 121 ? -2.035  -5.078  7.592   1.00 20.30 ? 138 LEU A CG  1 
ATOM   849  C CD1 . LEU A 1 121 ? -1.407  -4.712  6.257   1.00 19.78 ? 138 LEU A CD1 1 
ATOM   850  C CD2 . LEU A 1 121 ? -2.573  -3.833  8.301   1.00 18.73 ? 138 LEU A CD2 1 
ATOM   851  N N   . GLY A 1 122 ? -5.319  -8.516  8.221   1.00 20.90 ? 139 GLY A N   1 
ATOM   852  C CA  . GLY A 1 122 ? -6.575  -9.165  7.892   1.00 20.75 ? 139 GLY A CA  1 
ATOM   853  C C   . GLY A 1 122 ? -6.911  -9.172  6.409   1.00 21.93 ? 139 GLY A C   1 
ATOM   854  O O   . GLY A 1 122 ? -8.089  -9.220  6.043   1.00 20.55 ? 139 GLY A O   1 
ATOM   855  N N   . VAL A 1 123 ? -5.895  -9.140  5.550   1.00 20.95 ? 140 VAL A N   1 
ATOM   856  C CA  . VAL A 1 123 ? -6.146  -9.127  4.112   1.00 22.59 ? 140 VAL A CA  1 
ATOM   857  C C   . VAL A 1 123 ? -6.700  -10.461 3.617   1.00 25.48 ? 140 VAL A C   1 
ATOM   858  O O   . VAL A 1 123 ? -6.326  -11.521 4.122   1.00 24.75 ? 140 VAL A O   1 
ATOM   859  C CB  . VAL A 1 123 ? -4.856  -8.783  3.308   1.00 23.38 ? 140 VAL A CB  1 
ATOM   860  C CG1 . VAL A 1 123 ? -4.241  -7.494  3.835   1.00 20.42 ? 140 VAL A CG1 1 
ATOM   861  C CG2 . VAL A 1 123 ? -3.859  -9.920  3.387   1.00 22.83 ? 140 VAL A CG2 1 
ATOM   862  N N   . TYR A 1 124 ? -7.601  -10.402 2.637   1.00 27.95 ? 141 TYR A N   1 
ATOM   863  C CA  . TYR A 1 124 ? -8.196  -11.609 2.056   1.00 30.56 ? 141 TYR A CA  1 
ATOM   864  C C   . TYR A 1 124 ? -7.312  -12.110 0.920   1.00 31.08 ? 141 TYR A C   1 
ATOM   865  O O   . TYR A 1 124 ? -7.345  -13.288 0.563   1.00 31.31 ? 141 TYR A O   1 
ATOM   866  C CB  . TYR A 1 124 ? -9.589  -11.327 1.480   1.00 35.22 ? 141 TYR A CB  1 
ATOM   867  C CG  . TYR A 1 124 ? -10.597 -10.762 2.455   1.00 40.05 ? 141 TYR A CG  1 
ATOM   868  C CD1 . TYR A 1 124 ? -10.762 -11.317 3.725   1.00 42.41 ? 141 TYR A CD1 1 
ATOM   869  C CD2 . TYR A 1 124 ? -11.416 -9.692  2.089   1.00 42.54 ? 141 TYR A CD2 1 
ATOM   870  C CE1 . TYR A 1 124 ? -11.723 -10.819 4.609   1.00 45.07 ? 141 TYR A CE1 1 
ATOM   871  C CE2 . TYR A 1 124 ? -12.380 -9.188  2.964   1.00 44.93 ? 141 TYR A CE2 1 
ATOM   872  C CZ  . TYR A 1 124 ? -12.527 -9.757  4.221   1.00 46.08 ? 141 TYR A CZ  1 
ATOM   873  O OH  . TYR A 1 124 ? -13.478 -9.264  5.086   1.00 49.04 ? 141 TYR A OH  1 
ATOM   874  N N   . GLY A 1 125 ? -6.532  -11.198 0.348   1.00 29.18 ? 142 GLY A N   1 
ATOM   875  C CA  . GLY A 1 125 ? -5.649  -11.544 -0.751  1.00 26.61 ? 142 GLY A CA  1 
ATOM   876  C C   . GLY A 1 125 ? -5.113  -10.274 -1.381  1.00 25.65 ? 142 GLY A C   1 
ATOM   877  O O   . GLY A 1 125 ? -4.895  -9.282  -0.689  1.00 25.33 ? 142 GLY A O   1 
ATOM   878  N N   . ALA A 1 126 ? -4.902  -10.298 -2.692  1.00 23.67 ? 143 ALA A N   1 
ATOM   879  C CA  . ALA A 1 126 ? -4.405  -9.127  -3.404  1.00 23.01 ? 143 ALA A CA  1 
ATOM   880  C C   . ALA A 1 126 ? -5.284  -8.897  -4.628  1.00 23.20 ? 143 ALA A C   1 
ATOM   881  O O   . ALA A 1 126 ? -5.784  -9.845  -5.226  1.00 25.20 ? 143 ALA A O   1 
ATOM   882  C CB  . ALA A 1 126 ? -2.952  -9.341  -3.823  1.00 21.88 ? 143 ALA A CB  1 
ATOM   883  N N   . PRO A 1 127 ? -5.494  -7.629  -5.012  1.00 21.41 ? 144 PRO A N   1 
ATOM   884  C CA  . PRO A 1 127 ? -4.939  -6.458  -4.340  1.00 19.54 ? 144 PRO A CA  1 
ATOM   885  C C   . PRO A 1 127 ? -5.867  -5.889  -3.271  1.00 18.18 ? 144 PRO A C   1 
ATOM   886  O O   . PRO A 1 127 ? -7.066  -6.153  -3.261  1.00 17.74 ? 144 PRO A O   1 
ATOM   887  C CB  . PRO A 1 127 ? -4.748  -5.488  -5.491  1.00 19.24 ? 144 PRO A CB  1 
ATOM   888  C CG  . PRO A 1 127 ? -6.012  -5.722  -6.284  1.00 19.52 ? 144 PRO A CG  1 
ATOM   889  C CD  . PRO A 1 127 ? -6.164  -7.237  -6.269  1.00 21.54 ? 144 PRO A CD  1 
ATOM   890  N N   . GLU A 1 128 ? -5.287  -5.105  -2.370  1.00 16.62 ? 145 GLU A N   1 
ATOM   891  C CA  . GLU A 1 128 ? -6.028  -4.436  -1.314  1.00 14.67 ? 145 GLU A CA  1 
ATOM   892  C C   . GLU A 1 128 ? -5.310  -3.131  -1.020  1.00 15.17 ? 145 GLU A C   1 
ATOM   893  O O   . GLU A 1 128 ? -4.083  -3.066  -1.094  1.00 14.09 ? 145 GLU A O   1 
ATOM   894  C CB  . GLU A 1 128 ? -6.084  -5.284  -0.045  1.00 16.83 ? 145 GLU A CB  1 
ATOM   895  C CG  . GLU A 1 128 ? -7.102  -6.402  -0.112  1.00 20.41 ? 145 GLU A CG  1 
ATOM   896  C CD  . GLU A 1 128 ? -7.427  -6.975  1.248   1.00 20.91 ? 145 GLU A CD  1 
ATOM   897  O OE1 . GLU A 1 128 ? -7.341  -6.224  2.244   1.00 23.08 ? 145 GLU A OE1 1 
ATOM   898  O OE2 . GLU A 1 128 ? -7.782  -8.170  1.317   1.00 23.17 ? 145 GLU A OE2 1 
ATOM   899  N N   . THR A 1 129 ? -6.069  -2.093  -0.700  1.00 12.58 ? 146 THR A N   1 
ATOM   900  C CA  . THR A 1 129 ? -5.468  -0.805  -0.395  1.00 13.25 ? 146 THR A CA  1 
ATOM   901  C C   . THR A 1 129 ? -6.019  -0.250  0.908   1.00 13.28 ? 146 THR A C   1 
ATOM   902  O O   . THR A 1 129 ? -7.230  -0.219  1.114   1.00 14.02 ? 146 THR A O   1 
ATOM   903  C CB  . THR A 1 129 ? -5.717  0.199   -1.529  1.00 16.84 ? 146 THR A CB  1 
ATOM   904  O OG1 . THR A 1 129 ? -5.076  -0.272  -2.723  1.00 17.26 ? 146 THR A OG1 1 
ATOM   905  C CG2 . THR A 1 129 ? -5.153  1.578   -1.160  1.00 19.49 ? 146 THR A CG2 1 
ATOM   906  N N   . PHE A 1 130 ? -5.116  0.165   1.791   1.00 10.53 ? 147 PHE A N   1 
ATOM   907  C CA  . PHE A 1 130 ? -5.490  0.738   3.079   1.00 11.29 ? 147 PHE A CA  1 
ATOM   908  C C   . PHE A 1 130 ? -5.138  2.219   3.106   1.00 12.54 ? 147 PHE A C   1 
ATOM   909  O O   . PHE A 1 130 ? -4.117  2.629   2.556   1.00 12.50 ? 147 PHE A O   1 
ATOM   910  C CB  . PHE A 1 130 ? -4.713  0.083   4.224   1.00 11.68 ? 147 PHE A CB  1 
ATOM   911  C CG  . PHE A 1 130 ? -5.088  -1.341  4.505   1.00 12.89 ? 147 PHE A CG  1 
ATOM   912  C CD1 . PHE A 1 130 ? -4.689  -2.365  3.656   1.00 15.54 ? 147 PHE A CD1 1 
ATOM   913  C CD2 . PHE A 1 130 ? -5.797  -1.663  5.658   1.00 18.11 ? 147 PHE A CD2 1 
ATOM   914  C CE1 . PHE A 1 130 ? -4.985  -3.699  3.959   1.00 17.59 ? 147 PHE A CE1 1 
ATOM   915  C CE2 . PHE A 1 130 ? -6.099  -2.988  5.970   1.00 17.50 ? 147 PHE A CE2 1 
ATOM   916  C CZ  . PHE A 1 130 ? -5.692  -4.007  5.118   1.00 17.50 ? 147 PHE A CZ  1 
ATOM   917  N N   . LEU A 1 131 ? -5.978  3.015   3.754   1.00 12.18 ? 148 LEU A N   1 
ATOM   918  C CA  . LEU A 1 131 ? -5.708  4.436   3.902   1.00 12.34 ? 148 LEU A CA  1 
ATOM   919  C C   . LEU A 1 131 ? -5.298  4.607   5.359   1.00 12.84 ? 148 LEU A C   1 
ATOM   920  O O   . LEU A 1 131 ? -6.049  4.242   6.263   1.00 12.10 ? 148 LEU A O   1 
ATOM   921  C CB  . LEU A 1 131 ? -6.959  5.271   3.615   1.00 11.71 ? 148 LEU A CB  1 
ATOM   922  C CG  . LEU A 1 131 ? -6.809  6.767   3.897   1.00 15.42 ? 148 LEU A CG  1 
ATOM   923  C CD1 . LEU A 1 131 ? -5.597  7.329   3.151   1.00 13.32 ? 148 LEU A CD1 1 
ATOM   924  C CD2 . LEU A 1 131 ? -8.087  7.487   3.463   1.00 16.32 ? 148 LEU A CD2 1 
ATOM   925  N N   . ILE A 1 132 ? -4.103  5.148   5.575   1.00 11.63 ? 149 ILE A N   1 
ATOM   926  C CA  . ILE A 1 132 ? -3.568  5.372   6.914   1.00 14.38 ? 149 ILE A CA  1 
ATOM   927  C C   . ILE A 1 132 ? -3.320  6.871   7.085   1.00 13.94 ? 149 ILE A C   1 
ATOM   928  O O   . ILE A 1 132 ? -2.770  7.510   6.185   1.00 13.23 ? 149 ILE A O   1 
ATOM   929  C CB  . ILE A 1 132 ? -2.249  4.601   7.085   1.00 16.29 ? 149 ILE A CB  1 
ATOM   930  C CG1 . ILE A 1 132 ? -2.507  3.108   6.838   1.00 18.15 ? 149 ILE A CG1 1 
ATOM   931  C CG2 . ILE A 1 132 ? -1.671  4.838   8.474   1.00 17.00 ? 149 ILE A CG2 1 
ATOM   932  C CD1 . ILE A 1 132 ? -1.279  2.253   6.865   1.00 22.30 ? 149 ILE A CD1 1 
ATOM   933  N N   . ASP A 1 133 ? -3.729  7.441   8.219   1.00 14.07 ? 150 ASP A N   1 
ATOM   934  C CA  . ASP A 1 133 ? -3.526  8.874   8.415   1.00 17.23 ? 150 ASP A CA  1 
ATOM   935  C C   . ASP A 1 133 ? -2.132  9.218   8.922   1.00 18.80 ? 150 ASP A C   1 
ATOM   936  O O   . ASP A 1 133 ? -1.324  8.331   9.187   1.00 17.66 ? 150 ASP A O   1 
ATOM   937  C CB  . ASP A 1 133 ? -4.615  9.501   9.320   1.00 15.48 ? 150 ASP A CB  1 
ATOM   938  C CG  . ASP A 1 133 ? -4.545  9.055   10.770  1.00 16.39 ? 150 ASP A CG  1 
ATOM   939  O OD1 . ASP A 1 133 ? -3.484  8.600   11.239  1.00 17.41 ? 150 ASP A OD1 1 
ATOM   940  O OD2 . ASP A 1 133 ? -5.576  9.189   11.460  1.00 16.01 ? 150 ASP A OD2 1 
ATOM   941  N N   . GLY A 1 134 ? -1.857  10.515  9.025   1.00 20.39 ? 151 GLY A N   1 
ATOM   942  C CA  . GLY A 1 134 ? -0.551  10.983  9.457   1.00 21.83 ? 151 GLY A CA  1 
ATOM   943  C C   . GLY A 1 134 ? -0.066  10.453  10.786  1.00 22.80 ? 151 GLY A C   1 
ATOM   944  O O   . GLY A 1 134 ? 1.137   10.466  11.059  1.00 23.65 ? 151 GLY A O   1 
ATOM   945  N N   . ASN A 1 135 ? -0.996  9.980   11.610  1.00 23.19 ? 152 ASN A N   1 
ATOM   946  C CA  . ASN A 1 135 ? -0.655  9.453   12.920  1.00 22.81 ? 152 ASN A CA  1 
ATOM   947  C C   . ASN A 1 135 ? -0.569  7.931   12.952  1.00 21.47 ? 152 ASN A C   1 
ATOM   948  O O   . ASN A 1 135 ? -0.492  7.332   14.021  1.00 21.13 ? 152 ASN A O   1 
ATOM   949  C CB  . ASN A 1 135 ? -1.668  9.947   13.959  1.00 26.68 ? 152 ASN A CB  1 
ATOM   950  C CG  . ASN A 1 135 ? -1.671  11.465  14.091  1.00 30.09 ? 152 ASN A CG  1 
ATOM   951  O OD1 . ASN A 1 135 ? -0.628  12.082  14.299  1.00 33.09 ? 152 ASN A OD1 1 
ATOM   952  N ND2 . ASN A 1 135 ? -2.846  12.069  13.969  1.00 32.07 ? 152 ASN A ND2 1 
ATOM   953  N N   . GLY A 1 136 ? -0.589  7.307   11.780  1.00 20.14 ? 153 GLY A N   1 
ATOM   954  C CA  . GLY A 1 136 ? -0.484  5.859   11.725  1.00 17.28 ? 153 GLY A CA  1 
ATOM   955  C C   . GLY A 1 136 ? -1.756  5.111   12.075  1.00 17.29 ? 153 GLY A C   1 
ATOM   956  O O   . GLY A 1 136 ? -1.711  3.935   12.433  1.00 18.02 ? 153 GLY A O   1 
ATOM   957  N N   . ILE A 1 137 ? -2.895  5.782   11.967  1.00 14.65 ? 154 ILE A N   1 
ATOM   958  C CA  . ILE A 1 137 ? -4.169  5.146   12.279  1.00 14.48 ? 154 ILE A CA  1 
ATOM   959  C C   . ILE A 1 137 ? -4.832  4.710   10.977  1.00 12.24 ? 154 ILE A C   1 
ATOM   960  O O   . ILE A 1 137 ? -4.932  5.493   10.033  1.00 11.56 ? 154 ILE A O   1 
ATOM   961  C CB  . ILE A 1 137 ? -5.107  6.120   13.035  1.00 16.66 ? 154 ILE A CB  1 
ATOM   962  C CG1 . ILE A 1 137 ? -4.430  6.593   14.325  1.00 19.61 ? 154 ILE A CG1 1 
ATOM   963  C CG2 . ILE A 1 137 ? -6.429  5.439   13.371  1.00 16.26 ? 154 ILE A CG2 1 
ATOM   964  C CD1 . ILE A 1 137 ? -4.019  5.459   15.253  1.00 23.75 ? 154 ILE A CD1 1 
ATOM   965  N N   . ILE A 1 138 ? -5.261  3.456   10.920  1.00 12.06 ? 155 ILE A N   1 
ATOM   966  C CA  . ILE A 1 138 ? -5.917  2.938   9.727   1.00 12.90 ? 155 ILE A CA  1 
ATOM   967  C C   . ILE A 1 138 ? -7.313  3.551   9.640   1.00 14.03 ? 155 ILE A C   1 
ATOM   968  O O   . ILE A 1 138 ? -8.104  3.444   10.580  1.00 14.15 ? 155 ILE A O   1 
ATOM   969  C CB  . ILE A 1 138 ? -6.018  1.405   9.787   1.00 15.55 ? 155 ILE A CB  1 
ATOM   970  C CG1 . ILE A 1 138 ? -4.607  0.803   9.732   1.00 15.02 ? 155 ILE A CG1 1 
ATOM   971  C CG2 . ILE A 1 138 ? -6.886  0.899   8.645   1.00 12.73 ? 155 ILE A CG2 1 
ATOM   972  C CD1 . ILE A 1 138 ? -4.544  -0.686  10.048  1.00 17.46 ? 155 ILE A CD1 1 
ATOM   973  N N   . ARG A 1 139 ? -7.611  4.184   8.507   1.00 13.56 ? 156 ARG A N   1 
ATOM   974  C CA  . ARG A 1 139 ? -8.899  4.851   8.309   1.00 12.78 ? 156 ARG A CA  1 
ATOM   975  C C   . ARG A 1 139 ? -9.800  4.234   7.256   1.00 14.83 ? 156 ARG A C   1 
ATOM   976  O O   . ARG A 1 139 ? -10.990 4.547   7.194   1.00 15.03 ? 156 ARG A O   1 
ATOM   977  C CB  . ARG A 1 139 ? -8.672  6.317   7.936   1.00 13.87 ? 156 ARG A CB  1 
ATOM   978  C CG  . ARG A 1 139 ? -7.971  7.114   9.012   1.00 14.75 ? 156 ARG A CG  1 
ATOM   979  C CD  . ARG A 1 139 ? -8.822  7.177   10.259  1.00 15.41 ? 156 ARG A CD  1 
ATOM   980  N NE  . ARG A 1 139 ? -8.148  7.904   11.323  1.00 18.21 ? 156 ARG A NE  1 
ATOM   981  C CZ  . ARG A 1 139 ? -8.635  8.044   12.549  1.00 20.59 ? 156 ARG A CZ  1 
ATOM   982  N NH1 . ARG A 1 139 ? -9.811  7.508   12.867  1.00 19.33 ? 156 ARG A NH1 1 
ATOM   983  N NH2 . ARG A 1 139 ? -7.939  8.707   13.459  1.00 17.49 ? 156 ARG A NH2 1 
ATOM   984  N N   . TYR A 1 140 ? -9.246  3.385   6.403   1.00 13.00 ? 157 TYR A N   1 
ATOM   985  C CA  . TYR A 1 140 ? -10.073 2.778   5.377   1.00 13.93 ? 157 TYR A CA  1 
ATOM   986  C C   . TYR A 1 140 ? -9.394  1.569   4.784   1.00 13.71 ? 157 TYR A C   1 
ATOM   987  O O   . TYR A 1 140 ? -8.170  1.503   4.715   1.00 14.07 ? 157 TYR A O   1 
ATOM   988  C CB  . TYR A 1 140 ? -10.363 3.782   4.254   1.00 13.18 ? 157 TYR A CB  1 
ATOM   989  C CG  . TYR A 1 140 ? -11.555 3.393   3.391   1.00 16.03 ? 157 TYR A CG  1 
ATOM   990  C CD1 . TYR A 1 140 ? -12.858 3.564   3.859   1.00 16.80 ? 157 TYR A CD1 1 
ATOM   991  C CD2 . TYR A 1 140 ? -11.378 2.846   2.116   1.00 15.37 ? 157 TYR A CD2 1 
ATOM   992  C CE1 . TYR A 1 140 ? -13.964 3.201   3.081   1.00 18.66 ? 157 TYR A CE1 1 
ATOM   993  C CE2 . TYR A 1 140 ? -12.481 2.475   1.325   1.00 14.94 ? 157 TYR A CE2 1 
ATOM   994  C CZ  . TYR A 1 140 ? -13.765 2.658   1.817   1.00 19.86 ? 157 TYR A CZ  1 
ATOM   995  O OH  . TYR A 1 140 ? -14.859 2.297   1.058   1.00 20.62 ? 157 TYR A OH  1 
ATOM   996  N N   . ARG A 1 141 ? -10.201 0.604   4.366   1.00 14.07 ? 158 ARG A N   1 
ATOM   997  C CA  . ARG A 1 141 ? -9.681  -0.589  3.736   1.00 14.24 ? 158 ARG A CA  1 
ATOM   998  C C   . ARG A 1 141 ? -10.545 -0.907  2.532   1.00 15.91 ? 158 ARG A C   1 
ATOM   999  O O   . ARG A 1 141 ? -11.767 -1.017  2.647   1.00 13.87 ? 158 ARG A O   1 
ATOM   1000 C CB  . ARG A 1 141 ? -9.705  -1.780  4.690   1.00 18.23 ? 158 ARG A CB  1 
ATOM   1001 C CG  . ARG A 1 141 ? -9.308  -3.077  3.993   1.00 21.03 ? 158 ARG A CG  1 
ATOM   1002 C CD  . ARG A 1 141 ? -9.612  -4.298  4.835   1.00 27.01 ? 158 ARG A CD  1 
ATOM   1003 N NE  . ARG A 1 141 ? -9.463  -5.520  4.049   1.00 32.74 ? 158 ARG A NE  1 
ATOM   1004 C CZ  . ARG A 1 141 ? -9.815  -6.731  4.467   1.00 35.24 ? 158 ARG A CZ  1 
ATOM   1005 N NH1 . ARG A 1 141 ? -9.641  -7.781  3.677   1.00 35.57 ? 158 ARG A NH1 1 
ATOM   1006 N NH2 . ARG A 1 141 ? -10.344 -6.892  5.675   1.00 36.92 ? 158 ARG A NH2 1 
ATOM   1007 N N   . HIS A 1 142 ? -9.918  -1.024  1.369   1.00 13.88 ? 159 HIS A N   1 
ATOM   1008 C CA  . HIS A 1 142 ? -10.659 -1.370  0.164   1.00 16.54 ? 159 HIS A CA  1 
ATOM   1009 C C   . HIS A 1 142 ? -10.108 -2.690  -0.356  1.00 16.97 ? 159 HIS A C   1 
ATOM   1010 O O   . HIS A 1 142 ? -8.960  -2.754  -0.787  1.00 15.25 ? 159 HIS A O   1 
ATOM   1011 C CB  . HIS A 1 142 ? -10.500 -0.309  -0.929  1.00 17.14 ? 159 HIS A CB  1 
ATOM   1012 C CG  . HIS A 1 142 ? -11.175 -0.678  -2.215  1.00 20.25 ? 159 HIS A CG  1 
ATOM   1013 N ND1 . HIS A 1 142 ? -12.545 -0.660  -2.367  1.00 21.98 ? 159 HIS A ND1 1 
ATOM   1014 C CD2 . HIS A 1 142 ? -10.673 -1.146  -3.383  1.00 20.20 ? 159 HIS A CD2 1 
ATOM   1015 C CE1 . HIS A 1 142 ? -12.859 -1.106  -3.571  1.00 22.74 ? 159 HIS A CE1 1 
ATOM   1016 N NE2 . HIS A 1 142 ? -11.742 -1.409  -4.208  1.00 20.36 ? 159 HIS A NE2 1 
ATOM   1017 N N   . ALA A 1 143 ? -10.920 -3.739  -0.299  1.00 15.47 ? 160 ALA A N   1 
ATOM   1018 C CA  . ALA A 1 143 ? -10.498 -5.043  -0.793  1.00 18.60 ? 160 ALA A CA  1 
ATOM   1019 C C   . ALA A 1 143 ? -10.844 -5.071  -2.278  1.00 20.43 ? 160 ALA A C   1 
ATOM   1020 O O   . ALA A 1 143 ? -12.016 -5.080  -2.642  1.00 23.63 ? 160 ALA A O   1 
ATOM   1021 C CB  . ALA A 1 143 ? -11.236 -6.150  -0.055  1.00 18.54 ? 160 ALA A CB  1 
ATOM   1022 N N   . GLY A 1 144 ? -9.823  -5.076  -3.128  1.00 19.58 ? 161 GLY A N   1 
ATOM   1023 C CA  . GLY A 1 144 ? -10.052 -5.074  -4.562  1.00 19.16 ? 161 GLY A CA  1 
ATOM   1024 C C   . GLY A 1 144 ? -9.135  -4.068  -5.235  1.00 19.97 ? 161 GLY A C   1 
ATOM   1025 O O   . GLY A 1 144 ? -8.395  -3.359  -4.562  1.00 18.87 ? 161 GLY A O   1 
ATOM   1026 N N   . ASP A 1 145 ? -9.185  -3.993  -6.560  1.00 19.96 ? 162 ASP A N   1 
ATOM   1027 C CA  . ASP A 1 145 ? -8.320  -3.080  -7.296  1.00 22.33 ? 162 ASP A CA  1 
ATOM   1028 C C   . ASP A 1 145 ? -8.694  -1.612  -7.152  1.00 21.12 ? 162 ASP A C   1 
ATOM   1029 O O   . ASP A 1 145 ? -9.859  -1.258  -6.990  1.00 20.18 ? 162 ASP A O   1 
ATOM   1030 C CB  . ASP A 1 145 ? -8.299  -3.458  -8.778  1.00 25.78 ? 162 ASP A CB  1 
ATOM   1031 C CG  . ASP A 1 145 ? -9.653  -3.296  -9.436  1.00 29.73 ? 162 ASP A CG  1 
ATOM   1032 O OD1 . ASP A 1 145 ? -9.895  -2.244  -10.068 1.00 29.24 ? 162 ASP A OD1 1 
ATOM   1033 O OD2 . ASP A 1 145 ? -10.481 -4.219  -9.303  1.00 30.63 ? 162 ASP A OD2 1 
ATOM   1034 N N   . LEU A 1 146 ? -7.680  -0.758  -7.212  1.00 19.88 ? 163 LEU A N   1 
ATOM   1035 C CA  . LEU A 1 146 ? -7.883  0.675   -7.108  1.00 21.51 ? 163 LEU A CA  1 
ATOM   1036 C C   . LEU A 1 146 ? -8.042  1.260   -8.509  1.00 21.56 ? 163 LEU A C   1 
ATOM   1037 O O   . LEU A 1 146 ? -7.130  1.180   -9.331  1.00 23.71 ? 163 LEU A O   1 
ATOM   1038 C CB  . LEU A 1 146 ? -6.686  1.326   -6.408  1.00 20.54 ? 163 LEU A CB  1 
ATOM   1039 C CG  . LEU A 1 146 ? -6.885  2.775   -5.967  1.00 24.67 ? 163 LEU A CG  1 
ATOM   1040 C CD1 . LEU A 1 146 ? -7.962  2.816   -4.893  1.00 22.48 ? 163 LEU A CD1 1 
ATOM   1041 C CD2 . LEU A 1 146 ? -5.576  3.353   -5.424  1.00 25.34 ? 163 LEU A CD2 1 
ATOM   1042 N N   . ASN A 1 147 ? -9.205  1.833   -8.786  1.00 21.53 ? 164 ASN A N   1 
ATOM   1043 C CA  . ASN A 1 147 ? -9.457  2.437   -10.093 1.00 19.77 ? 164 ASN A CA  1 
ATOM   1044 C C   . ASN A 1 147 ? -10.036 3.830   -9.865  1.00 18.77 ? 164 ASN A C   1 
ATOM   1045 O O   . ASN A 1 147 ? -10.336 4.199   -8.731  1.00 16.63 ? 164 ASN A O   1 
ATOM   1046 C CB  . ASN A 1 147 ? -10.416 1.564   -10.920 1.00 20.15 ? 164 ASN A CB  1 
ATOM   1047 C CG  . ASN A 1 147 ? -11.730 1.306   -10.216 1.00 18.70 ? 164 ASN A CG  1 
ATOM   1048 O OD1 . ASN A 1 147 ? -12.424 2.237   -9.822  1.00 19.74 ? 164 ASN A OD1 1 
ATOM   1049 N ND2 . ASN A 1 147 ? -12.081 0.036   -10.061 1.00 18.41 ? 164 ASN A ND2 1 
ATOM   1050 N N   . PRO A 1 148 ? -10.187 4.626   -10.932 1.00 19.38 ? 165 PRO A N   1 
ATOM   1051 C CA  . PRO A 1 148 ? -10.729 5.978   -10.785 1.00 19.95 ? 165 PRO A CA  1 
ATOM   1052 C C   . PRO A 1 148 ? -12.049 6.064   -10.017 1.00 20.48 ? 165 PRO A C   1 
ATOM   1053 O O   . PRO A 1 148 ? -12.250 6.986   -9.228  1.00 21.06 ? 165 PRO A O   1 
ATOM   1054 C CB  . PRO A 1 148 ? -10.863 6.445   -12.232 1.00 20.93 ? 165 PRO A CB  1 
ATOM   1055 C CG  . PRO A 1 148 ? -9.712  5.777   -12.889 1.00 20.02 ? 165 PRO A CG  1 
ATOM   1056 C CD  . PRO A 1 148 ? -9.793  4.379   -12.330 1.00 19.56 ? 165 PRO A CD  1 
ATOM   1057 N N   . ARG A 1 149 ? -12.941 5.106   -10.237 1.00 18.34 ? 166 ARG A N   1 
ATOM   1058 C CA  . ARG A 1 149 ? -14.223 5.135   -9.550  1.00 20.66 ? 166 ARG A CA  1 
ATOM   1059 C C   . ARG A 1 149 ? -14.048 4.962   -8.047  1.00 18.12 ? 166 ARG A C   1 
ATOM   1060 O O   . ARG A 1 149 ? -14.602 5.726   -7.262  1.00 18.31 ? 166 ARG A O   1 
ATOM   1061 C CB  . ARG A 1 149 ? -15.150 4.043   -10.080 1.00 23.86 ? 166 ARG A CB  1 
ATOM   1062 C CG  . ARG A 1 149 ? -16.612 4.291   -9.730  1.00 29.21 ? 166 ARG A CG  1 
ATOM   1063 C CD  . ARG A 1 149 ? -17.376 2.988   -9.639  1.00 33.36 ? 166 ARG A CD  1 
ATOM   1064 N NE  . ARG A 1 149 ? -16.996 2.236   -8.445  1.00 38.22 ? 166 ARG A NE  1 
ATOM   1065 C CZ  . ARG A 1 149 ? -16.731 0.934   -8.434  1.00 40.08 ? 166 ARG A CZ  1 
ATOM   1066 N NH1 . ARG A 1 149 ? -16.399 0.334   -7.296  1.00 40.59 ? 166 ARG A NH1 1 
ATOM   1067 N NH2 . ARG A 1 149 ? -16.781 0.233   -9.563  1.00 41.01 ? 166 ARG A NH2 1 
ATOM   1068 N N   . VAL A 1 150 ? -13.283 3.951   -7.648  1.00 16.56 ? 167 VAL A N   1 
ATOM   1069 C CA  . VAL A 1 150 ? -13.051 3.707   -6.233  1.00 17.34 ? 167 VAL A CA  1 
ATOM   1070 C C   . VAL A 1 150 ? -12.393 4.926   -5.593  1.00 18.56 ? 167 VAL A C   1 
ATOM   1071 O O   . VAL A 1 150 ? -12.783 5.357   -4.509  1.00 19.83 ? 167 VAL A O   1 
ATOM   1072 C CB  . VAL A 1 150 ? -12.162 2.454   -6.023  1.00 18.59 ? 167 VAL A CB  1 
ATOM   1073 C CG1 . VAL A 1 150 ? -11.714 2.361   -4.565  1.00 16.45 ? 167 VAL A CG1 1 
ATOM   1074 C CG2 . VAL A 1 150 ? -12.947 1.199   -6.420  1.00 17.10 ? 167 VAL A CG2 1 
ATOM   1075 N N   . TRP A 1 151 ? -11.399 5.489   -6.274  1.00 18.66 ? 168 TRP A N   1 
ATOM   1076 C CA  . TRP A 1 151 ? -10.705 6.662   -5.759  1.00 18.89 ? 168 TRP A CA  1 
ATOM   1077 C C   . TRP A 1 151 ? -11.641 7.856   -5.589  1.00 19.90 ? 168 TRP A C   1 
ATOM   1078 O O   . TRP A 1 151 ? -11.736 8.429   -4.503  1.00 18.39 ? 168 TRP A O   1 
ATOM   1079 C CB  . TRP A 1 151 ? -9.542  7.037   -6.689  1.00 19.08 ? 168 TRP A CB  1 
ATOM   1080 C CG  . TRP A 1 151 ? -8.822  8.307   -6.297  1.00 20.16 ? 168 TRP A CG  1 
ATOM   1081 C CD1 . TRP A 1 151 ? -8.886  9.513   -6.934  1.00 21.80 ? 168 TRP A CD1 1 
ATOM   1082 C CD2 . TRP A 1 151 ? -7.941  8.492   -5.178  1.00 18.50 ? 168 TRP A CD2 1 
ATOM   1083 N NE1 . TRP A 1 151 ? -8.098  10.436  -6.283  1.00 21.41 ? 168 TRP A NE1 1 
ATOM   1084 C CE2 . TRP A 1 151 ? -7.508  9.836   -5.203  1.00 19.92 ? 168 TRP A CE2 1 
ATOM   1085 C CE3 . TRP A 1 151 ? -7.474  7.651   -4.157  1.00 19.45 ? 168 TRP A CE3 1 
ATOM   1086 C CZ2 . TRP A 1 151 ? -6.631  10.362  -4.247  1.00 20.57 ? 168 TRP A CZ2 1 
ATOM   1087 C CZ3 . TRP A 1 151 ? -6.600  8.175   -3.205  1.00 20.11 ? 168 TRP A CZ3 1 
ATOM   1088 C CH2 . TRP A 1 151 ? -6.189  9.518   -3.259  1.00 19.54 ? 168 TRP A CH2 1 
ATOM   1089 N N   . GLU A 1 152 ? -12.354 8.214   -6.653  1.00 21.22 ? 169 GLU A N   1 
ATOM   1090 C CA  . GLU A 1 152 ? -13.254 9.367   -6.612  1.00 24.69 ? 169 GLU A CA  1 
ATOM   1091 C C   . GLU A 1 152 ? -14.375 9.259   -5.579  1.00 24.06 ? 169 GLU A C   1 
ATOM   1092 O O   . GLU A 1 152 ? -14.633 10.202  -4.835  1.00 23.50 ? 169 GLU A O   1 
ATOM   1093 C CB  . GLU A 1 152 ? -13.883 9.604   -7.994  1.00 29.53 ? 169 GLU A CB  1 
ATOM   1094 C CG  . GLU A 1 152 ? -12.882 9.788   -9.132  1.00 36.99 ? 169 GLU A CG  1 
ATOM   1095 C CD  . GLU A 1 152 ? -13.556 9.889   -10.499 1.00 41.57 ? 169 GLU A CD  1 
ATOM   1096 O OE1 . GLU A 1 152 ? -14.476 9.089   -10.777 1.00 43.28 ? 169 GLU A OE1 1 
ATOM   1097 O OE2 . GLU A 1 152 ? -13.157 10.760  -11.302 1.00 44.49 ? 169 GLU A OE2 1 
ATOM   1098 N N   . GLU A 1 153 ? -15.021 8.098   -5.529  1.00 22.40 ? 170 GLU A N   1 
ATOM   1099 C CA  . GLU A 1 153 ? -16.149 7.878   -4.633  1.00 23.96 ? 170 GLU A CA  1 
ATOM   1100 C C   . GLU A 1 153 ? -15.866 7.432   -3.202  1.00 23.62 ? 170 GLU A C   1 
ATOM   1101 O O   . GLU A 1 153 ? -16.578 7.829   -2.281  1.00 25.81 ? 170 GLU A O   1 
ATOM   1102 C CB  . GLU A 1 153 ? -17.110 6.863   -5.266  1.00 24.31 ? 170 GLU A CB  1 
ATOM   1103 C CG  . GLU A 1 153 ? -17.651 7.270   -6.621  1.00 30.12 ? 170 GLU A CG  1 
ATOM   1104 C CD  . GLU A 1 153 ? -18.597 6.233   -7.211  1.00 34.62 ? 170 GLU A CD  1 
ATOM   1105 O OE1 . GLU A 1 153 ? -19.179 6.505   -8.285  1.00 36.11 ? 170 GLU A OE1 1 
ATOM   1106 O OE2 . GLU A 1 153 ? -18.758 5.148   -6.606  1.00 35.27 ? 170 GLU A OE2 1 
ATOM   1107 N N   . GLU A 1 154 ? -14.839 6.612   -3.009  1.00 20.13 ? 171 GLU A N   1 
ATOM   1108 C CA  . GLU A 1 154 ? -14.543 6.084   -1.683  1.00 19.91 ? 171 GLU A CA  1 
ATOM   1109 C C   . GLU A 1 154 ? -13.349 6.642   -0.925  1.00 18.97 ? 171 GLU A C   1 
ATOM   1110 O O   . GLU A 1 154 ? -13.467 7.010   0.242   1.00 20.74 ? 171 GLU A O   1 
ATOM   1111 C CB  . GLU A 1 154 ? -14.359 4.570   -1.770  1.00 19.83 ? 171 GLU A CB  1 
ATOM   1112 C CG  . GLU A 1 154 ? -15.590 3.793   -2.170  1.00 23.95 ? 171 GLU A CG  1 
ATOM   1113 C CD  . GLU A 1 154 ? -15.288 2.318   -2.330  1.00 27.66 ? 171 GLU A CD  1 
ATOM   1114 O OE1 . GLU A 1 154 ? -14.768 1.709   -1.370  1.00 28.27 ? 171 GLU A OE1 1 
ATOM   1115 O OE2 . GLU A 1 154 ? -15.566 1.764   -3.415  1.00 32.08 ? 171 GLU A OE2 1 
ATOM   1116 N N   . ILE A 1 155 ? -12.199 6.693   -1.583  1.00 15.32 ? 172 ILE A N   1 
ATOM   1117 C CA  . ILE A 1 155 ? -10.980 7.135   -0.916  1.00 15.33 ? 172 ILE A CA  1 
ATOM   1118 C C   . ILE A 1 155 ? -10.610 8.619   -0.990  1.00 14.46 ? 172 ILE A C   1 
ATOM   1119 O O   . ILE A 1 155 ? -10.219 9.213   0.019   1.00 15.10 ? 172 ILE A O   1 
ATOM   1120 C CB  . ILE A 1 155 ? -9.799  6.284   -1.418  1.00 15.49 ? 172 ILE A CB  1 
ATOM   1121 C CG1 . ILE A 1 155 ? -10.141 4.802   -1.229  1.00 16.53 ? 172 ILE A CG1 1 
ATOM   1122 C CG2 . ILE A 1 155 ? -8.515  6.653   -0.674  1.00 16.27 ? 172 ILE A CG2 1 
ATOM   1123 C CD1 . ILE A 1 155 ? -9.150  3.848   -1.853  1.00 18.41 ? 172 ILE A CD1 1 
ATOM   1124 N N   . LYS A 1 156 ? -10.729 9.221   -2.167  1.00 13.72 ? 173 LYS A N   1 
ATOM   1125 C CA  . LYS A 1 156 ? -10.367 10.627  -2.332  1.00 13.99 ? 173 LYS A CA  1 
ATOM   1126 C C   . LYS A 1 156 ? -10.926 11.561  -1.250  1.00 14.62 ? 173 LYS A C   1 
ATOM   1127 O O   . LYS A 1 156 ? -10.190 12.374  -0.688  1.00 15.34 ? 173 LYS A O   1 
ATOM   1128 C CB  . LYS A 1 156 ? -10.787 11.117  -3.720  1.00 15.32 ? 173 LYS A CB  1 
ATOM   1129 C CG  . LYS A 1 156 ? -10.426 12.560  -4.001  1.00 20.29 ? 173 LYS A CG  1 
ATOM   1130 C CD  . LYS A 1 156 ? -10.814 12.961  -5.414  1.00 23.03 ? 173 LYS A CD  1 
ATOM   1131 C CE  . LYS A 1 156 ? -10.357 14.377  -5.721  1.00 27.86 ? 173 LYS A CE  1 
ATOM   1132 N NZ  . LYS A 1 156 ? -10.727 14.786  -7.105  1.00 33.77 ? 173 LYS A NZ  1 
ATOM   1133 N N   . PRO A 1 157 ? -12.226 11.454  -0.933  1.00 15.48 ? 174 PRO A N   1 
ATOM   1134 C CA  . PRO A 1 157 ? -12.787 12.337  0.097   1.00 16.69 ? 174 PRO A CA  1 
ATOM   1135 C C   . PRO A 1 157 ? -12.077 12.182  1.439   1.00 15.68 ? 174 PRO A C   1 
ATOM   1136 O O   . PRO A 1 157 ? -11.868 13.155  2.156   1.00 15.13 ? 174 PRO A O   1 
ATOM   1137 C CB  . PRO A 1 157 ? -14.250 11.901  0.170   1.00 17.87 ? 174 PRO A CB  1 
ATOM   1138 C CG  . PRO A 1 157 ? -14.522 11.378  -1.202  1.00 18.58 ? 174 PRO A CG  1 
ATOM   1139 C CD  . PRO A 1 157 ? -13.273 10.589  -1.500  1.00 17.27 ? 174 PRO A CD  1 
ATOM   1140 N N   . LEU A 1 158 ? -11.710 10.949  1.771   1.00 16.23 ? 175 LEU A N   1 
ATOM   1141 C CA  . LEU A 1 158 ? -11.026 10.667  3.028   1.00 15.63 ? 175 LEU A CA  1 
ATOM   1142 C C   . LEU A 1 158 ? -9.582  11.162  2.989   1.00 16.53 ? 175 LEU A C   1 
ATOM   1143 O O   . LEU A 1 158 ? -9.074  11.702  3.972   1.00 16.20 ? 175 LEU A O   1 
ATOM   1144 C CB  . LEU A 1 158 ? -11.056 9.167   3.304   1.00 16.40 ? 175 LEU A CB  1 
ATOM   1145 C CG  . LEU A 1 158 ? -12.446 8.587   3.570   1.00 18.18 ? 175 LEU A CG  1 
ATOM   1146 C CD1 . LEU A 1 158 ? -12.340 7.074   3.719   1.00 19.43 ? 175 LEU A CD1 1 
ATOM   1147 C CD2 . LEU A 1 158 ? -13.029 9.214   4.832   1.00 18.75 ? 175 LEU A CD2 1 
ATOM   1148 N N   A TRP A 1 159 ? -8.921  10.961  1.855   0.70 14.92 ? 176 TRP A N   1 
ATOM   1149 N N   B TRP A 1 159 ? -8.929  10.965  1.850   0.30 15.20 ? 176 TRP A N   1 
ATOM   1150 C CA  A TRP A 1 159 ? -7.541  11.401  1.687   0.70 16.77 ? 176 TRP A CA  1 
ATOM   1151 C CA  B TRP A 1 159 ? -7.550  11.395  1.673   0.30 15.64 ? 176 TRP A CA  1 
ATOM   1152 C C   A TRP A 1 159 ? -7.452  12.911  1.872   0.70 17.33 ? 176 TRP A C   1 
ATOM   1153 C C   B TRP A 1 159 ? -7.458  12.903  1.877   0.30 16.29 ? 176 TRP A C   1 
ATOM   1154 O O   A TRP A 1 159 ? -6.546  13.415  2.539   0.70 16.69 ? 176 TRP A O   1 
ATOM   1155 O O   B TRP A 1 159 ? -6.559  13.397  2.558   0.30 15.93 ? 176 TRP A O   1 
ATOM   1156 C CB  A TRP A 1 159 ? -7.031  11.017  0.295   0.70 15.76 ? 176 TRP A CB  1 
ATOM   1157 C CB  B TRP A 1 159 ? -7.065  11.047  0.266   0.30 14.02 ? 176 TRP A CB  1 
ATOM   1158 C CG  A TRP A 1 159 ? -5.685  11.595  -0.028  0.70 18.86 ? 176 TRP A CG  1 
ATOM   1159 C CG  B TRP A 1 159 ? -5.625  11.378  0.041   0.30 14.21 ? 176 TRP A CG  1 
ATOM   1160 C CD1 A TRP A 1 159 ? -5.427  12.817  -0.586  0.70 17.61 ? 176 TRP A CD1 1 
ATOM   1161 C CD1 B TRP A 1 159 ? -4.543  10.649  0.440   0.30 13.05 ? 176 TRP A CD1 1 
ATOM   1162 C CD2 A TRP A 1 159 ? -4.411  10.997  0.233   0.70 18.85 ? 176 TRP A CD2 1 
ATOM   1163 C CD2 B TRP A 1 159 ? -5.105  12.544  -0.609  0.30 13.58 ? 176 TRP A CD2 1 
ATOM   1164 N NE1 A TRP A 1 159 ? -4.069  13.015  -0.685  0.70 20.13 ? 176 TRP A NE1 1 
ATOM   1165 N NE1 B TRP A 1 159 ? -3.381  11.286  0.078   0.30 13.03 ? 176 TRP A NE1 1 
ATOM   1166 C CE2 A TRP A 1 159 ? -3.423  11.913  -0.188  0.70 19.68 ? 176 TRP A CE2 1 
ATOM   1167 C CE2 B TRP A 1 159 ? -3.696  12.453  -0.567  0.30 13.55 ? 176 TRP A CE2 1 
ATOM   1168 C CE3 A TRP A 1 159 ? -4.008  9.775   0.787   0.70 20.73 ? 176 TRP A CE3 1 
ATOM   1169 C CE3 B TRP A 1 159 ? -5.694  13.658  -1.223  0.30 14.21 ? 176 TRP A CE3 1 
ATOM   1170 C CZ2 A TRP A 1 159 ? -2.054  11.646  -0.073  0.70 21.13 ? 176 TRP A CZ2 1 
ATOM   1171 C CZ2 B TRP A 1 159 ? -2.863  13.435  -1.116  0.30 13.31 ? 176 TRP A CZ2 1 
ATOM   1172 C CZ3 A TRP A 1 159 ? -2.644  9.509   0.902   0.70 21.96 ? 176 TRP A CZ3 1 
ATOM   1173 C CZ3 B TRP A 1 159 ? -4.864  14.637  -1.769  0.30 13.41 ? 176 TRP A CZ3 1 
ATOM   1174 C CH2 A TRP A 1 159 ? -1.686  10.443  0.474   0.70 21.82 ? 176 TRP A CH2 1 
ATOM   1175 C CH2 B TRP A 1 159 ? -3.465  14.515  -1.711  0.30 13.93 ? 176 TRP A CH2 1 
ATOM   1176 N N   . GLU A 1 160 ? -8.397  13.630  1.277   1.00 15.67 ? 177 GLU A N   1 
ATOM   1177 C CA  . GLU A 1 160 ? -8.417  15.081  1.391   1.00 18.76 ? 177 GLU A CA  1 
ATOM   1178 C C   . GLU A 1 160 ? -8.641  15.518  2.830   1.00 18.06 ? 177 GLU A C   1 
ATOM   1179 O O   . GLU A 1 160 ? -8.001  16.453  3.299   1.00 19.09 ? 177 GLU A O   1 
ATOM   1180 C CB  . GLU A 1 160 ? -9.496  15.672  0.487   1.00 18.65 ? 177 GLU A CB  1 
ATOM   1181 C CG  . GLU A 1 160 ? -9.254  15.359  -0.974  1.00 23.31 ? 177 GLU A CG  1 
ATOM   1182 C CD  . GLU A 1 160 ? -10.211 16.084  -1.893  1.00 27.64 ? 177 GLU A CD  1 
ATOM   1183 O OE1 . GLU A 1 160 ? -11.360 16.334  -1.469  1.00 27.69 ? 177 GLU A OE1 1 
ATOM   1184 O OE2 . GLU A 1 160 ? -9.811  16.387  -3.040  1.00 29.07 ? 177 GLU A OE2 1 
ATOM   1185 N N   . LYS A 1 161 ? -9.538  14.842  3.541   1.00 17.61 ? 178 LYS A N   1 
ATOM   1186 C CA  . LYS A 1 161 ? -9.794  15.210  4.928   1.00 18.79 ? 178 LYS A CA  1 
ATOM   1187 C C   . LYS A 1 161 ? -8.530  15.085  5.773   1.00 20.06 ? 178 LYS A C   1 
ATOM   1188 O O   . LYS A 1 161 ? -8.115  16.040  6.433   1.00 21.06 ? 178 LYS A O   1 
ATOM   1189 C CB  . LYS A 1 161 ? -10.891 14.334  5.535   1.00 20.31 ? 178 LYS A CB  1 
ATOM   1190 C CG  . LYS A 1 161 ? -11.038 14.505  7.050   1.00 21.13 ? 178 LYS A CG  1 
ATOM   1191 C CD  . LYS A 1 161 ? -12.051 13.529  7.626   1.00 22.20 ? 178 LYS A CD  1 
ATOM   1192 C CE  . LYS A 1 161 ? -12.017 13.524  9.155   1.00 23.47 ? 178 LYS A CE  1 
ATOM   1193 N NZ  . LYS A 1 161 ? -12.376 14.842  9.744   1.00 23.85 ? 178 LYS A NZ  1 
ATOM   1194 N N   . TYR A 1 162 ? -7.914  13.908  5.755   1.00 20.17 ? 179 TYR A N   1 
ATOM   1195 C CA  . TYR A 1 162 ? -6.710  13.689  6.543   1.00 20.07 ? 179 TYR A CA  1 
ATOM   1196 C C   . TYR A 1 162 ? -5.481  14.441  6.031   1.00 21.63 ? 179 TYR A C   1 
ATOM   1197 O O   . TYR A 1 162 ? -4.498  14.600  6.757   1.00 21.83 ? 179 TYR A O   1 
ATOM   1198 C CB  . TYR A 1 162 ? -6.439  12.185  6.676   1.00 21.10 ? 179 TYR A CB  1 
ATOM   1199 C CG  . TYR A 1 162 ? -7.530  11.501  7.472   1.00 19.78 ? 179 TYR A CG  1 
ATOM   1200 C CD1 . TYR A 1 162 ? -8.470  10.680  6.851   1.00 21.76 ? 179 TYR A CD1 1 
ATOM   1201 C CD2 . TYR A 1 162 ? -7.680  11.761  8.833   1.00 19.87 ? 179 TYR A CD2 1 
ATOM   1202 C CE1 . TYR A 1 162 ? -9.537  10.144  7.566   1.00 22.34 ? 179 TYR A CE1 1 
ATOM   1203 C CE2 . TYR A 1 162 ? -8.737  11.236  9.556   1.00 21.93 ? 179 TYR A CE2 1 
ATOM   1204 C CZ  . TYR A 1 162 ? -9.664  10.431  8.919   1.00 23.99 ? 179 TYR A CZ  1 
ATOM   1205 O OH  . TYR A 1 162 ? -10.728 9.942   9.633   1.00 27.80 ? 179 TYR A OH  1 
ATOM   1206 N N   . SER A 1 163 ? -5.530  14.914  4.789   1.00 21.06 ? 180 SER A N   1 
ATOM   1207 C CA  . SER A 1 163 ? -4.418  15.696  4.253   1.00 24.14 ? 180 SER A CA  1 
ATOM   1208 C C   . SER A 1 163 ? -4.497  17.106  4.840   1.00 26.60 ? 180 SER A C   1 
ATOM   1209 O O   . SER A 1 163 ? -3.477  17.701  5.179   1.00 26.38 ? 180 SER A O   1 
ATOM   1210 C CB  . SER A 1 163 ? -4.484  15.779  2.725   1.00 22.49 ? 180 SER A CB  1 
ATOM   1211 O OG  . SER A 1 163 ? -4.097  14.553  2.129   1.00 23.00 ? 180 SER A OG  1 
ATOM   1212 N N   . LYS A 1 164 ? -5.716  17.631  4.955   1.00 29.16 ? 181 LYS A N   1 
ATOM   1213 C CA  . LYS A 1 164 ? -5.935  18.973  5.501   1.00 33.56 ? 181 LYS A CA  1 
ATOM   1214 C C   . LYS A 1 164 ? -5.603  19.030  6.984   1.00 36.24 ? 181 LYS A C   1 
ATOM   1215 O O   . LYS A 1 164 ? -5.074  20.029  7.473   1.00 36.21 ? 181 LYS A O   1 
ATOM   1216 C CB  . LYS A 1 164 ? -7.394  19.407  5.323   1.00 33.93 ? 181 LYS A CB  1 
ATOM   1217 C CG  . LYS A 1 164 ? -7.848  19.617  3.894   1.00 35.78 ? 181 LYS A CG  1 
ATOM   1218 C CD  . LYS A 1 164 ? -9.335  19.937  3.885   1.00 39.42 ? 181 LYS A CD  1 
ATOM   1219 C CE  . LYS A 1 164 ? -9.897  20.006  2.483   1.00 40.91 ? 181 LYS A CE  1 
ATOM   1220 N NZ  . LYS A 1 164 ? -11.384 20.114  2.512   1.00 42.63 ? 181 LYS A NZ  1 
ATOM   1221 N N   . GLU A 1 165 ? -5.928  17.961  7.705   1.00 38.64 ? 182 GLU A N   1 
ATOM   1222 C CA  . GLU A 1 165 ? -5.658  17.911  9.135   1.00 42.41 ? 182 GLU A CA  1 
ATOM   1223 C C   . GLU A 1 165 ? -4.169  17.781  9.413   1.00 44.94 ? 182 GLU A C   1 
ATOM   1224 O O   . GLU A 1 165 ? -3.642  18.418  10.326  1.00 46.81 ? 182 GLU A O   1 
ATOM   1225 C CB  . GLU A 1 165 ? -6.419  16.749  9.769   1.00 41.52 ? 182 GLU A CB  1 
ATOM   1226 C CG  . GLU A 1 165 ? -7.924  16.904  9.670   1.00 44.30 ? 182 GLU A CG  1 
ATOM   1227 C CD  . GLU A 1 165 ? -8.679  15.767  10.326  1.00 46.60 ? 182 GLU A CD  1 
ATOM   1228 O OE1 . GLU A 1 165 ? -9.928  15.827  10.348  1.00 47.70 ? 182 GLU A OE1 1 
ATOM   1229 O OE2 . GLU A 1 165 ? -8.027  14.817  10.816  1.00 46.55 ? 182 GLU A OE2 1 
ATOM   1230 N N   . ALA A 1 166 ? -3.493  16.959  8.618   1.00 47.02 ? 183 ALA A N   1 
ATOM   1231 C CA  . ALA A 1 166 ? -2.060  16.747  8.776   1.00 49.40 ? 183 ALA A CA  1 
ATOM   1232 C C   . ALA A 1 166 ? -1.302  18.041  8.504   1.00 51.94 ? 183 ALA A C   1 
ATOM   1233 O O   . ALA A 1 166 ? -0.294  18.330  9.150   1.00 52.89 ? 183 ALA A O   1 
ATOM   1234 C CB  . ALA A 1 166 ? -1.590  15.655  7.823   1.00 49.56 ? 183 ALA A CB  1 
ATOM   1235 N N   . ALA A 1 167 ? -1.794  18.814  7.542   1.00 53.86 ? 184 ALA A N   1 
ATOM   1236 C CA  . ALA A 1 167 ? -1.174  20.080  7.167   1.00 55.34 ? 184 ALA A CA  1 
ATOM   1237 C C   . ALA A 1 167 ? -0.957  20.988  8.376   1.00 56.28 ? 184 ALA A C   1 
ATOM   1238 O O   . ALA A 1 167 ? 0.209   21.372  8.616   1.00 57.62 ? 184 ALA A O   1 
ATOM   1239 C CB  . ALA A 1 167 ? -2.035  20.789  6.126   1.00 54.72 ? 184 ALA A CB  1 
HETATM 1240 O O   . HOH B 2 .   ? 1.672   -2.957  -8.211  1.00 22.78 ? 201 HOH A O   1 
HETATM 1241 O O   . HOH B 2 .   ? -0.957  -3.432  -8.125  1.00 19.93 ? 202 HOH A O   1 
HETATM 1242 O O   . HOH B 2 .   ? 6.380   -11.405 6.282   1.00 27.60 ? 203 HOH A O   1 
HETATM 1243 O O   . HOH B 2 .   ? -3.344  -6.327  -17.141 1.00 25.52 ? 204 HOH A O   1 
HETATM 1244 O O   . HOH B 2 .   ? -9.749  -3.281  -14.087 1.00 26.40 ? 205 HOH A O   1 
HETATM 1245 O O   . HOH B 2 .   ? -11.605 -2.748  -12.207 1.00 21.00 ? 206 HOH A O   1 
HETATM 1246 O O   . HOH B 2 .   ? -13.044 0.200   5.233   1.00 20.89 ? 207 HOH A O   1 
HETATM 1247 O O   . HOH B 2 .   ? -3.677  12.755  8.761   1.00 28.13 ? 208 HOH A O   1 
HETATM 1248 O O   . HOH B 2 .   ? -1.201  14.842  1.817   1.00 32.14 ? 209 HOH A O   1 
HETATM 1249 O O   . HOH B 2 .   ? -12.361 -2.702  -6.503  1.00 27.30 ? 210 HOH A O   1 
HETATM 1250 O O   . HOH B 2 .   ? -7.182  0.891   -12.360 1.00 33.09 ? 211 HOH A O   1 
HETATM 1251 O O   . HOH B 2 .   ? -7.890  -1.984  -12.301 1.00 31.72 ? 212 HOH A O   1 
HETATM 1252 O O   . HOH B 2 .   ? -5.816  -2.151  -4.215  1.00 15.58 ? 213 HOH A O   1 
HETATM 1253 O O   . HOH B 2 .   ? 17.286  -4.052  -5.891  1.00 43.86 ? 214 HOH A O   1 
HETATM 1254 O O   . HOH B 2 .   ? -5.205  -11.529 -7.340  1.00 35.10 ? 215 HOH A O   1 
HETATM 1255 O O   . HOH B 2 .   ? -6.645  -10.075 -9.086  1.00 33.77 ? 216 HOH A O   1 
HETATM 1256 O O   . HOH B 2 .   ? 6.234   -11.040 -0.986  1.00 17.42 ? 218 HOH A O   1 
HETATM 1257 O O   . HOH B 2 .   ? 10.606  -9.231  5.075   1.00 18.77 ? 219 HOH A O   1 
HETATM 1258 O O   . HOH B 2 .   ? 14.152  -13.194 -0.058  1.00 29.84 ? 220 HOH A O   1 
HETATM 1259 O O   . HOH B 2 .   ? 12.535  -10.940 4.493   1.00 30.98 ? 221 HOH A O   1 
HETATM 1260 O O   . HOH B 2 .   ? 12.055  0.270   -0.630  1.00 26.08 ? 222 HOH A O   1 
HETATM 1261 O O   . HOH B 2 .   ? 6.233   -3.075  -3.232  1.00 29.41 ? 223 HOH A O   1 
HETATM 1262 O O   . HOH B 2 .   ? 4.437   7.351   -3.699  1.00 20.76 ? 224 HOH A O   1 
HETATM 1263 O O   . HOH B 2 .   ? 4.103   10.571  -4.401  1.00 33.91 ? 225 HOH A O   1 
HETATM 1264 O O   . HOH B 2 .   ? 10.125  0.873   -3.827  1.00 39.96 ? 226 HOH A O   1 
HETATM 1265 O O   . HOH B 2 .   ? 11.285  1.318   -11.880 1.00 19.99 ? 227 HOH A O   1 
HETATM 1266 O O   . HOH B 2 .   ? 11.738  1.716   10.336  1.00 34.08 ? 228 HOH A O   1 
HETATM 1267 O O   . HOH B 2 .   ? 6.829   -2.128  14.320  1.00 25.84 ? 229 HOH A O   1 
HETATM 1268 O O   . HOH B 2 .   ? 7.841   -7.150  15.189  1.00 44.52 ? 230 HOH A O   1 
HETATM 1269 O O   . HOH B 2 .   ? 20.781  -2.897  0.397   1.00 38.98 ? 231 HOH A O   1 
HETATM 1270 O O   . HOH B 2 .   ? -6.461  4.382   18.264  1.00 41.72 ? 232 HOH A O   1 
HETATM 1271 O O   . HOH B 2 .   ? 8.059   -9.892  -13.126 1.00 37.14 ? 233 HOH A O   1 
HETATM 1272 O O   . HOH B 2 .   ? -13.039 15.603  2.134   1.00 34.87 ? 234 HOH A O   1 
HETATM 1273 O O   . HOH B 2 .   ? -2.397  15.588  -4.509  1.00 33.42 ? 235 HOH A O   1 
HETATM 1274 O O   . HOH B 2 .   ? -1.501  -13.802 5.206   1.00 34.29 ? 236 HOH A O   1 
HETATM 1275 O O   . HOH B 2 .   ? -8.657  -8.737  -3.381  1.00 36.57 ? 237 HOH A O   1 
HETATM 1276 O O   . HOH B 2 .   ? -1.634  -4.192  -17.755 1.00 31.77 ? 238 HOH A O   1 
HETATM 1277 O O   . HOH B 2 .   ? 1.625   8.351   7.783   1.00 35.97 ? 239 HOH A O   1 
HETATM 1278 O O   . HOH B 2 .   ? -18.792 9.579   -2.383  1.00 43.37 ? 240 HOH A O   1 
HETATM 1279 O O   . HOH B 2 .   ? -6.138  -13.140 -4.233  1.00 39.35 ? 242 HOH A O   1 
HETATM 1280 O O   . HOH B 2 .   ? 1.599   3.672   -16.213 1.00 46.04 ? 243 HOH A O   1 
HETATM 1281 O O   . HOH B 2 .   ? -8.297  9.893   -10.928 1.00 31.64 ? 245 HOH A O   1 
HETATM 1282 O O   . HOH B 2 .   ? -8.964  -9.113  -0.750  1.00 34.70 ? 246 HOH A O   1 
HETATM 1283 O O   . HOH B 2 .   ? 2.575   3.689   11.666  1.00 49.11 ? 247 HOH A O   1 
HETATM 1284 O O   . HOH B 2 .   ? -16.021 8.964   1.294   1.00 37.29 ? 248 HOH A O   1 
HETATM 1285 O O   . HOH B 2 .   ? 7.182   -15.696 -0.795  1.00 30.64 ? 249 HOH A O   1 
HETATM 1286 O O   . HOH B 2 .   ? 13.316  0.670   -15.032 1.00 32.47 ? 250 HOH A O   1 
HETATM 1287 O O   . HOH B 2 .   ? 18.124  -2.569  8.855   1.00 37.31 ? 251 HOH A O   1 
HETATM 1288 O O   . HOH B 2 .   ? -5.087  1.293   -14.046 1.00 37.57 ? 252 HOH A O   1 
HETATM 1289 O O   . HOH B 2 .   ? -16.713 2.844   -5.549  1.00 31.79 ? 253 HOH A O   1 
HETATM 1290 O O   . HOH B 2 .   ? -8.751  -5.657  8.089   1.00 20.22 ? 254 HOH A O   1 
HETATM 1291 O O   . HOH B 2 .   ? -3.202  -2.507  15.879  1.00 40.45 ? 255 HOH A O   1 
HETATM 1292 O O   . HOH B 2 .   ? 1.835   -7.547  14.928  1.00 38.17 ? 256 HOH A O   1 
HETATM 1293 O O   . HOH B 2 .   ? 10.095  -15.063 2.780   1.00 38.26 ? 257 HOH A O   1 
HETATM 1294 O O   . HOH B 2 .   ? 6.402   9.883   -7.235  1.00 48.96 ? 258 HOH A O   1 
HETATM 1295 O O   . HOH B 2 .   ? 7.189   -8.536  11.103  1.00 30.55 ? 259 HOH A O   1 
HETATM 1296 O O   A HOH B 2 .   ? 1.007   13.604  0.617   0.50 27.00 ? 260 HOH A O   1 
HETATM 1297 O O   B HOH B 2 .   ? -0.291  11.245  0.602   0.50 16.01 ? 260 HOH A O   1 
HETATM 1298 O O   . HOH B 2 .   ? -15.529 -2.395  -8.857  1.00 36.71 ? 261 HOH A O   1 
HETATM 1299 O O   . HOH B 2 .   ? 10.994  3.477   -4.279  1.00 42.93 ? 262 HOH A O   1 
HETATM 1300 O O   . HOH B 2 .   ? -1.293  -1.136  -17.785 1.00 49.19 ? 263 HOH A O   1 
HETATM 1301 O O   . HOH B 2 .   ? 8.617   6.774   -6.870  1.00 40.46 ? 264 HOH A O   1 
HETATM 1302 O O   . HOH B 2 .   ? -5.383  11.030  13.545  1.00 37.60 ? 265 HOH A O   1 
HETATM 1303 O O   . HOH B 2 .   ? 5.929   -0.161  -19.308 1.00 48.57 ? 274 HOH A O   1 
# 
